data_7DR4
#
_entry.id   7DR4
#
_cell.length_a   79.334
_cell.length_b   72.261
_cell.length_c   210.930
_cell.angle_alpha   90.000
_cell.angle_beta   92.711
_cell.angle_gamma   90.000
#
_symmetry.space_group_name_H-M   'P 1 21 1'
#
loop_
_entity.id
_entity.type
_entity.pdbx_description
1 polymer 'anti-human IL-2 antibody, mouse Ig G, heavy chain'
2 polymer 'anti-human IL-2 antibody, mouse Ig G, kappa chain'
3 polymer Interleukin-2
4 water water
#
loop_
_entity_poly.entity_id
_entity_poly.type
_entity_poly.pdbx_seq_one_letter_code
_entity_poly.pdbx_strand_id
1 'polypeptide(L)'
;EVQLQQSGAELARPGASVKLSCKASGYTFTTYWIQWVKQRPGQGLEWIGAIYPGDGDTRYIQNFKGKATLTADKSSSTAY
MQLSSLASEDSAVYYCARSLATRGFYAMDYWGQGTSVTVSSAKTTAPSVYPLAPVCGDTTGSSVTLGCLVKGYFPEPVTL
TWNSGSLSSGVHTFPAVLQSDLYTLSSSVTVTSSTWPSQSITCNVAHPASSTKVDKKIEPRGPT
;
H,A,C,E
2 'polypeptide(L)'
;DIVMTQSPASLSMAIGEKVTIRCITSTDIDDDMNWYQQKPGEPPKLLISEGNTLRPGVPSRFSSSGYGTDFVFTIENMLS
EDVADYYCLQSDNLPYTFGGGTKLEIKRADAAPTVSIFPPSSEQLTSGGASVVCFLNNFYPKDINVKWKIDGSERQNGVL
NSWTDQDSKDSTYSMSSTLTLTKDEYERHNSYTCEATHKTSTSPIVKSFNRNEC
;
L,B,D,F
3 'polypeptide(L)'
;APTSSSTKKTQLQLEHLLLDLQMILNGINNYKNPKLTRMLTFKFYMPKKATELKHLQCLEEELKPLEEVLNLAQSKNFHL
RPRDLISNINVIVLELKGSETTFMCEYADETATIVEFLNRWITFCQSIISTLT
;
G,I,J,K
#
# COMPACT_ATOMS: atom_id res chain seq x y z
N GLU A 1 7.33 -7.79 4.87
CA GLU A 1 8.49 -7.79 5.74
C GLU A 1 8.66 -9.13 6.44
N VAL A 2 7.94 -9.35 7.54
CA VAL A 2 7.82 -10.72 8.05
C VAL A 2 6.94 -11.51 7.11
N GLN A 3 7.43 -12.64 6.64
CA GLN A 3 6.73 -13.36 5.60
C GLN A 3 6.84 -14.85 5.85
N LEU A 4 5.79 -15.57 5.43
CA LEU A 4 5.69 -17.02 5.60
C LEU A 4 5.13 -17.60 4.32
N GLN A 5 5.97 -18.32 3.56
CA GLN A 5 5.61 -18.86 2.26
C GLN A 5 5.41 -20.36 2.38
N GLN A 6 4.22 -20.83 2.03
CA GLN A 6 3.90 -22.23 2.12
C GLN A 6 4.07 -22.93 0.78
N SER A 7 4.30 -24.23 0.86
CA SER A 7 4.46 -25.04 -0.34
C SER A 7 3.12 -25.20 -1.06
N GLY A 8 3.16 -25.85 -2.23
CA GLY A 8 2.03 -25.87 -3.14
C GLY A 8 1.05 -26.99 -2.85
N ALA A 9 -0.04 -26.96 -3.61
CA ALA A 9 -1.13 -27.92 -3.43
C ALA A 9 -0.67 -29.34 -3.71
N GLU A 10 -1.21 -30.29 -2.94
CA GLU A 10 -0.79 -31.69 -3.00
C GLU A 10 -2.00 -32.60 -3.18
N LEU A 11 -1.82 -33.64 -4.00
CA LEU A 11 -2.80 -34.72 -4.15
C LEU A 11 -2.13 -36.03 -3.73
N ALA A 12 -2.83 -36.83 -2.93
CA ALA A 12 -2.22 -38.02 -2.34
C ALA A 12 -3.25 -39.13 -2.28
N ARG A 13 -2.77 -40.33 -2.37
CA ARG A 13 -3.72 -41.43 -2.31
C ARG A 13 -3.94 -41.86 -0.86
N PRO A 14 -5.13 -42.37 -0.54
CA PRO A 14 -5.41 -42.81 0.82
C PRO A 14 -4.34 -43.77 1.36
N GLY A 15 -3.72 -43.39 2.48
CA GLY A 15 -2.69 -44.19 3.12
C GLY A 15 -1.29 -43.65 2.93
N ALA A 16 -1.07 -42.83 1.91
CA ALA A 16 0.26 -42.27 1.69
C ALA A 16 0.57 -41.22 2.75
N SER A 17 1.75 -40.62 2.65
CA SER A 17 2.10 -39.50 3.51
C SER A 17 2.40 -38.28 2.62
N VAL A 18 2.37 -37.10 3.24
CA VAL A 18 2.70 -35.85 2.56
C VAL A 18 3.45 -34.99 3.55
N LYS A 19 4.36 -34.14 3.05
CA LYS A 19 5.15 -33.26 3.90
C LYS A 19 5.05 -31.83 3.39
N LEU A 20 4.30 -30.99 4.10
CA LEU A 20 4.14 -29.59 3.76
C LEU A 20 5.26 -28.77 4.38
N SER A 21 5.55 -27.63 3.77
CA SER A 21 6.64 -26.77 4.23
C SER A 21 6.17 -25.33 4.36
N CYS A 22 6.99 -24.54 5.06
CA CYS A 22 6.64 -23.17 5.43
C CYS A 22 7.96 -22.45 5.64
N LYS A 23 8.33 -21.55 4.73
CA LYS A 23 9.62 -20.87 4.79
C LYS A 23 9.41 -19.46 5.29
N ALA A 24 10.21 -19.07 6.28
CA ALA A 24 9.97 -17.88 7.07
C ALA A 24 11.09 -16.88 6.84
N SER A 25 10.72 -15.61 6.72
CA SER A 25 11.69 -14.54 6.57
C SER A 25 11.23 -13.33 7.36
N GLY A 26 12.17 -12.44 7.65
CA GLY A 26 11.85 -11.16 8.24
C GLY A 26 11.92 -11.09 9.74
N TYR A 27 12.36 -12.15 10.41
CA TYR A 27 12.45 -12.15 11.87
C TYR A 27 13.38 -13.29 12.30
N THR A 28 13.67 -13.33 13.60
CA THR A 28 14.55 -14.33 14.19
C THR A 28 13.83 -15.68 14.24
N PHE A 29 14.09 -16.53 13.25
CA PHE A 29 13.31 -17.76 13.11
C PHE A 29 13.32 -18.63 14.35
N THR A 30 14.27 -18.41 15.25
CA THR A 30 14.52 -19.35 16.34
C THR A 30 13.69 -19.08 17.60
N THR A 31 13.27 -17.84 17.83
CA THR A 31 12.66 -17.49 19.11
C THR A 31 11.14 -17.35 19.05
N TYR A 32 10.48 -17.85 18.01
CA TYR A 32 9.03 -17.74 17.90
C TYR A 32 8.42 -19.11 17.65
N TRP A 33 7.38 -19.44 18.41
CA TRP A 33 6.60 -20.63 18.12
C TRP A 33 5.86 -20.48 16.80
N ILE A 34 5.77 -21.56 16.05
CA ILE A 34 5.00 -21.59 14.79
C ILE A 34 3.88 -22.60 14.96
N GLN A 35 2.64 -22.13 14.75
CA GLN A 35 1.42 -22.90 14.90
C GLN A 35 0.95 -23.39 13.54
N TRP A 36 0.29 -24.55 13.55
CA TRP A 36 -0.28 -25.15 12.34
C TRP A 36 -1.79 -25.31 12.53
N VAL A 37 -2.56 -25.00 11.48
CA VAL A 37 -4.02 -24.90 11.60
C VAL A 37 -4.65 -25.54 10.36
N LYS A 38 -5.61 -26.43 10.60
CA LYS A 38 -6.32 -27.13 9.54
C LYS A 38 -7.66 -26.44 9.28
N GLN A 39 -8.05 -26.36 8.00
CA GLN A 39 -9.37 -25.84 7.64
C GLN A 39 -9.97 -26.72 6.56
N ARG A 40 -10.94 -27.55 6.94
CA ARG A 40 -11.64 -28.36 5.97
C ARG A 40 -12.45 -27.45 5.05
N PRO A 41 -12.74 -27.92 3.83
CA PRO A 41 -13.41 -27.05 2.86
C PRO A 41 -14.79 -26.61 3.33
N GLY A 42 -15.01 -25.29 3.30
CA GLY A 42 -16.24 -24.70 3.80
C GLY A 42 -16.45 -24.73 5.30
N GLN A 43 -15.45 -25.09 6.09
CA GLN A 43 -15.60 -25.31 7.54
C GLN A 43 -14.70 -24.36 8.34
N GLY A 44 -14.61 -24.63 9.67
CA GLY A 44 -13.92 -23.76 10.59
C GLY A 44 -12.44 -24.04 10.75
N LEU A 45 -11.76 -23.15 11.46
CA LEU A 45 -10.35 -23.32 11.78
C LEU A 45 -10.17 -24.31 12.93
N GLU A 46 -9.03 -25.01 12.90
CA GLU A 46 -8.81 -26.19 13.74
C GLU A 46 -7.34 -26.26 14.12
N TRP A 47 -7.01 -26.04 15.39
CA TRP A 47 -5.62 -26.03 15.82
C TRP A 47 -5.04 -27.45 15.83
N ILE A 48 -3.83 -27.60 15.31
CA ILE A 48 -3.16 -28.89 15.22
C ILE A 48 -2.05 -29.02 16.25
N GLY A 49 -1.09 -28.10 16.22
CA GLY A 49 0.13 -28.28 16.98
C GLY A 49 1.07 -27.14 16.64
N ALA A 50 2.23 -27.20 17.28
CA ALA A 50 3.16 -26.07 17.24
C ALA A 50 4.60 -26.58 17.41
N ILE A 51 5.54 -25.81 16.87
CA ILE A 51 6.96 -26.13 17.00
C ILE A 51 7.75 -24.88 17.35
N TYR A 52 8.70 -25.02 18.27
CA TYR A 52 9.66 -23.99 18.60
C TYR A 52 10.96 -24.30 17.87
N PRO A 53 11.27 -23.61 16.77
CA PRO A 53 12.37 -24.07 15.90
C PRO A 53 13.72 -24.05 16.59
N GLY A 54 13.92 -23.14 17.56
CA GLY A 54 15.19 -23.05 18.25
C GLY A 54 15.71 -24.38 18.79
N ASP A 55 14.80 -25.33 19.07
CA ASP A 55 15.22 -26.60 19.66
C ASP A 55 14.35 -27.78 19.24
N GLY A 56 13.35 -27.60 18.38
CA GLY A 56 12.56 -28.71 17.88
C GLY A 56 11.42 -29.17 18.77
N ASP A 57 11.28 -28.61 19.96
CA ASP A 57 10.17 -28.97 20.83
C ASP A 57 8.81 -28.72 20.16
N THR A 58 7.84 -29.57 20.49
CA THR A 58 6.57 -29.61 19.81
C THR A 58 5.42 -29.72 20.81
N ARG A 59 4.24 -29.26 20.38
CA ARG A 59 2.98 -29.48 21.08
C ARG A 59 1.97 -30.00 20.06
N TYR A 60 1.04 -30.83 20.52
CA TYR A 60 0.01 -31.37 19.67
C TYR A 60 -1.32 -31.43 20.39
N ILE A 61 -2.41 -31.12 19.68
CA ILE A 61 -3.70 -31.55 20.16
C ILE A 61 -3.74 -33.09 20.08
N GLN A 62 -4.46 -33.70 21.02
CA GLN A 62 -4.32 -35.13 21.27
C GLN A 62 -4.58 -35.97 20.02
N ASN A 63 -5.71 -35.75 19.35
CA ASN A 63 -6.08 -36.63 18.25
C ASN A 63 -5.33 -36.32 16.95
N PHE A 64 -4.33 -35.44 16.98
CA PHE A 64 -3.39 -35.32 15.88
C PHE A 64 -2.04 -35.93 16.24
N LYS A 65 -1.85 -36.33 17.48
CA LYS A 65 -0.64 -37.05 17.82
C LYS A 65 -0.56 -38.29 16.95
N GLY A 66 0.48 -38.37 16.12
CA GLY A 66 0.64 -39.52 15.24
C GLY A 66 0.22 -39.21 13.82
N LYS A 67 -0.87 -38.47 13.65
CA LYS A 67 -1.23 -38.01 12.31
C LYS A 67 -0.24 -36.97 11.80
N ALA A 68 0.07 -35.98 12.63
CA ALA A 68 0.96 -34.89 12.26
C ALA A 68 2.30 -35.04 12.94
N THR A 69 3.36 -34.67 12.22
CA THR A 69 4.72 -34.65 12.78
C THR A 69 5.39 -33.35 12.35
N LEU A 70 5.74 -32.52 13.34
CA LEU A 70 6.30 -31.21 13.09
C LEU A 70 7.82 -31.25 13.20
N THR A 71 8.50 -30.62 12.25
CA THR A 71 9.96 -30.54 12.26
C THR A 71 10.37 -29.15 11.79
N ALA A 72 11.67 -28.86 11.93
CA ALA A 72 12.18 -27.55 11.54
C ALA A 72 13.65 -27.64 11.16
N ASP A 73 14.03 -26.85 10.14
CA ASP A 73 15.41 -26.70 9.70
C ASP A 73 15.79 -25.25 9.98
N LYS A 74 16.67 -25.06 10.97
CA LYS A 74 17.01 -23.70 11.40
C LYS A 74 17.86 -22.98 10.38
N SER A 75 18.67 -23.73 9.61
CA SER A 75 19.54 -23.12 8.61
C SER A 75 18.72 -22.40 7.54
N SER A 76 17.71 -23.11 7.00
CA SER A 76 16.87 -22.58 5.93
C SER A 76 15.70 -21.76 6.44
N SER A 77 15.56 -21.58 7.75
CA SER A 77 14.37 -20.94 8.33
C SER A 77 13.09 -21.59 7.81
N THR A 78 13.01 -22.91 7.92
CA THR A 78 11.88 -23.62 7.33
C THR A 78 11.26 -24.57 8.35
N ALA A 79 9.93 -24.70 8.32
CA ALA A 79 9.20 -25.65 9.15
C ALA A 79 8.42 -26.61 8.27
N TYR A 80 8.29 -27.86 8.73
CA TYR A 80 7.62 -28.91 7.96
C TYR A 80 6.58 -29.61 8.81
N MET A 81 5.51 -30.03 8.15
CA MET A 81 4.47 -30.87 8.75
C MET A 81 4.27 -32.12 7.89
N GLN A 82 4.63 -33.27 8.45
CA GLN A 82 4.32 -34.56 7.86
C GLN A 82 2.95 -35.02 8.30
N LEU A 83 2.09 -35.34 7.35
CA LEU A 83 0.82 -36.01 7.59
C LEU A 83 0.94 -37.45 7.11
N SER A 84 0.49 -38.37 7.93
CA SER A 84 0.64 -39.80 7.71
C SER A 84 -0.72 -40.47 7.65
N SER A 85 -0.79 -41.62 6.97
CA SER A 85 -2.01 -42.43 6.87
C SER A 85 -3.21 -41.59 6.43
N LEU A 86 -3.09 -40.99 5.24
CA LEU A 86 -4.06 -39.98 4.83
C LEU A 86 -5.41 -40.60 4.54
N ALA A 87 -6.46 -40.03 5.11
CA ALA A 87 -7.83 -40.33 4.74
C ALA A 87 -8.46 -39.08 4.14
N SER A 88 -9.76 -39.17 3.82
CA SER A 88 -10.41 -38.06 3.14
C SER A 88 -10.57 -36.84 4.05
N GLU A 89 -10.82 -37.07 5.35
CA GLU A 89 -11.02 -35.98 6.31
C GLU A 89 -9.71 -35.26 6.61
N ASP A 90 -8.64 -35.69 5.95
CA ASP A 90 -7.42 -34.91 5.92
C ASP A 90 -7.36 -33.94 4.75
N SER A 91 -8.27 -34.06 3.77
CA SER A 91 -8.36 -33.07 2.70
C SER A 91 -8.80 -31.74 3.28
N ALA A 92 -7.95 -30.73 3.14
CA ALA A 92 -8.14 -29.49 3.86
C ALA A 92 -7.05 -28.52 3.44
N VAL A 93 -7.18 -27.27 3.86
CA VAL A 93 -6.11 -26.30 3.71
C VAL A 93 -5.37 -26.20 5.04
N TYR A 94 -4.05 -26.31 5.00
CA TYR A 94 -3.26 -26.21 6.21
C TYR A 94 -2.46 -24.94 6.14
N TYR A 95 -2.60 -24.13 7.19
CA TYR A 95 -1.81 -22.92 7.37
C TYR A 95 -0.72 -23.19 8.38
N CYS A 96 0.37 -22.43 8.25
CA CYS A 96 1.30 -22.15 9.34
C CYS A 96 1.15 -20.69 9.72
N ALA A 97 1.55 -20.36 10.95
CA ALA A 97 1.37 -18.99 11.40
C ALA A 97 2.24 -18.79 12.62
N ARG A 98 2.69 -17.56 12.81
CA ARG A 98 3.65 -17.27 13.87
C ARG A 98 2.94 -16.66 15.06
N SER A 99 3.26 -17.15 16.26
CA SER A 99 2.84 -16.44 17.46
C SER A 99 3.38 -15.02 17.44
N LEU A 100 2.65 -14.10 18.06
CA LEU A 100 2.97 -12.70 17.89
C LEU A 100 4.06 -12.21 18.82
N ALA A 101 4.68 -13.07 19.62
CA ALA A 101 5.76 -12.67 20.49
C ALA A 101 6.66 -13.88 20.71
N THR A 102 7.83 -13.64 21.30
CA THR A 102 8.90 -14.61 21.42
C THR A 102 8.69 -15.59 22.56
N ARG A 103 9.36 -16.74 22.45
CA ARG A 103 9.59 -17.65 23.57
C ARG A 103 8.31 -18.22 24.16
N GLY A 104 7.19 -18.24 23.47
CA GLY A 104 5.98 -18.58 24.20
C GLY A 104 4.75 -18.63 23.34
N PHE A 105 3.71 -19.33 23.79
CA PHE A 105 2.48 -19.43 23.00
C PHE A 105 1.70 -18.11 23.03
N TYR A 106 1.26 -17.68 21.85
CA TYR A 106 0.38 -16.53 21.69
C TYR A 106 -0.49 -16.78 20.47
N ALA A 107 -1.47 -15.88 20.26
CA ALA A 107 -2.23 -15.97 19.02
C ALA A 107 -1.34 -15.56 17.85
N MET A 108 -1.80 -15.87 16.64
CA MET A 108 -0.97 -15.75 15.45
C MET A 108 -1.32 -14.51 14.63
N ASP A 109 -0.31 -13.71 14.29
CA ASP A 109 -0.49 -12.52 13.46
C ASP A 109 -0.08 -12.76 12.01
N TYR A 110 1.12 -13.27 11.76
CA TYR A 110 1.63 -13.49 10.41
C TYR A 110 1.34 -14.92 9.96
N TRP A 111 0.66 -15.03 8.84
CA TRP A 111 0.14 -16.30 8.35
C TRP A 111 0.74 -16.64 7.00
N GLY A 112 0.92 -17.94 6.77
CA GLY A 112 1.14 -18.41 5.43
C GLY A 112 -0.13 -18.25 4.62
N GLN A 113 -0.03 -18.53 3.33
CA GLN A 113 -1.17 -18.35 2.44
C GLN A 113 -2.03 -19.59 2.35
N GLY A 114 -1.54 -20.73 2.81
CA GLY A 114 -2.26 -21.98 2.91
C GLY A 114 -1.80 -22.99 1.86
N THR A 115 -1.86 -24.26 2.24
CA THR A 115 -1.57 -25.37 1.32
C THR A 115 -2.76 -26.32 1.28
N SER A 116 -3.32 -26.55 0.11
CA SER A 116 -4.46 -27.43 -0.01
C SER A 116 -3.99 -28.85 -0.30
N VAL A 117 -4.49 -29.79 0.49
CA VAL A 117 -4.20 -31.20 0.35
C VAL A 117 -5.50 -31.89 0.00
N THR A 118 -5.49 -32.65 -1.09
CA THR A 118 -6.60 -33.50 -1.46
C THR A 118 -6.14 -34.95 -1.30
N VAL A 119 -7.02 -35.79 -0.77
CA VAL A 119 -6.70 -37.18 -0.49
C VAL A 119 -7.77 -38.01 -1.19
N SER A 120 -7.40 -38.62 -2.30
CA SER A 120 -8.37 -39.32 -3.13
C SER A 120 -7.69 -40.43 -3.93
N SER A 121 -8.47 -41.46 -4.25
CA SER A 121 -8.02 -42.47 -5.19
C SER A 121 -8.09 -41.99 -6.65
N ALA A 122 -9.02 -41.08 -6.95
CA ALA A 122 -9.30 -40.70 -8.33
C ALA A 122 -8.09 -40.01 -8.98
N LYS A 123 -7.95 -40.22 -10.28
CA LYS A 123 -6.76 -39.80 -11.04
C LYS A 123 -6.94 -38.40 -11.58
N THR A 124 -5.83 -37.66 -11.63
CA THR A 124 -5.80 -36.39 -12.35
C THR A 124 -6.39 -36.54 -13.74
N THR A 125 -7.26 -35.61 -14.13
CA THR A 125 -7.89 -35.63 -15.44
C THR A 125 -8.16 -34.19 -15.86
N ALA A 126 -7.72 -33.84 -17.07
CA ALA A 126 -7.88 -32.49 -17.58
C ALA A 126 -9.35 -32.14 -17.73
N PRO A 127 -9.68 -30.85 -17.84
CA PRO A 127 -11.09 -30.45 -17.96
C PRO A 127 -11.56 -30.27 -19.40
N SER A 128 -12.82 -30.63 -19.64
CA SER A 128 -13.49 -30.28 -20.91
C SER A 128 -14.16 -28.92 -20.75
N VAL A 129 -13.96 -28.04 -21.72
CA VAL A 129 -14.44 -26.66 -21.64
C VAL A 129 -15.42 -26.41 -22.79
N TYR A 130 -16.66 -26.08 -22.46
CA TYR A 130 -17.74 -25.87 -23.42
C TYR A 130 -18.20 -24.41 -23.38
N PRO A 131 -18.52 -23.81 -24.53
CA PRO A 131 -19.06 -22.46 -24.55
C PRO A 131 -20.58 -22.45 -24.48
N LEU A 132 -21.11 -21.37 -23.90
CA LEU A 132 -22.54 -21.20 -23.67
C LEU A 132 -22.96 -19.86 -24.26
N ALA A 133 -23.63 -19.91 -25.40
CA ALA A 133 -24.23 -18.76 -26.04
C ALA A 133 -25.72 -18.96 -26.12
N PRO A 134 -26.52 -17.89 -26.11
CA PRO A 134 -27.97 -18.04 -26.27
C PRO A 134 -28.33 -18.74 -27.58
N VAL A 135 -29.55 -19.32 -27.62
CA VAL A 135 -29.97 -20.15 -28.76
C VAL A 135 -30.32 -19.27 -29.98
N CYS A 136 -30.68 -19.91 -31.10
CA CYS A 136 -30.86 -19.18 -32.36
C CYS A 136 -31.92 -18.09 -32.24
N GLY A 137 -33.05 -18.40 -31.61
CA GLY A 137 -34.09 -17.41 -31.44
C GLY A 137 -33.89 -16.59 -30.18
N ASP A 138 -32.72 -15.99 -30.02
CA ASP A 138 -32.35 -15.31 -28.78
C ASP A 138 -33.00 -13.94 -28.69
N THR A 139 -33.79 -13.74 -27.64
CA THR A 139 -34.38 -12.44 -27.35
C THR A 139 -33.31 -11.54 -26.72
N THR A 140 -33.26 -10.28 -27.16
CA THR A 140 -32.18 -9.38 -26.75
C THR A 140 -32.60 -8.55 -25.54
N GLY A 141 -31.87 -8.73 -24.42
CA GLY A 141 -31.91 -7.80 -23.32
C GLY A 141 -30.94 -6.67 -23.54
N SER A 142 -30.91 -5.75 -22.57
CA SER A 142 -30.07 -4.56 -22.71
C SER A 142 -28.59 -4.92 -22.65
N SER A 143 -28.22 -5.77 -21.70
CA SER A 143 -26.94 -6.45 -21.70
C SER A 143 -27.14 -7.91 -22.10
N VAL A 144 -26.08 -8.54 -22.59
CA VAL A 144 -26.12 -9.94 -22.96
C VAL A 144 -25.19 -10.72 -22.01
N THR A 145 -25.52 -11.98 -21.81
CA THR A 145 -24.84 -12.79 -20.82
C THR A 145 -24.46 -14.12 -21.45
N LEU A 146 -23.20 -14.50 -21.27
CA LEU A 146 -22.61 -15.67 -21.91
C LEU A 146 -21.95 -16.51 -20.83
N GLY A 147 -21.54 -17.73 -21.19
CA GLY A 147 -21.00 -18.61 -20.19
C GLY A 147 -19.98 -19.61 -20.69
N CYS A 148 -19.37 -20.26 -19.72
CA CYS A 148 -18.29 -21.22 -19.90
C CYS A 148 -18.61 -22.38 -18.96
N LEU A 149 -18.58 -23.61 -19.48
CA LEU A 149 -18.88 -24.80 -18.71
C LEU A 149 -17.63 -25.67 -18.62
N VAL A 150 -17.14 -25.91 -17.40
CA VAL A 150 -15.88 -26.59 -17.17
C VAL A 150 -16.22 -27.89 -16.46
N LYS A 151 -16.21 -29.00 -17.20
CA LYS A 151 -16.75 -30.28 -16.75
C LYS A 151 -15.66 -31.35 -16.71
N GLY A 152 -15.80 -32.28 -15.77
CA GLY A 152 -14.99 -33.49 -15.70
C GLY A 152 -13.53 -33.34 -15.35
N TYR A 153 -13.18 -32.43 -14.45
CA TYR A 153 -11.79 -32.30 -14.07
C TYR A 153 -11.61 -32.75 -12.62
N PHE A 154 -10.35 -33.04 -12.27
CA PHE A 154 -9.94 -33.47 -10.95
C PHE A 154 -8.43 -33.38 -10.88
N PRO A 155 -7.86 -32.86 -9.80
CA PRO A 155 -8.50 -32.26 -8.62
C PRO A 155 -8.83 -30.77 -8.76
N GLU A 156 -9.08 -30.12 -7.62
CA GLU A 156 -9.25 -28.68 -7.55
C GLU A 156 -7.89 -27.97 -7.50
N PRO A 157 -7.83 -26.70 -7.93
CA PRO A 157 -8.84 -25.81 -8.49
C PRO A 157 -8.61 -25.56 -9.97
N VAL A 158 -9.49 -24.79 -10.61
CA VAL A 158 -9.23 -24.26 -11.94
C VAL A 158 -9.32 -22.74 -11.89
N THR A 159 -8.43 -22.08 -12.62
CA THR A 159 -8.49 -20.65 -12.82
C THR A 159 -9.38 -20.34 -14.02
N LEU A 160 -10.25 -19.34 -13.85
CA LEU A 160 -11.19 -18.93 -14.89
C LEU A 160 -11.03 -17.45 -15.16
N THR A 161 -10.87 -17.07 -16.43
CA THR A 161 -10.78 -15.67 -16.78
C THR A 161 -11.49 -15.41 -18.10
N TRP A 162 -11.90 -14.17 -18.31
CA TRP A 162 -12.55 -13.76 -19.55
C TRP A 162 -11.68 -12.74 -20.27
N ASN A 163 -11.43 -12.99 -21.57
CA ASN A 163 -10.60 -12.11 -22.40
C ASN A 163 -9.24 -11.86 -21.74
N SER A 164 -8.59 -12.95 -21.33
CA SER A 164 -7.28 -12.90 -20.67
C SER A 164 -7.29 -11.97 -19.47
N GLY A 165 -8.38 -11.98 -18.70
CA GLY A 165 -8.51 -11.11 -17.55
C GLY A 165 -8.94 -9.71 -17.87
N SER A 166 -8.89 -9.30 -19.13
CA SER A 166 -9.38 -7.99 -19.56
C SER A 166 -10.82 -7.76 -19.11
N LEU A 167 -11.62 -8.83 -19.02
CA LEU A 167 -13.05 -8.74 -18.73
C LEU A 167 -13.27 -9.29 -17.32
N SER A 168 -13.48 -8.40 -16.36
CA SER A 168 -13.42 -8.81 -14.95
C SER A 168 -14.65 -8.35 -14.17
N SER A 169 -15.27 -7.26 -14.59
CA SER A 169 -16.52 -6.84 -13.98
C SER A 169 -17.67 -7.59 -14.64
N GLY A 170 -18.69 -7.89 -13.85
CA GLY A 170 -19.79 -8.68 -14.37
C GLY A 170 -19.43 -10.13 -14.66
N VAL A 171 -18.50 -10.70 -13.90
CA VAL A 171 -18.13 -12.10 -13.99
C VAL A 171 -18.56 -12.79 -12.71
N HIS A 172 -19.29 -13.87 -12.84
CA HIS A 172 -19.55 -14.76 -11.72
C HIS A 172 -18.94 -16.10 -12.08
N THR A 173 -18.09 -16.63 -11.20
CA THR A 173 -17.57 -17.98 -11.35
C THR A 173 -18.08 -18.79 -10.17
N PHE A 174 -18.90 -19.76 -10.46
CA PHE A 174 -19.55 -20.47 -9.37
C PHE A 174 -18.64 -21.57 -8.81
N PRO A 175 -18.80 -21.92 -7.54
CA PRO A 175 -17.93 -22.95 -6.94
C PRO A 175 -18.14 -24.33 -7.57
N ALA A 176 -17.04 -25.07 -7.65
CA ALA A 176 -17.08 -26.37 -8.30
C ALA A 176 -17.92 -27.36 -7.48
N VAL A 177 -18.62 -28.24 -8.18
CA VAL A 177 -19.47 -29.25 -7.57
C VAL A 177 -18.92 -30.60 -7.97
N LEU A 178 -18.75 -31.48 -6.99
CA LEU A 178 -18.13 -32.78 -7.18
C LEU A 178 -19.21 -33.83 -7.41
N GLN A 179 -19.06 -34.61 -8.48
CA GLN A 179 -19.99 -35.70 -8.79
C GLN A 179 -19.18 -36.86 -9.37
N SER A 180 -19.30 -38.03 -8.74
CA SER A 180 -18.57 -39.24 -9.11
C SER A 180 -17.08 -38.94 -9.37
N ASP A 181 -16.46 -38.26 -8.39
CA ASP A 181 -15.03 -37.91 -8.41
C ASP A 181 -14.61 -37.16 -9.67
N LEU A 182 -15.52 -36.39 -10.25
CA LEU A 182 -15.17 -35.37 -11.23
C LEU A 182 -15.80 -34.05 -10.81
N TYR A 183 -15.09 -32.95 -11.00
CA TYR A 183 -15.62 -31.63 -10.69
C TYR A 183 -16.29 -30.99 -11.89
N THR A 184 -17.27 -30.13 -11.61
CA THR A 184 -17.95 -29.33 -12.63
C THR A 184 -18.19 -27.94 -12.07
N LEU A 185 -17.69 -26.91 -12.76
CA LEU A 185 -18.21 -25.58 -12.49
C LEU A 185 -18.60 -24.88 -13.78
N SER A 186 -19.06 -23.65 -13.63
CA SER A 186 -19.43 -22.77 -14.73
C SER A 186 -19.13 -21.34 -14.34
N SER A 187 -18.94 -20.50 -15.35
CA SER A 187 -18.67 -19.09 -15.18
C SER A 187 -19.54 -18.32 -16.18
N SER A 188 -20.15 -17.24 -15.73
CA SER A 188 -20.88 -16.34 -16.60
C SER A 188 -20.20 -14.98 -16.65
N VAL A 189 -20.38 -14.31 -17.78
CA VAL A 189 -19.94 -12.94 -17.94
C VAL A 189 -21.05 -12.17 -18.64
N THR A 190 -21.26 -10.92 -18.20
CA THR A 190 -22.26 -10.05 -18.78
C THR A 190 -21.58 -8.86 -19.44
N VAL A 191 -21.82 -8.69 -20.75
CA VAL A 191 -21.26 -7.60 -21.53
C VAL A 191 -22.39 -6.85 -22.20
N THR A 192 -22.02 -5.79 -22.92
CA THR A 192 -23.01 -4.96 -23.57
C THR A 192 -23.45 -5.62 -24.87
N SER A 193 -24.77 -5.63 -25.10
CA SER A 193 -25.36 -6.22 -26.30
C SER A 193 -24.58 -5.86 -27.55
N SER A 194 -24.21 -4.58 -27.69
CA SER A 194 -23.55 -4.12 -28.91
C SER A 194 -22.23 -4.85 -29.14
N THR A 195 -21.46 -5.06 -28.08
CA THR A 195 -20.09 -5.55 -28.17
C THR A 195 -19.99 -7.06 -28.41
N TRP A 196 -21.07 -7.73 -28.85
CA TRP A 196 -20.97 -9.15 -29.16
C TRP A 196 -22.13 -9.59 -30.07
N PRO A 197 -21.85 -10.33 -31.16
CA PRO A 197 -20.55 -10.90 -31.54
C PRO A 197 -19.62 -10.02 -32.37
N SER A 198 -19.70 -8.69 -32.24
CA SER A 198 -18.82 -7.81 -33.02
C SER A 198 -17.41 -7.73 -32.44
N GLN A 199 -17.25 -7.97 -31.14
CA GLN A 199 -15.95 -8.06 -30.49
C GLN A 199 -15.88 -9.42 -29.80
N SER A 200 -14.76 -10.11 -29.99
CA SER A 200 -14.69 -11.51 -29.58
C SER A 200 -14.63 -11.65 -28.05
N ILE A 201 -15.33 -12.67 -27.54
CA ILE A 201 -15.37 -12.97 -26.12
C ILE A 201 -14.85 -14.38 -25.91
N THR A 202 -13.97 -14.55 -24.95
CA THR A 202 -13.28 -15.83 -24.77
C THR A 202 -13.08 -16.16 -23.31
N CYS A 203 -13.36 -17.41 -22.93
CA CYS A 203 -12.98 -17.85 -21.59
C CYS A 203 -11.67 -18.63 -21.67
N ASN A 204 -10.78 -18.33 -20.73
CA ASN A 204 -9.53 -19.04 -20.55
C ASN A 204 -9.63 -19.84 -19.27
N VAL A 205 -9.25 -21.11 -19.36
CA VAL A 205 -9.42 -22.06 -18.27
C VAL A 205 -8.09 -22.74 -18.02
N ALA A 206 -7.61 -22.66 -16.78
CA ALA A 206 -6.31 -23.21 -16.38
C ALA A 206 -6.52 -24.29 -15.33
N HIS A 207 -6.01 -25.48 -15.60
CA HIS A 207 -6.01 -26.59 -14.64
C HIS A 207 -4.55 -26.89 -14.32
N PRO A 208 -3.98 -26.26 -13.28
CA PRO A 208 -2.57 -26.49 -12.94
C PRO A 208 -2.19 -27.96 -12.80
N ALA A 209 -3.08 -28.77 -12.23
CA ALA A 209 -2.76 -30.17 -11.95
C ALA A 209 -2.38 -30.92 -13.23
N SER A 210 -3.30 -30.98 -14.20
CA SER A 210 -3.00 -31.57 -15.49
C SER A 210 -2.20 -30.63 -16.40
N SER A 211 -1.78 -29.48 -15.88
CA SER A 211 -0.96 -28.50 -16.60
C SER A 211 -1.53 -28.20 -17.99
N THR A 212 -2.85 -27.97 -18.06
CA THR A 212 -3.52 -27.64 -19.31
C THR A 212 -4.09 -26.22 -19.23
N LYS A 213 -4.29 -25.60 -20.40
CA LYS A 213 -4.63 -24.18 -20.49
C LYS A 213 -5.35 -23.92 -21.80
N VAL A 214 -6.68 -23.89 -21.76
CA VAL A 214 -7.50 -23.79 -22.95
C VAL A 214 -8.09 -22.39 -23.09
N ASP A 215 -8.48 -22.05 -24.32
CA ASP A 215 -9.22 -20.84 -24.64
C ASP A 215 -10.42 -21.24 -25.48
N LYS A 216 -11.59 -20.73 -25.13
CA LYS A 216 -12.83 -21.01 -25.85
C LYS A 216 -13.45 -19.68 -26.27
N LYS A 217 -13.40 -19.39 -27.56
CA LYS A 217 -14.17 -18.27 -28.07
C LYS A 217 -15.63 -18.65 -28.04
N ILE A 218 -16.47 -17.68 -27.70
CA ILE A 218 -17.91 -17.89 -27.67
C ILE A 218 -18.50 -17.25 -28.91
N GLU A 219 -19.15 -18.07 -29.73
CA GLU A 219 -19.63 -17.67 -31.03
C GLU A 219 -21.12 -17.90 -31.15
N PRO A 220 -21.85 -16.94 -31.72
CA PRO A 220 -23.31 -17.04 -31.73
C PRO A 220 -23.77 -18.24 -32.56
N ARG A 221 -24.95 -18.74 -32.20
CA ARG A 221 -25.55 -19.88 -32.88
C ARG A 221 -26.15 -19.51 -34.24
N ASP B 1 -10.31 -30.02 27.07
CA ASP B 1 -9.99 -28.68 26.58
C ASP B 1 -11.06 -27.64 26.97
N ILE B 2 -10.77 -26.39 26.63
CA ILE B 2 -11.77 -25.33 26.63
C ILE B 2 -12.43 -25.25 25.26
N VAL B 3 -13.72 -25.42 25.22
CA VAL B 3 -14.52 -25.23 24.02
C VAL B 3 -14.94 -23.77 23.97
N MET B 4 -15.04 -23.18 22.78
CA MET B 4 -15.64 -21.86 22.64
C MET B 4 -16.83 -21.96 21.70
N THR B 5 -17.97 -21.51 22.21
CA THR B 5 -19.20 -21.48 21.45
C THR B 5 -19.36 -20.06 20.92
N GLN B 6 -19.23 -19.93 19.61
CA GLN B 6 -19.39 -18.66 18.91
C GLN B 6 -20.80 -18.59 18.32
N SER B 7 -21.46 -17.44 18.49
CA SER B 7 -22.86 -17.30 18.09
C SER B 7 -23.16 -15.85 17.74
N PRO B 8 -24.01 -15.60 16.72
CA PRO B 8 -24.64 -16.62 15.85
C PRO B 8 -23.69 -17.21 14.81
N ALA B 9 -24.10 -18.32 14.19
CA ALA B 9 -23.38 -18.85 13.04
C ALA B 9 -23.48 -17.93 11.83
N SER B 10 -24.60 -17.23 11.67
CA SER B 10 -24.83 -16.36 10.54
C SER B 10 -25.57 -15.12 11.01
N LEU B 11 -25.31 -14.02 10.30
CA LEU B 11 -25.83 -12.71 10.65
C LEU B 11 -25.86 -11.88 9.39
N SER B 12 -26.97 -11.19 9.14
CA SER B 12 -27.01 -10.16 8.10
C SER B 12 -27.45 -8.83 8.73
N MET B 13 -26.75 -7.78 8.34
CA MET B 13 -26.88 -6.46 8.95
C MET B 13 -26.94 -5.41 7.86
N ALA B 14 -27.86 -4.46 8.02
CA ALA B 14 -27.87 -3.32 7.12
C ALA B 14 -26.63 -2.48 7.32
N ILE B 15 -26.36 -1.62 6.34
CA ILE B 15 -25.17 -0.77 6.39
C ILE B 15 -25.26 0.15 7.60
N GLY B 16 -24.11 0.39 8.24
CA GLY B 16 -24.03 1.31 9.34
C GLY B 16 -24.68 0.86 10.63
N GLU B 17 -25.39 -0.27 10.65
CA GLU B 17 -25.88 -0.83 11.90
C GLU B 17 -24.74 -1.43 12.70
N LYS B 18 -24.98 -1.59 14.00
CA LYS B 18 -23.99 -2.18 14.89
C LYS B 18 -24.09 -3.70 14.83
N VAL B 19 -22.95 -4.36 14.93
CA VAL B 19 -22.87 -5.82 14.83
C VAL B 19 -22.25 -6.37 16.10
N THR B 20 -22.83 -7.47 16.59
CA THR B 20 -22.41 -8.12 17.82
C THR B 20 -22.26 -9.63 17.60
N ILE B 21 -21.09 -10.16 17.90
CA ILE B 21 -20.80 -11.58 17.88
C ILE B 21 -20.34 -11.98 19.27
N ARG B 22 -20.75 -13.16 19.74
CA ARG B 22 -20.42 -13.59 21.08
C ARG B 22 -19.64 -14.91 21.07
N CYS B 23 -18.65 -15.01 21.96
CA CYS B 23 -17.97 -16.28 22.26
C CYS B 23 -18.10 -16.57 23.74
N ILE B 24 -18.49 -17.79 24.07
CA ILE B 24 -18.62 -18.24 25.45
C ILE B 24 -17.66 -19.40 25.66
N THR B 25 -16.87 -19.35 26.73
CA THR B 25 -15.84 -20.35 26.93
C THR B 25 -16.26 -21.33 28.02
N SER B 26 -15.99 -22.61 27.77
CA SER B 26 -16.36 -23.65 28.72
C SER B 26 -15.62 -23.53 30.05
N THR B 27 -14.60 -22.66 30.16
CA THR B 27 -13.91 -22.44 31.42
C THR B 27 -13.51 -20.97 31.51
N ASP B 28 -12.89 -20.59 32.63
CA ASP B 28 -12.44 -19.19 32.86
C ASP B 28 -11.12 -18.93 32.13
N ILE B 29 -11.14 -18.12 31.07
CA ILE B 29 -9.91 -17.84 30.26
C ILE B 29 -9.21 -16.53 30.68
N ASP B 30 -9.79 -15.78 31.64
CA ASP B 30 -9.16 -14.54 32.15
C ASP B 30 -8.79 -13.55 31.03
N ASP B 31 -9.71 -13.30 30.08
CA ASP B 31 -9.55 -12.31 28.97
C ASP B 31 -8.60 -12.77 27.86
N ASP B 32 -8.24 -14.05 27.82
CA ASP B 32 -7.32 -14.54 26.75
C ASP B 32 -8.13 -14.89 25.49
N MET B 33 -8.82 -13.90 24.93
CA MET B 33 -9.66 -14.07 23.75
C MET B 33 -9.08 -13.25 22.60
N ASN B 34 -9.16 -13.80 21.38
CA ASN B 34 -8.64 -13.20 20.16
C ASN B 34 -9.68 -13.29 19.05
N TRP B 35 -9.71 -12.29 18.18
CA TRP B 35 -10.70 -12.21 17.11
C TRP B 35 -10.03 -12.07 15.74
N TYR B 36 -10.39 -12.97 14.83
CA TYR B 36 -9.89 -13.04 13.47
C TYR B 36 -11.00 -12.78 12.44
N GLN B 37 -10.60 -12.19 11.32
CA GLN B 37 -11.46 -11.97 10.16
C GLN B 37 -10.87 -12.70 8.95
N GLN B 38 -11.70 -13.47 8.26
CA GLN B 38 -11.28 -14.25 7.10
C GLN B 38 -12.21 -13.96 5.92
N LYS B 39 -11.65 -13.44 4.87
CA LYS B 39 -12.27 -13.21 3.58
C LYS B 39 -11.86 -14.33 2.61
N PRO B 40 -12.70 -14.64 1.61
CA PRO B 40 -12.50 -15.89 0.84
C PRO B 40 -11.15 -15.97 0.14
N GLY B 41 -10.59 -17.18 0.13
CA GLY B 41 -9.29 -17.44 -0.45
C GLY B 41 -8.11 -16.83 0.27
N GLU B 42 -8.33 -16.20 1.42
CA GLU B 42 -7.29 -15.54 2.19
C GLU B 42 -7.06 -16.25 3.51
N PRO B 43 -5.88 -16.06 4.11
CA PRO B 43 -5.69 -16.52 5.48
C PRO B 43 -6.39 -15.61 6.46
N PRO B 44 -6.83 -16.13 7.60
CA PRO B 44 -7.45 -15.27 8.62
C PRO B 44 -6.54 -14.16 9.08
N LYS B 45 -7.11 -12.99 9.31
CA LYS B 45 -6.37 -11.82 9.78
C LYS B 45 -6.71 -11.56 11.24
N LEU B 46 -5.67 -11.41 12.07
CA LEU B 46 -5.87 -11.12 13.49
C LEU B 46 -6.36 -9.69 13.64
N LEU B 47 -7.59 -9.53 14.10
CA LEU B 47 -8.17 -8.22 14.32
C LEU B 47 -7.93 -7.70 15.73
N ILE B 48 -8.13 -8.56 16.72
CA ILE B 48 -8.04 -8.15 18.12
C ILE B 48 -7.35 -9.24 18.92
N SER B 49 -6.30 -8.88 19.64
CA SER B 49 -5.55 -9.85 20.42
C SER B 49 -5.91 -9.72 21.90
N GLU B 50 -5.45 -10.67 22.71
CA GLU B 50 -5.90 -10.78 24.10
C GLU B 50 -5.68 -9.47 24.86
N GLY B 51 -6.58 -9.20 25.80
CA GLY B 51 -6.64 -7.88 26.41
C GLY B 51 -7.41 -6.84 25.61
N ASN B 52 -8.26 -7.25 24.67
CA ASN B 52 -9.05 -6.33 23.85
C ASN B 52 -8.14 -5.38 23.05
N THR B 53 -6.97 -5.85 22.66
CA THR B 53 -5.97 -5.02 21.99
C THR B 53 -6.28 -5.00 20.49
N LEU B 54 -6.70 -3.85 19.98
CA LEU B 54 -6.82 -3.67 18.55
C LEU B 54 -5.45 -3.83 17.90
N ARG B 55 -5.38 -4.59 16.82
CA ARG B 55 -4.10 -4.72 16.14
C ARG B 55 -3.79 -3.45 15.37
N PRO B 56 -2.51 -3.16 15.12
CA PRO B 56 -2.16 -2.00 14.29
C PRO B 56 -2.75 -2.08 12.90
N GLY B 57 -3.25 -0.94 12.41
CA GLY B 57 -3.86 -0.85 11.11
C GLY B 57 -5.33 -1.25 11.04
N VAL B 58 -5.88 -1.82 12.09
CA VAL B 58 -7.24 -2.34 12.05
C VAL B 58 -8.23 -1.19 12.22
N PRO B 59 -9.30 -1.14 11.44
CA PRO B 59 -10.28 -0.05 11.58
C PRO B 59 -10.80 0.04 13.01
N SER B 60 -11.02 1.28 13.46
CA SER B 60 -11.34 1.55 14.86
C SER B 60 -12.78 1.20 15.22
N ARG B 61 -13.64 0.87 14.26
CA ARG B 61 -14.99 0.47 14.61
C ARG B 61 -15.06 -0.98 15.06
N PHE B 62 -13.91 -1.66 15.10
CA PHE B 62 -13.77 -2.97 15.73
C PHE B 62 -13.43 -2.82 17.20
N SER B 63 -14.15 -3.53 18.05
CA SER B 63 -13.86 -3.49 19.47
C SER B 63 -14.33 -4.81 20.06
N SER B 64 -13.84 -5.11 21.25
CA SER B 64 -14.22 -6.33 21.92
C SER B 64 -14.17 -6.10 23.42
N SER B 65 -14.93 -6.92 24.14
N SER B 65 -14.97 -6.88 24.14
CA SER B 65 -15.02 -6.81 25.58
CA SER B 65 -14.98 -6.81 25.60
C SER B 65 -15.19 -8.21 26.16
C SER B 65 -15.17 -8.20 26.15
N GLY B 66 -14.95 -8.33 27.46
CA GLY B 66 -15.15 -9.59 28.15
C GLY B 66 -13.99 -10.03 29.03
N TYR B 67 -14.33 -10.57 30.20
CA TYR B 67 -13.35 -11.14 31.11
C TYR B 67 -14.00 -12.31 31.84
N GLY B 68 -13.39 -13.48 31.76
CA GLY B 68 -13.96 -14.68 32.36
C GLY B 68 -14.40 -15.74 31.36
N THR B 69 -15.69 -15.74 31.01
CA THR B 69 -16.23 -16.78 30.15
C THR B 69 -17.12 -16.26 29.03
N ASP B 70 -17.43 -14.96 28.99
CA ASP B 70 -18.39 -14.39 28.03
C ASP B 70 -17.72 -13.22 27.35
N PHE B 71 -17.56 -13.30 26.02
CA PHE B 71 -16.80 -12.31 25.27
C PHE B 71 -17.62 -11.82 24.08
N VAL B 72 -17.46 -10.55 23.77
CA VAL B 72 -18.24 -9.93 22.71
C VAL B 72 -17.28 -9.22 21.77
N PHE B 73 -17.56 -9.37 20.47
CA PHE B 73 -16.88 -8.67 19.40
C PHE B 73 -17.90 -7.76 18.73
N THR B 74 -17.49 -6.54 18.41
CA THR B 74 -18.41 -5.49 18.00
C THR B 74 -17.86 -4.74 16.81
N ILE B 75 -18.70 -4.58 15.79
CA ILE B 75 -18.45 -3.60 14.74
C ILE B 75 -19.41 -2.45 15.00
N GLU B 76 -18.84 -1.25 15.16
CA GLU B 76 -19.66 -0.07 15.49
C GLU B 76 -20.71 0.19 14.42
N ASN B 77 -20.29 0.21 13.15
CA ASN B 77 -21.24 0.36 12.06
C ASN B 77 -20.76 -0.44 10.87
N MET B 78 -21.66 -1.28 10.34
CA MET B 78 -21.38 -2.14 9.19
C MET B 78 -20.99 -1.33 7.98
N LEU B 79 -19.83 -1.64 7.43
CA LEU B 79 -19.47 -1.30 6.05
C LEU B 79 -19.47 -2.58 5.23
N SER B 80 -19.60 -2.44 3.91
CA SER B 80 -19.67 -3.63 3.08
C SER B 80 -18.34 -4.37 3.03
N GLU B 81 -17.22 -3.67 3.27
CA GLU B 81 -15.91 -4.32 3.35
C GLU B 81 -15.83 -5.30 4.51
N ASP B 82 -16.82 -5.31 5.40
CA ASP B 82 -16.81 -6.20 6.55
C ASP B 82 -17.52 -7.52 6.29
N VAL B 83 -17.97 -7.79 5.07
CA VAL B 83 -18.53 -9.11 4.80
C VAL B 83 -17.40 -10.13 4.85
N ALA B 84 -17.54 -11.15 5.69
CA ALA B 84 -16.47 -12.11 5.92
C ALA B 84 -16.87 -13.12 6.99
N ASP B 85 -15.99 -14.05 7.31
CA ASP B 85 -16.16 -14.90 8.47
C ASP B 85 -15.33 -14.35 9.61
N TYR B 86 -15.84 -14.48 10.83
CA TYR B 86 -15.11 -14.05 12.01
C TYR B 86 -14.98 -15.23 12.93
N TYR B 87 -13.77 -15.43 13.46
CA TYR B 87 -13.48 -16.54 14.36
C TYR B 87 -12.87 -16.00 15.66
N CYS B 88 -13.24 -16.61 16.78
CA CYS B 88 -12.52 -16.30 18.01
C CYS B 88 -11.60 -17.45 18.35
N LEU B 89 -10.52 -17.11 19.05
CA LEU B 89 -9.52 -18.08 19.46
C LEU B 89 -9.13 -17.80 20.91
N GLN B 90 -9.21 -18.80 21.77
CA GLN B 90 -8.71 -18.66 23.13
C GLN B 90 -7.23 -19.01 23.13
N SER B 91 -6.42 -18.19 23.79
CA SER B 91 -4.99 -18.42 23.89
C SER B 91 -4.57 -18.65 25.34
N ASP B 92 -5.50 -19.14 26.16
CA ASP B 92 -5.33 -19.24 27.60
C ASP B 92 -4.59 -20.51 28.02
N ASN B 93 -4.88 -21.66 27.42
CA ASN B 93 -4.23 -22.91 27.82
C ASN B 93 -4.18 -23.86 26.62
N LEU B 94 -3.41 -24.96 26.78
CA LEU B 94 -3.40 -25.90 25.65
C LEU B 94 -4.46 -26.97 25.83
N PRO B 95 -5.10 -27.43 24.75
CA PRO B 95 -4.83 -27.00 23.36
C PRO B 95 -5.45 -25.66 23.02
N TYR B 96 -4.81 -24.92 22.12
CA TYR B 96 -5.49 -23.77 21.55
C TYR B 96 -6.76 -24.26 20.86
N THR B 97 -7.81 -23.43 20.91
CA THR B 97 -9.11 -23.81 20.33
C THR B 97 -9.82 -22.59 19.77
N PHE B 98 -10.50 -22.81 18.64
CA PHE B 98 -11.19 -21.78 17.89
C PHE B 98 -12.69 -21.95 18.06
N GLY B 99 -13.41 -20.84 18.12
CA GLY B 99 -14.84 -20.90 17.94
C GLY B 99 -15.21 -21.29 16.52
N GLY B 100 -16.46 -21.76 16.36
CA GLY B 100 -16.91 -22.28 15.08
C GLY B 100 -17.08 -21.26 13.98
N GLY B 101 -17.10 -19.97 14.31
CA GLY B 101 -17.10 -18.93 13.30
C GLY B 101 -18.47 -18.33 13.06
N THR B 102 -18.45 -17.18 12.38
CA THR B 102 -19.63 -16.35 12.11
C THR B 102 -19.56 -15.83 10.68
N LYS B 103 -20.60 -16.09 9.90
CA LYS B 103 -20.69 -15.61 8.52
C LYS B 103 -21.45 -14.29 8.53
N LEU B 104 -20.75 -13.19 8.22
CA LEU B 104 -21.33 -11.86 8.29
C LEU B 104 -21.54 -11.34 6.88
N GLU B 105 -22.81 -11.12 6.53
CA GLU B 105 -23.26 -10.65 5.23
C GLU B 105 -24.06 -9.36 5.40
N ILE B 106 -24.09 -8.56 4.37
CA ILE B 106 -24.73 -7.26 4.42
C ILE B 106 -26.14 -7.37 3.87
N LYS B 107 -27.02 -6.52 4.38
CA LYS B 107 -28.39 -6.41 3.89
C LYS B 107 -28.46 -5.31 2.84
N ARG B 108 -29.38 -5.48 1.91
CA ARG B 108 -29.67 -4.49 0.89
C ARG B 108 -31.13 -4.66 0.51
N ALA B 109 -31.62 -3.79 -0.38
CA ALA B 109 -32.98 -3.95 -0.87
C ALA B 109 -33.13 -5.27 -1.62
N ASP B 110 -34.36 -5.78 -1.66
CA ASP B 110 -34.64 -6.94 -2.51
C ASP B 110 -34.33 -6.63 -3.98
N ALA B 111 -33.78 -7.61 -4.68
CA ALA B 111 -33.41 -7.46 -6.08
C ALA B 111 -33.77 -8.73 -6.82
N ALA B 112 -34.55 -8.58 -7.89
CA ALA B 112 -34.97 -9.73 -8.69
C ALA B 112 -33.78 -10.29 -9.47
N PRO B 113 -33.71 -11.60 -9.63
CA PRO B 113 -32.60 -12.19 -10.40
C PRO B 113 -32.76 -11.94 -11.89
N THR B 114 -31.63 -11.76 -12.57
CA THR B 114 -31.58 -11.79 -14.03
C THR B 114 -31.30 -13.22 -14.46
N VAL B 115 -32.19 -13.78 -15.28
CA VAL B 115 -32.13 -15.19 -15.64
C VAL B 115 -31.73 -15.35 -17.09
N SER B 116 -30.84 -16.31 -17.35
CA SER B 116 -30.39 -16.67 -18.68
C SER B 116 -30.32 -18.18 -18.76
N ILE B 117 -30.90 -18.75 -19.81
CA ILE B 117 -30.84 -20.18 -20.02
C ILE B 117 -30.00 -20.41 -21.26
N PHE B 118 -29.28 -21.55 -21.27
CA PHE B 118 -28.33 -21.87 -22.30
C PHE B 118 -28.45 -23.36 -22.62
N PRO B 119 -28.63 -23.70 -23.90
CA PRO B 119 -28.72 -25.09 -24.30
C PRO B 119 -27.34 -25.73 -24.33
N PRO B 120 -27.24 -27.05 -24.31
CA PRO B 120 -25.94 -27.70 -24.48
C PRO B 120 -25.23 -27.21 -25.74
N SER B 121 -23.92 -27.03 -25.62
CA SER B 121 -23.17 -26.62 -26.79
C SER B 121 -23.05 -27.79 -27.76
N SER B 122 -22.97 -27.46 -29.05
CA SER B 122 -22.78 -28.49 -30.06
C SER B 122 -21.55 -29.33 -29.75
N GLU B 123 -20.52 -28.73 -29.17
CA GLU B 123 -19.31 -29.46 -28.85
C GLU B 123 -19.55 -30.48 -27.75
N GLN B 124 -20.36 -30.13 -26.75
CA GLN B 124 -20.73 -31.12 -25.74
C GLN B 124 -21.55 -32.24 -26.36
N LEU B 125 -22.48 -31.87 -27.23
CA LEU B 125 -23.31 -32.88 -27.91
C LEU B 125 -22.48 -33.83 -28.77
N THR B 126 -21.41 -33.34 -29.39
CA THR B 126 -20.56 -34.22 -30.19
C THR B 126 -19.99 -35.35 -29.34
N SER B 127 -19.65 -35.08 -28.09
CA SER B 127 -19.02 -36.06 -27.22
C SER B 127 -20.03 -36.75 -26.29
N GLY B 128 -21.32 -36.68 -26.60
CA GLY B 128 -22.30 -37.52 -25.95
C GLY B 128 -23.07 -36.91 -24.79
N GLY B 129 -22.57 -35.78 -24.21
CA GLY B 129 -23.22 -35.18 -23.06
C GLY B 129 -24.28 -34.15 -23.43
N ALA B 130 -25.12 -33.79 -22.44
CA ALA B 130 -26.16 -32.79 -22.63
C ALA B 130 -26.46 -32.15 -21.28
N SER B 131 -25.99 -30.92 -21.09
CA SER B 131 -26.26 -30.14 -19.89
C SER B 131 -26.95 -28.84 -20.28
N VAL B 132 -28.07 -28.54 -19.65
CA VAL B 132 -28.74 -27.26 -19.81
C VAL B 132 -28.40 -26.37 -18.61
N VAL B 133 -28.01 -25.13 -18.88
CA VAL B 133 -27.46 -24.27 -17.84
C VAL B 133 -28.39 -23.07 -17.64
N CYS B 134 -28.55 -22.66 -16.38
CA CYS B 134 -29.39 -21.53 -16.04
C CYS B 134 -28.64 -20.67 -15.05
N PHE B 135 -28.45 -19.40 -15.40
CA PHE B 135 -27.80 -18.41 -14.52
C PHE B 135 -28.88 -17.47 -13.99
N LEU B 136 -28.95 -17.37 -12.67
CA LEU B 136 -29.83 -16.45 -11.97
C LEU B 136 -28.88 -15.51 -11.24
N ASN B 137 -28.72 -14.29 -11.74
CA ASN B 137 -27.65 -13.42 -11.32
C ASN B 137 -28.15 -12.18 -10.59
N ASN B 138 -27.35 -11.75 -9.61
CA ASN B 138 -27.50 -10.48 -8.92
C ASN B 138 -28.89 -10.31 -8.33
N PHE B 139 -29.29 -11.27 -7.50
CA PHE B 139 -30.52 -11.15 -6.74
C PHE B 139 -30.22 -11.04 -5.25
N TYR B 140 -31.19 -10.49 -4.52
CA TYR B 140 -31.15 -10.45 -3.07
C TYR B 140 -32.58 -10.57 -2.60
N PRO B 141 -32.87 -11.38 -1.57
CA PRO B 141 -31.94 -12.13 -0.71
C PRO B 141 -31.47 -13.42 -1.33
N LYS B 142 -30.69 -14.19 -0.56
CA LYS B 142 -30.04 -15.37 -1.11
C LYS B 142 -31.05 -16.48 -1.40
N ASP B 143 -32.10 -16.60 -0.60
CA ASP B 143 -33.06 -17.70 -0.76
C ASP B 143 -33.72 -17.60 -2.12
N ILE B 144 -33.59 -18.65 -2.91
CA ILE B 144 -34.19 -18.68 -4.24
C ILE B 144 -34.54 -20.12 -4.55
N ASN B 145 -35.60 -20.29 -5.34
CA ASN B 145 -36.13 -21.59 -5.70
C ASN B 145 -36.11 -21.72 -7.22
N VAL B 146 -35.59 -22.83 -7.73
CA VAL B 146 -35.46 -23.03 -9.17
C VAL B 146 -36.14 -24.34 -9.57
N LYS B 147 -36.87 -24.29 -10.67
CA LYS B 147 -37.76 -25.37 -11.08
C LYS B 147 -37.61 -25.65 -12.57
N TRP B 148 -37.33 -26.90 -12.94
CA TRP B 148 -37.06 -27.24 -14.33
C TRP B 148 -38.26 -27.89 -15.02
N LYS B 149 -38.51 -27.50 -16.27
CA LYS B 149 -39.63 -28.04 -17.05
C LYS B 149 -39.17 -28.49 -18.43
N ILE B 150 -39.49 -29.74 -18.78
CA ILE B 150 -39.30 -30.30 -20.11
C ILE B 150 -40.68 -30.52 -20.74
N ASP B 151 -40.92 -29.85 -21.88
CA ASP B 151 -42.18 -29.90 -22.62
C ASP B 151 -43.39 -29.68 -21.72
N GLY B 152 -43.29 -28.67 -20.88
CA GLY B 152 -44.32 -28.35 -19.91
C GLY B 152 -44.18 -29.05 -18.57
N SER B 153 -43.75 -30.31 -18.55
CA SER B 153 -43.80 -31.10 -17.33
C SER B 153 -42.49 -30.99 -16.57
N GLU B 154 -42.58 -30.86 -15.25
CA GLU B 154 -41.40 -30.59 -14.45
C GLU B 154 -40.49 -31.81 -14.35
N ARG B 155 -39.25 -31.56 -13.98
CA ARG B 155 -38.26 -32.59 -13.70
C ARG B 155 -37.47 -32.16 -12.49
N GLN B 156 -37.41 -33.02 -11.48
CA GLN B 156 -36.67 -32.67 -10.27
C GLN B 156 -35.24 -33.17 -10.33
N ASN B 157 -35.04 -34.36 -10.88
CA ASN B 157 -33.80 -35.11 -10.76
C ASN B 157 -32.80 -34.73 -11.84
N GLY B 158 -31.51 -34.82 -11.48
CA GLY B 158 -30.44 -34.46 -12.38
C GLY B 158 -30.05 -33.00 -12.34
N VAL B 159 -30.45 -32.28 -11.30
CA VAL B 159 -30.28 -30.84 -11.22
C VAL B 159 -29.26 -30.52 -10.14
N LEU B 160 -28.25 -29.71 -10.48
CA LEU B 160 -27.29 -29.22 -9.50
C LEU B 160 -27.38 -27.70 -9.40
N ASN B 161 -27.06 -27.18 -8.21
CA ASN B 161 -27.19 -25.77 -7.89
C ASN B 161 -25.93 -25.26 -7.20
N SER B 162 -25.58 -23.99 -7.45
CA SER B 162 -24.36 -23.43 -6.88
C SER B 162 -24.46 -21.92 -6.73
N TRP B 163 -24.17 -21.40 -5.53
CA TRP B 163 -24.23 -19.96 -5.24
C TRP B 163 -22.85 -19.34 -5.11
N THR B 164 -22.68 -18.14 -5.66
CA THR B 164 -21.53 -17.32 -5.30
C THR B 164 -21.66 -16.80 -3.87
N ASP B 165 -20.53 -16.35 -3.33
CA ASP B 165 -20.60 -15.55 -2.12
C ASP B 165 -21.14 -14.15 -2.45
N GLN B 166 -21.49 -13.40 -1.40
CA GLN B 166 -22.08 -12.08 -1.59
C GLN B 166 -21.15 -11.19 -2.38
N ASP B 167 -21.64 -10.71 -3.52
CA ASP B 167 -20.79 -9.93 -4.43
C ASP B 167 -20.23 -8.70 -3.74
N SER B 168 -19.04 -8.30 -4.16
CA SER B 168 -18.30 -7.23 -3.50
C SER B 168 -18.83 -5.84 -3.87
N LYS B 169 -19.17 -5.62 -5.15
CA LYS B 169 -19.60 -4.30 -5.60
C LYS B 169 -21.01 -3.98 -5.13
N ASP B 170 -21.97 -4.87 -5.38
CA ASP B 170 -23.38 -4.57 -5.15
C ASP B 170 -24.06 -5.40 -4.07
N SER B 171 -23.35 -6.33 -3.42
CA SER B 171 -23.87 -7.13 -2.30
C SER B 171 -24.97 -8.11 -2.71
N THR B 172 -25.03 -8.53 -3.97
CA THR B 172 -26.05 -9.46 -4.41
C THR B 172 -25.50 -10.89 -4.42
N TYR B 173 -26.37 -11.83 -4.78
CA TYR B 173 -25.98 -13.22 -4.93
C TYR B 173 -26.27 -13.66 -6.35
N SER B 174 -25.58 -14.71 -6.78
CA SER B 174 -25.83 -15.31 -8.08
C SER B 174 -25.82 -16.81 -7.92
N MET B 175 -26.35 -17.50 -8.92
CA MET B 175 -26.64 -18.92 -8.75
C MET B 175 -26.68 -19.61 -10.11
N SER B 176 -25.95 -20.70 -10.25
CA SER B 176 -25.97 -21.52 -11.45
C SER B 176 -26.76 -22.78 -11.13
N SER B 177 -27.80 -23.03 -11.90
CA SER B 177 -28.51 -24.30 -11.88
C SER B 177 -28.30 -25.02 -13.21
N THR B 178 -27.70 -26.19 -13.16
CA THR B 178 -27.41 -26.96 -14.37
C THR B 178 -28.11 -28.31 -14.28
N LEU B 179 -28.94 -28.58 -15.28
CA LEU B 179 -29.66 -29.83 -15.43
C LEU B 179 -28.88 -30.74 -16.38
N THR B 180 -28.41 -31.87 -15.88
CA THR B 180 -27.76 -32.85 -16.72
C THR B 180 -28.79 -33.87 -17.19
N LEU B 181 -28.92 -34.02 -18.51
CA LEU B 181 -29.74 -35.03 -19.13
C LEU B 181 -28.86 -36.08 -19.79
N THR B 182 -29.50 -37.11 -20.32
CA THR B 182 -28.90 -37.93 -21.36
C THR B 182 -29.14 -37.23 -22.71
N LYS B 183 -28.12 -37.29 -23.58
CA LYS B 183 -28.23 -36.72 -24.91
C LYS B 183 -29.43 -37.31 -25.67
N ASP B 184 -29.77 -38.56 -25.37
CA ASP B 184 -30.94 -39.18 -25.99
C ASP B 184 -32.23 -38.50 -25.54
N GLU B 185 -32.47 -38.48 -24.22
CA GLU B 185 -33.63 -37.79 -23.68
C GLU B 185 -33.64 -36.32 -24.08
N TYR B 186 -32.45 -35.71 -24.21
CA TYR B 186 -32.39 -34.35 -24.71
C TYR B 186 -32.96 -34.26 -26.12
N GLU B 187 -32.60 -35.21 -26.99
CA GLU B 187 -33.04 -35.14 -28.38
C GLU B 187 -34.52 -35.49 -28.58
N ARG B 188 -35.18 -36.03 -27.56
CA ARG B 188 -36.59 -36.40 -27.63
C ARG B 188 -37.55 -35.28 -27.18
N HIS B 189 -37.05 -34.06 -26.99
CA HIS B 189 -37.87 -33.00 -26.41
C HIS B 189 -37.52 -31.65 -27.02
N ASN B 190 -38.50 -30.75 -27.05
CA ASN B 190 -38.36 -29.48 -27.74
C ASN B 190 -38.20 -28.29 -26.80
N SER B 191 -39.04 -28.18 -25.77
CA SER B 191 -39.05 -27.04 -24.87
C SER B 191 -38.33 -27.38 -23.57
N TYR B 192 -37.40 -26.50 -23.18
CA TYR B 192 -36.73 -26.59 -21.88
C TYR B 192 -36.83 -25.25 -21.20
N THR B 193 -37.19 -25.24 -19.91
CA THR B 193 -37.37 -23.98 -19.19
C THR B 193 -36.90 -24.11 -17.76
N CYS B 194 -36.28 -23.03 -17.25
CA CYS B 194 -36.07 -22.88 -15.83
C CYS B 194 -36.96 -21.77 -15.28
N GLU B 195 -37.44 -22.02 -14.06
CA GLU B 195 -38.35 -21.17 -13.30
C GLU B 195 -37.62 -20.67 -12.05
N ALA B 196 -37.68 -19.37 -11.82
CA ALA B 196 -37.12 -18.75 -10.62
C ALA B 196 -38.26 -18.21 -9.77
N THR B 197 -38.44 -18.80 -8.58
CA THR B 197 -39.33 -18.31 -7.54
C THR B 197 -38.47 -17.63 -6.46
N HIS B 198 -38.83 -16.41 -6.10
CA HIS B 198 -38.03 -15.57 -5.22
C HIS B 198 -38.99 -14.75 -4.37
N LYS B 199 -38.44 -14.10 -3.35
CA LYS B 199 -39.27 -13.24 -2.50
C LYS B 199 -39.83 -12.05 -3.28
N THR B 200 -39.12 -11.62 -4.33
CA THR B 200 -39.40 -10.36 -5.02
C THR B 200 -40.75 -10.35 -5.73
N SER B 201 -41.34 -11.50 -6.01
CA SER B 201 -42.72 -11.51 -6.50
C SER B 201 -43.24 -12.94 -6.41
N THR B 202 -44.54 -13.08 -6.61
CA THR B 202 -45.17 -14.39 -6.71
C THR B 202 -45.17 -14.91 -8.14
N SER B 203 -45.25 -14.00 -9.12
CA SER B 203 -45.14 -14.32 -10.55
C SER B 203 -43.70 -14.67 -10.89
N PRO B 204 -43.37 -15.96 -11.02
CA PRO B 204 -41.96 -16.36 -11.17
C PRO B 204 -41.38 -15.92 -12.51
N ILE B 205 -40.05 -16.06 -12.62
CA ILE B 205 -39.31 -15.70 -13.83
C ILE B 205 -39.09 -16.96 -14.66
N VAL B 206 -39.50 -16.88 -15.92
CA VAL B 206 -39.51 -18.03 -16.83
C VAL B 206 -38.52 -17.78 -17.94
N LYS B 207 -37.58 -18.71 -18.14
CA LYS B 207 -36.74 -18.67 -19.33
C LYS B 207 -36.77 -20.03 -19.99
N SER B 208 -36.91 -20.04 -21.32
CA SER B 208 -37.13 -21.29 -22.04
C SER B 208 -36.53 -21.21 -23.44
N PHE B 209 -36.39 -22.37 -24.06
CA PHE B 209 -35.94 -22.43 -25.44
C PHE B 209 -36.47 -23.69 -26.11
N ASN B 210 -36.61 -23.60 -27.43
CA ASN B 210 -36.91 -24.73 -28.30
C ASN B 210 -35.62 -25.32 -28.84
N ARG B 211 -35.51 -26.65 -28.79
CA ARG B 211 -34.35 -27.32 -29.36
C ARG B 211 -34.23 -27.09 -30.86
N ASN B 212 -35.29 -26.67 -31.53
CA ASN B 212 -35.13 -26.14 -32.90
C ASN B 212 -36.00 -24.90 -33.13
N GLU C 1 -5.17 -1.52 -9.44
CA GLU C 1 -5.57 -0.60 -10.50
C GLU C 1 -4.84 -0.87 -11.82
N VAL C 2 -4.22 0.18 -12.37
CA VAL C 2 -3.56 0.10 -13.66
C VAL C 2 -2.28 -0.72 -13.53
N GLN C 3 -2.18 -1.77 -14.34
CA GLN C 3 -1.00 -2.61 -14.32
C GLN C 3 -0.61 -2.99 -15.73
N LEU C 4 0.70 -3.03 -15.96
CA LEU C 4 1.29 -3.57 -17.16
C LEU C 4 2.14 -4.74 -16.72
N GLN C 5 1.77 -5.95 -17.12
CA GLN C 5 2.54 -7.16 -16.83
C GLN C 5 3.18 -7.66 -18.11
N GLN C 6 4.50 -7.82 -18.10
CA GLN C 6 5.24 -8.25 -19.28
C GLN C 6 5.69 -9.70 -19.19
N SER C 7 5.85 -10.30 -20.36
CA SER C 7 6.28 -11.69 -20.50
C SER C 7 7.65 -11.92 -19.89
N GLY C 8 7.95 -13.21 -19.60
CA GLY C 8 9.18 -13.58 -18.93
C GLY C 8 10.42 -13.47 -19.81
N ALA C 9 11.58 -13.58 -19.14
CA ALA C 9 12.88 -13.40 -19.79
C ALA C 9 13.04 -14.29 -21.03
N GLU C 10 13.88 -13.86 -21.96
CA GLU C 10 13.99 -14.45 -23.28
C GLU C 10 15.43 -14.76 -23.62
N LEU C 11 15.67 -15.96 -24.12
CA LEU C 11 16.97 -16.45 -24.54
C LEU C 11 16.89 -16.79 -26.01
N ALA C 12 17.76 -16.22 -26.83
CA ALA C 12 17.60 -16.45 -28.26
C ALA C 12 18.96 -16.46 -28.95
N ARG C 13 19.06 -17.28 -29.99
CA ARG C 13 20.28 -17.40 -30.76
C ARG C 13 20.33 -16.27 -31.79
N PRO C 14 21.52 -15.89 -32.25
CA PRO C 14 21.61 -14.87 -33.30
C PRO C 14 20.75 -15.24 -34.49
N GLY C 15 20.06 -14.23 -35.04
CA GLY C 15 19.18 -14.43 -36.17
C GLY C 15 17.77 -14.86 -35.85
N ALA C 16 17.49 -15.20 -34.59
CA ALA C 16 16.15 -15.66 -34.25
C ALA C 16 15.17 -14.49 -34.10
N SER C 17 13.96 -14.85 -33.74
CA SER C 17 12.87 -13.92 -33.59
C SER C 17 12.26 -14.14 -32.22
N VAL C 18 11.63 -13.10 -31.67
CA VAL C 18 11.12 -13.17 -30.32
C VAL C 18 9.88 -12.29 -30.21
N LYS C 19 8.87 -12.77 -29.49
CA LYS C 19 7.62 -12.04 -29.33
C LYS C 19 7.46 -11.67 -27.86
N LEU C 20 7.43 -10.37 -27.56
CA LEU C 20 7.29 -9.84 -26.22
C LEU C 20 5.85 -9.38 -26.03
N SER C 21 5.29 -9.68 -24.88
CA SER C 21 3.91 -9.31 -24.63
C SER C 21 3.85 -8.40 -23.42
N CYS C 22 2.79 -7.61 -23.39
CA CYS C 22 2.58 -6.60 -22.38
C CYS C 22 1.07 -6.58 -22.17
N LYS C 23 0.60 -7.26 -21.14
CA LYS C 23 -0.82 -7.32 -20.83
C LYS C 23 -1.19 -6.16 -19.92
N ALA C 24 -2.16 -5.37 -20.34
CA ALA C 24 -2.56 -4.16 -19.65
C ALA C 24 -3.92 -4.37 -19.01
N SER C 25 -4.13 -3.74 -17.87
CA SER C 25 -5.45 -3.81 -17.25
C SER C 25 -5.63 -2.69 -16.23
N GLY C 26 -6.88 -2.48 -15.85
CA GLY C 26 -7.24 -1.41 -14.96
C GLY C 26 -7.57 -0.11 -15.63
N TYR C 27 -7.67 -0.09 -16.96
CA TYR C 27 -8.10 1.12 -17.67
C TYR C 27 -8.57 0.73 -19.08
N THR C 28 -9.10 1.71 -19.79
CA THR C 28 -9.54 1.55 -21.18
C THR C 28 -8.36 1.33 -22.12
N PHE C 29 -8.10 0.06 -22.47
CA PHE C 29 -6.93 -0.30 -23.26
C PHE C 29 -6.88 0.46 -24.59
N THR C 30 -8.03 0.70 -25.21
CA THR C 30 -8.03 1.19 -26.59
C THR C 30 -7.79 2.69 -26.74
N THR C 31 -7.71 3.46 -25.66
CA THR C 31 -7.66 4.91 -25.80
C THR C 31 -6.35 5.52 -25.34
N TYR C 32 -5.40 4.71 -24.88
CA TYR C 32 -4.10 5.20 -24.48
C TYR C 32 -3.03 4.59 -25.36
N TRP C 33 -2.10 5.43 -25.79
CA TRP C 33 -0.88 4.99 -26.45
C TRP C 33 -0.02 4.21 -25.47
N ILE C 34 0.65 3.19 -26.00
CA ILE C 34 1.60 2.40 -25.23
C ILE C 34 2.95 2.59 -25.89
N GLN C 35 3.91 3.06 -25.11
CA GLN C 35 5.26 3.36 -25.55
C GLN C 35 6.14 2.16 -25.21
N TRP C 36 7.21 1.98 -26.00
CA TRP C 36 8.20 0.92 -25.77
C TRP C 36 9.60 1.53 -25.67
N VAL C 37 10.37 1.01 -24.73
CA VAL C 37 11.64 1.58 -24.34
C VAL C 37 12.63 0.44 -24.20
N LYS C 38 13.85 0.67 -24.68
CA LYS C 38 14.94 -0.31 -24.61
C LYS C 38 16.03 0.23 -23.72
N GLN C 39 16.62 -0.64 -22.90
CA GLN C 39 17.72 -0.23 -22.03
C GLN C 39 18.77 -1.32 -22.07
N ARG C 40 19.90 -1.04 -22.71
CA ARG C 40 20.95 -2.04 -22.83
C ARG C 40 21.65 -2.20 -21.50
N PRO C 41 22.28 -3.40 -21.25
CA PRO C 41 22.92 -3.66 -19.95
C PRO C 41 23.86 -2.55 -19.50
N GLY C 42 23.58 -2.00 -18.32
CA GLY C 42 24.32 -0.89 -17.77
C GLY C 42 24.22 0.42 -18.53
N GLN C 43 23.21 0.61 -19.38
CA GLN C 43 23.09 1.80 -20.22
C GLN C 43 21.80 2.56 -19.93
N GLY C 44 21.58 3.62 -20.70
CA GLY C 44 20.44 4.49 -20.48
C GLY C 44 19.19 4.07 -21.24
N LEU C 45 18.10 4.77 -20.96
CA LEU C 45 16.84 4.47 -21.60
C LEU C 45 16.82 4.98 -23.04
N GLU C 46 16.24 4.21 -23.94
CA GLU C 46 16.03 4.64 -25.32
C GLU C 46 14.61 4.35 -25.75
N TRP C 47 13.89 5.39 -26.18
CA TRP C 47 12.53 5.24 -26.69
C TRP C 47 12.59 4.73 -28.11
N ILE C 48 11.81 3.70 -28.43
CA ILE C 48 11.90 3.06 -29.72
C ILE C 48 10.60 3.06 -30.53
N GLY C 49 9.42 3.19 -29.92
CA GLY C 49 8.19 3.23 -30.70
C GLY C 49 6.97 3.23 -29.81
N ALA C 50 5.80 3.13 -30.45
CA ALA C 50 4.53 3.22 -29.76
C ALA C 50 3.40 2.63 -30.59
N ILE C 51 2.33 2.23 -29.87
CA ILE C 51 1.15 1.59 -30.44
C ILE C 51 -0.11 2.24 -29.86
N TYR C 52 -1.09 2.50 -30.72
CA TYR C 52 -2.40 2.94 -30.27
C TYR C 52 -3.37 1.77 -30.44
N PRO C 53 -3.72 1.06 -29.36
CA PRO C 53 -4.47 -0.20 -29.55
C PRO C 53 -5.84 0.00 -30.18
N GLY C 54 -6.46 1.18 -30.03
CA GLY C 54 -7.74 1.45 -30.68
C GLY C 54 -7.75 1.14 -32.17
N ASP C 55 -6.69 1.48 -32.89
CA ASP C 55 -6.74 1.20 -34.32
C ASP C 55 -5.43 0.62 -34.87
N GLY C 56 -4.51 0.16 -34.02
CA GLY C 56 -3.30 -0.45 -34.51
C GLY C 56 -2.25 0.49 -35.05
N ASP C 57 -2.50 1.80 -35.03
CA ASP C 57 -1.53 2.78 -35.52
C ASP C 57 -0.26 2.77 -34.68
N THR C 58 0.88 3.05 -35.32
CA THR C 58 2.18 2.87 -34.66
C THR C 58 3.09 4.05 -34.99
N ARG C 59 4.17 4.14 -34.21
CA ARG C 59 5.29 5.03 -34.50
C ARG C 59 6.57 4.30 -34.13
N TYR C 60 7.66 4.60 -34.85
CA TYR C 60 8.95 4.00 -34.57
C TYR C 60 10.02 5.07 -34.66
N ILE C 61 11.08 4.91 -33.85
CA ILE C 61 12.30 5.63 -34.17
C ILE C 61 12.88 5.02 -35.44
N GLN C 62 13.71 5.79 -36.15
CA GLN C 62 14.06 5.43 -37.52
C GLN C 62 14.81 4.11 -37.62
N ASN C 63 15.61 3.76 -36.61
CA ASN C 63 16.35 2.51 -36.67
C ASN C 63 15.41 1.30 -36.80
N PHE C 64 14.37 1.24 -35.96
CA PHE C 64 13.80 -0.03 -35.53
C PHE C 64 12.71 -0.58 -36.44
N LYS C 65 12.25 0.17 -37.44
CA LYS C 65 11.25 -0.38 -38.35
C LYS C 65 11.82 -1.62 -39.06
N GLY C 66 10.97 -2.65 -39.21
CA GLY C 66 11.37 -3.92 -39.82
C GLY C 66 12.03 -4.88 -38.82
N LYS C 67 13.13 -4.42 -38.20
CA LYS C 67 13.66 -5.09 -37.02
C LYS C 67 12.58 -5.33 -35.98
N ALA C 68 11.72 -4.33 -35.73
CA ALA C 68 10.63 -4.43 -34.77
C ALA C 68 9.27 -4.30 -35.45
N THR C 69 8.29 -5.02 -34.91
CA THR C 69 6.90 -4.92 -35.34
C THR C 69 6.02 -4.83 -34.12
N LEU C 70 5.29 -3.74 -33.99
CA LEU C 70 4.40 -3.56 -32.86
C LEU C 70 2.99 -3.91 -33.28
N THR C 71 2.24 -4.58 -32.40
CA THR C 71 0.83 -4.82 -32.65
C THR C 71 0.08 -4.82 -31.33
N ALA C 72 -1.24 -4.90 -31.41
CA ALA C 72 -2.02 -5.12 -30.20
C ALA C 72 -3.29 -5.85 -30.53
N ASP C 73 -3.84 -6.44 -29.50
CA ASP C 73 -5.02 -7.29 -29.59
C ASP C 73 -5.97 -6.82 -28.50
N LYS C 74 -7.10 -6.25 -28.93
CA LYS C 74 -8.01 -5.59 -28.02
C LYS C 74 -8.79 -6.57 -27.19
N SER C 75 -8.99 -7.78 -27.71
CA SER C 75 -9.81 -8.73 -26.98
C SER C 75 -9.07 -9.34 -25.81
N SER C 76 -7.73 -9.27 -25.79
CA SER C 76 -6.98 -9.74 -24.64
C SER C 76 -6.22 -8.60 -23.95
N SER C 77 -6.58 -7.34 -24.27
CA SER C 77 -5.90 -6.14 -23.74
C SER C 77 -4.38 -6.32 -23.73
N THR C 78 -3.82 -6.75 -24.86
CA THR C 78 -2.40 -7.11 -24.88
C THR C 78 -1.68 -6.48 -26.06
N ALA C 79 -0.52 -5.88 -25.79
CA ALA C 79 0.34 -5.28 -26.81
C ALA C 79 1.58 -6.14 -27.01
N TYR C 80 1.99 -6.31 -28.28
CA TYR C 80 3.05 -7.23 -28.63
C TYR C 80 4.17 -6.53 -29.38
N MET C 81 5.40 -6.92 -29.07
CA MET C 81 6.57 -6.49 -29.83
C MET C 81 7.29 -7.69 -30.40
N GLN C 82 7.26 -7.86 -31.72
CA GLN C 82 8.06 -8.87 -32.39
C GLN C 82 9.42 -8.27 -32.74
N LEU C 83 10.48 -8.91 -32.27
CA LEU C 83 11.84 -8.55 -32.64
C LEU C 83 12.40 -9.62 -33.56
N SER C 84 12.85 -9.21 -34.73
CA SER C 84 13.28 -10.17 -35.72
C SER C 84 14.78 -10.06 -35.97
N SER C 85 15.35 -11.16 -36.46
CA SER C 85 16.72 -11.18 -36.95
C SER C 85 17.70 -10.69 -35.87
N LEU C 86 17.63 -11.34 -34.70
CA LEU C 86 18.32 -10.80 -33.54
C LEU C 86 19.84 -10.81 -33.73
N ALA C 87 20.49 -9.75 -33.25
CA ALA C 87 21.94 -9.65 -33.12
C ALA C 87 22.28 -9.30 -31.66
N SER C 88 23.57 -9.21 -31.33
CA SER C 88 23.92 -9.03 -29.92
C SER C 88 23.55 -7.62 -29.42
N GLU C 89 23.48 -6.64 -30.32
CA GLU C 89 23.06 -5.29 -29.94
C GLU C 89 21.61 -5.23 -29.50
N ASP C 90 20.80 -6.24 -29.79
CA ASP C 90 19.41 -6.30 -29.36
C ASP C 90 19.23 -6.86 -27.96
N SER C 91 20.30 -7.39 -27.33
CA SER C 91 20.24 -7.82 -25.94
C SER C 91 20.01 -6.60 -25.05
N ALA C 92 18.97 -6.65 -24.22
CA ALA C 92 18.59 -5.48 -23.44
C ALA C 92 17.36 -5.84 -22.63
N VAL C 93 16.99 -4.94 -21.72
CA VAL C 93 15.65 -4.98 -21.16
C VAL C 93 14.75 -4.11 -22.02
N TYR C 94 13.51 -4.55 -22.21
CA TYR C 94 12.50 -3.82 -22.97
C TYR C 94 11.30 -3.57 -22.07
N TYR C 95 10.94 -2.29 -21.92
CA TYR C 95 9.76 -1.92 -21.15
C TYR C 95 8.62 -1.43 -22.06
N CYS C 96 7.41 -1.72 -21.64
CA CYS C 96 6.25 -1.00 -22.15
C CYS C 96 5.73 -0.08 -21.05
N ALA C 97 5.09 1.00 -21.47
CA ALA C 97 4.72 2.07 -20.54
C ALA C 97 3.58 2.88 -21.13
N ARG C 98 2.57 3.16 -20.33
CA ARG C 98 1.39 3.84 -20.84
C ARG C 98 1.57 5.36 -20.80
N SER C 99 1.18 6.03 -21.86
CA SER C 99 1.05 7.48 -21.79
C SER C 99 0.10 7.88 -20.67
N LEU C 100 0.41 8.99 -19.99
CA LEU C 100 -0.34 9.34 -18.80
C LEU C 100 -1.71 9.95 -19.09
N ALA C 101 -2.09 10.15 -20.37
CA ALA C 101 -3.45 10.59 -20.69
C ALA C 101 -3.80 10.05 -22.07
N THR C 102 -5.08 10.09 -22.42
CA THR C 102 -5.60 9.44 -23.66
C THR C 102 -5.56 10.31 -24.91
N ARG C 103 -5.72 9.63 -26.06
CA ARG C 103 -5.88 10.15 -27.45
C ARG C 103 -4.57 10.65 -28.06
N GLY C 104 -3.44 10.58 -27.35
CA GLY C 104 -2.20 11.10 -27.95
C GLY C 104 -0.97 10.79 -27.14
N PHE C 105 0.19 11.27 -27.61
CA PHE C 105 1.46 11.00 -26.94
C PHE C 105 1.61 11.85 -25.69
N TYR C 106 2.05 11.23 -24.62
CA TYR C 106 2.44 11.89 -23.39
C TYR C 106 3.58 11.10 -22.79
N ALA C 107 4.27 11.70 -21.82
CA ALA C 107 5.19 10.94 -20.96
C ALA C 107 4.47 9.76 -20.33
N MET C 108 5.20 8.88 -19.68
CA MET C 108 4.72 7.57 -19.28
C MET C 108 4.66 7.42 -17.75
N ASP C 109 3.48 7.04 -17.24
CA ASP C 109 3.29 6.89 -15.79
C ASP C 109 3.38 5.45 -15.31
N TYR C 110 2.64 4.54 -15.94
CA TYR C 110 2.63 3.15 -15.51
C TYR C 110 3.53 2.32 -16.41
N TRP C 111 4.49 1.65 -15.81
CA TRP C 111 5.49 0.87 -16.52
C TRP C 111 5.32 -0.62 -16.24
N GLY C 112 5.47 -1.43 -17.29
CA GLY C 112 5.72 -2.85 -17.11
C GLY C 112 7.02 -3.08 -16.34
N GLN C 113 7.22 -4.31 -15.87
CA GLN C 113 8.41 -4.57 -15.09
C GLN C 113 9.64 -4.82 -15.95
N GLY C 114 9.47 -4.92 -17.28
CA GLY C 114 10.60 -5.17 -18.16
C GLY C 114 10.77 -6.62 -18.59
N THR C 115 11.01 -6.85 -19.89
CA THR C 115 11.40 -8.16 -20.40
C THR C 115 12.88 -8.14 -20.76
N SER C 116 13.65 -9.05 -20.18
CA SER C 116 15.05 -9.19 -20.55
C SER C 116 15.15 -10.05 -21.80
N VAL C 117 16.05 -9.66 -22.71
CA VAL C 117 16.29 -10.41 -23.93
C VAL C 117 17.80 -10.59 -24.02
N THR C 118 18.25 -11.83 -24.14
CA THR C 118 19.66 -12.15 -24.27
C THR C 118 19.88 -12.90 -25.57
N VAL C 119 20.70 -12.33 -26.46
CA VAL C 119 21.00 -12.93 -27.76
C VAL C 119 22.36 -13.61 -27.67
N SER C 120 22.37 -14.95 -27.64
CA SER C 120 23.61 -15.70 -27.44
C SER C 120 23.54 -17.08 -28.07
N SER C 121 24.71 -17.58 -28.46
CA SER C 121 24.87 -18.95 -28.97
C SER C 121 25.19 -19.97 -27.90
N ALA C 122 25.60 -19.55 -26.70
CA ALA C 122 26.15 -20.48 -25.74
C ALA C 122 25.06 -21.39 -25.15
N LYS C 123 25.42 -22.66 -24.96
CA LYS C 123 24.48 -23.63 -24.41
C LYS C 123 24.24 -23.37 -22.92
N THR C 124 23.00 -23.56 -22.48
CA THR C 124 22.70 -23.51 -21.05
C THR C 124 23.58 -24.51 -20.29
N THR C 125 24.25 -24.01 -19.25
CA THR C 125 25.27 -24.77 -18.54
C THR C 125 25.16 -24.49 -17.05
N ALA C 126 25.24 -25.54 -16.24
CA ALA C 126 25.21 -25.39 -14.81
C ALA C 126 26.43 -24.61 -14.33
N PRO C 127 26.36 -23.98 -13.16
CA PRO C 127 27.53 -23.31 -12.59
C PRO C 127 28.41 -24.24 -11.79
N SER C 128 29.69 -23.90 -11.71
CA SER C 128 30.65 -24.62 -10.88
C SER C 128 30.95 -23.78 -9.64
N VAL C 129 30.79 -24.38 -8.47
CA VAL C 129 31.01 -23.67 -7.21
C VAL C 129 32.37 -24.07 -6.64
N TYR C 130 33.12 -23.07 -6.15
CA TYR C 130 34.45 -23.25 -5.62
C TYR C 130 34.62 -22.46 -4.33
N PRO C 131 35.05 -23.11 -3.25
CA PRO C 131 35.20 -22.40 -1.97
C PRO C 131 36.57 -21.76 -1.85
N LEU C 132 36.62 -20.70 -1.06
CA LEU C 132 37.82 -19.89 -0.90
C LEU C 132 38.01 -19.62 0.59
N ALA C 133 39.08 -20.18 1.14
CA ALA C 133 39.45 -20.07 2.54
C ALA C 133 40.87 -19.56 2.65
N PRO C 134 41.23 -18.92 3.79
CA PRO C 134 42.58 -18.42 4.10
C PRO C 134 43.72 -19.42 3.88
N SER C 142 40.62 -10.17 13.72
CA SER C 142 39.54 -9.19 13.87
C SER C 142 38.22 -9.77 13.37
N SER C 143 37.88 -9.44 12.13
CA SER C 143 36.91 -10.19 11.33
C SER C 143 37.66 -11.10 10.36
N VAL C 144 36.92 -12.00 9.73
CA VAL C 144 37.48 -12.87 8.70
C VAL C 144 36.51 -12.94 7.52
N THR C 145 37.08 -13.07 6.32
CA THR C 145 36.32 -13.05 5.08
C THR C 145 36.45 -14.40 4.39
N LEU C 146 35.33 -14.95 3.95
CA LEU C 146 35.30 -16.23 3.26
C LEU C 146 34.62 -16.06 1.91
N GLY C 147 35.10 -16.81 0.91
CA GLY C 147 34.72 -16.59 -0.47
C GLY C 147 34.03 -17.78 -1.11
N CYS C 148 33.12 -17.48 -2.04
CA CYS C 148 32.38 -18.45 -2.83
C CYS C 148 32.48 -18.02 -4.29
N LEU C 149 32.93 -18.93 -5.16
CA LEU C 149 33.20 -18.61 -6.55
C LEU C 149 32.26 -19.42 -7.44
N VAL C 150 31.54 -18.74 -8.32
CA VAL C 150 30.58 -19.36 -9.23
C VAL C 150 31.09 -19.16 -10.65
N LYS C 151 31.28 -20.27 -11.37
CA LYS C 151 32.11 -20.33 -12.56
C LYS C 151 31.36 -20.92 -13.73
N GLY C 152 31.45 -20.26 -14.88
CA GLY C 152 31.05 -20.79 -16.17
C GLY C 152 29.63 -21.30 -16.30
N TYR C 153 28.68 -20.53 -15.83
CA TYR C 153 27.29 -20.90 -16.02
C TYR C 153 26.67 -20.08 -17.15
N PHE C 154 25.47 -20.45 -17.51
CA PHE C 154 24.70 -19.78 -18.53
C PHE C 154 23.27 -20.33 -18.54
N PRO C 155 22.26 -19.47 -18.59
CA PRO C 155 22.43 -18.01 -18.60
C PRO C 155 22.36 -17.39 -17.19
N GLU C 156 22.41 -16.05 -17.12
CA GLU C 156 22.08 -15.35 -15.89
C GLU C 156 20.62 -15.62 -15.52
N PRO C 157 20.26 -15.51 -14.23
CA PRO C 157 21.15 -15.23 -13.10
C PRO C 157 21.38 -16.45 -12.24
N VAL C 158 22.39 -16.40 -11.41
CA VAL C 158 22.51 -17.34 -10.30
C VAL C 158 22.05 -16.62 -9.05
N THR C 159 21.55 -17.38 -8.10
CA THR C 159 21.20 -16.85 -6.78
C THR C 159 22.17 -17.41 -5.75
N LEU C 160 22.61 -16.54 -4.86
CA LEU C 160 23.64 -16.89 -3.90
C LEU C 160 23.25 -16.39 -2.52
N THR C 161 23.17 -17.31 -1.57
CA THR C 161 22.98 -17.01 -0.16
C THR C 161 23.99 -17.79 0.65
N TRP C 162 24.04 -17.50 1.95
CA TRP C 162 25.02 -18.08 2.85
C TRP C 162 24.34 -18.77 4.02
N ASN C 163 24.72 -20.02 4.27
CA ASN C 163 24.13 -20.85 5.31
C ASN C 163 22.59 -20.80 5.24
N SER C 164 22.11 -21.03 4.01
CA SER C 164 20.69 -20.99 3.65
C SER C 164 20.04 -19.64 3.94
N GLY C 165 20.82 -18.56 3.86
CA GLY C 165 20.35 -17.21 4.13
C GLY C 165 20.51 -16.75 5.57
N SER C 166 21.08 -17.59 6.44
CA SER C 166 21.19 -17.28 7.85
C SER C 166 21.97 -16.00 8.09
N SER C 168 23.21 -12.64 6.58
CA SER C 168 22.60 -11.74 5.61
C SER C 168 23.37 -10.45 5.46
N SER C 169 24.03 -10.02 6.52
CA SER C 169 24.81 -8.80 6.50
C SER C 169 26.29 -9.12 6.42
N GLY C 170 27.08 -8.12 6.04
CA GLY C 170 28.48 -8.37 5.77
C GLY C 170 28.72 -9.30 4.62
N VAL C 171 27.76 -9.42 3.70
CA VAL C 171 27.90 -10.25 2.51
C VAL C 171 27.83 -9.34 1.28
N HIS C 172 28.78 -9.52 0.37
CA HIS C 172 28.79 -8.83 -0.91
C HIS C 172 28.79 -9.89 -2.01
N THR C 173 27.83 -9.81 -2.93
CA THR C 173 27.88 -10.59 -4.15
C THR C 173 28.21 -9.64 -5.29
N PHE C 174 29.16 -10.04 -6.13
CA PHE C 174 29.59 -9.13 -7.18
C PHE C 174 28.91 -9.46 -8.49
N PRO C 175 28.66 -8.48 -9.35
CA PRO C 175 27.94 -8.78 -10.60
C PRO C 175 28.73 -9.76 -11.45
N ALA C 176 27.98 -10.55 -12.23
CA ALA C 176 28.60 -11.59 -13.04
C ALA C 176 29.38 -11.00 -14.19
N VAL C 177 30.62 -11.46 -14.37
CA VAL C 177 31.46 -11.09 -15.51
C VAL C 177 31.39 -12.20 -16.55
N LEU C 178 31.19 -11.82 -17.81
CA LEU C 178 31.15 -12.74 -18.93
C LEU C 178 32.57 -12.90 -19.49
N GLN C 179 33.15 -14.10 -19.34
CA GLN C 179 34.44 -14.41 -19.92
C GLN C 179 34.32 -15.69 -20.73
N SER C 180 34.94 -15.68 -21.92
CA SER C 180 34.91 -16.82 -22.83
C SER C 180 33.48 -17.30 -23.09
N ASP C 181 32.52 -16.37 -23.06
CA ASP C 181 31.10 -16.61 -23.32
C ASP C 181 30.42 -17.43 -22.22
N LEU C 182 30.96 -17.45 -21.00
CA LEU C 182 30.24 -17.96 -19.84
C LEU C 182 30.41 -16.98 -18.67
N TYR C 183 29.40 -16.94 -17.80
CA TYR C 183 29.37 -15.99 -16.70
C TYR C 183 30.10 -16.53 -15.47
N THR C 184 30.56 -15.61 -14.64
CA THR C 184 31.36 -15.98 -13.47
C THR C 184 31.29 -14.85 -12.46
N LEU C 185 30.86 -15.15 -11.23
CA LEU C 185 30.81 -14.14 -10.19
C LEU C 185 31.34 -14.75 -8.90
N SER C 186 31.32 -13.95 -7.85
CA SER C 186 31.73 -14.44 -6.55
C SER C 186 30.90 -13.75 -5.49
N SER C 187 31.03 -14.27 -4.28
CA SER C 187 30.42 -13.67 -3.09
C SER C 187 31.40 -13.81 -1.93
N SER C 188 31.24 -12.95 -0.93
CA SER C 188 32.16 -12.87 0.18
C SER C 188 31.40 -12.50 1.44
N VAL C 189 31.78 -13.12 2.56
CA VAL C 189 31.20 -12.81 3.86
C VAL C 189 32.28 -12.37 4.82
N THR C 190 32.00 -11.29 5.54
CA THR C 190 32.77 -10.86 6.69
C THR C 190 32.08 -11.40 7.94
N VAL C 191 32.85 -12.10 8.78
CA VAL C 191 32.36 -12.53 10.09
C VAL C 191 33.50 -12.42 11.10
N THR C 192 33.14 -12.30 12.36
CA THR C 192 34.12 -12.10 13.42
C THR C 192 35.06 -13.30 13.54
N SER C 193 36.27 -13.04 14.07
CA SER C 193 37.33 -14.04 14.05
C SER C 193 37.00 -15.27 14.91
N SER C 194 36.18 -15.10 15.96
CA SER C 194 35.94 -16.19 16.90
C SER C 194 35.00 -17.24 16.30
N THR C 195 33.99 -16.79 15.55
CA THR C 195 32.98 -17.69 14.99
C THR C 195 33.53 -18.67 13.97
N TRP C 196 34.76 -18.48 13.49
CA TRP C 196 35.38 -19.36 12.49
C TRP C 196 36.85 -19.56 12.85
N PRO C 197 37.42 -20.75 12.59
CA PRO C 197 36.83 -21.91 11.91
C PRO C 197 36.02 -22.81 12.85
N SER C 198 35.61 -22.25 14.00
CA SER C 198 34.89 -23.03 15.00
C SER C 198 33.62 -23.63 14.44
N GLN C 199 32.79 -22.82 13.78
CA GLN C 199 31.54 -23.26 13.20
C GLN C 199 31.70 -23.41 11.71
N SER C 200 30.76 -24.12 11.08
CA SER C 200 30.82 -24.37 9.65
C SER C 200 30.13 -23.25 8.88
N ILE C 201 30.59 -23.06 7.64
CA ILE C 201 30.10 -22.01 6.75
C ILE C 201 29.92 -22.60 5.34
N THR C 202 28.77 -22.32 4.72
CA THR C 202 28.44 -22.87 3.41
C THR C 202 27.66 -21.85 2.60
N CYS C 203 28.07 -21.62 1.35
CA CYS C 203 27.29 -20.76 0.46
C CYS C 203 26.26 -21.60 -0.29
N ASN C 204 25.10 -21.01 -0.48
CA ASN C 204 23.95 -21.69 -1.07
C ASN C 204 23.70 -21.10 -2.45
N VAL C 205 24.18 -21.80 -3.48
CA VAL C 205 24.05 -21.37 -4.87
C VAL C 205 22.91 -22.14 -5.53
N ALA C 206 22.15 -21.44 -6.38
CA ALA C 206 21.06 -22.05 -7.11
C ALA C 206 20.95 -21.40 -8.49
N HIS C 207 20.91 -22.24 -9.53
CA HIS C 207 20.68 -21.76 -10.90
C HIS C 207 19.46 -22.47 -11.47
N PRO C 208 18.33 -21.78 -11.67
CA PRO C 208 17.09 -22.50 -12.04
C PRO C 208 17.09 -23.06 -13.45
N ALA C 209 17.65 -22.34 -14.44
CA ALA C 209 17.70 -22.85 -15.81
C ALA C 209 18.30 -24.25 -15.83
N SER C 210 19.54 -24.37 -15.35
CA SER C 210 20.18 -25.67 -15.24
C SER C 210 19.65 -26.51 -14.08
N SER C 211 18.99 -25.88 -13.11
CA SER C 211 18.33 -26.55 -11.99
C SER C 211 19.26 -27.55 -11.30
N THR C 212 20.37 -27.00 -10.78
CA THR C 212 21.35 -27.77 -9.99
C THR C 212 21.70 -26.91 -8.77
N LYS C 213 20.98 -27.13 -7.67
CA LYS C 213 21.28 -26.43 -6.42
C LYS C 213 22.48 -27.09 -5.75
N VAL C 214 23.56 -26.33 -5.58
CA VAL C 214 24.81 -26.83 -5.04
C VAL C 214 25.21 -25.97 -3.85
N ASP C 215 25.81 -26.61 -2.84
CA ASP C 215 26.33 -25.92 -1.66
C ASP C 215 27.77 -26.35 -1.44
N LYS C 216 28.53 -25.50 -0.74
CA LYS C 216 29.93 -25.82 -0.47
C LYS C 216 30.34 -25.34 0.91
N LYS C 217 30.95 -26.24 1.69
CA LYS C 217 31.45 -25.92 3.02
C LYS C 217 32.85 -25.32 2.94
N ILE C 218 33.17 -24.46 3.89
CA ILE C 218 34.48 -23.83 3.98
C ILE C 218 35.10 -24.20 5.33
N GLU C 219 36.23 -24.92 5.28
CA GLU C 219 37.03 -25.36 6.41
C GLU C 219 38.46 -25.34 5.90
N PRO C 220 39.44 -24.92 6.70
CA PRO C 220 40.83 -24.86 6.21
C PRO C 220 41.37 -26.23 5.81
N ASP D 1 14.94 15.25 -35.22
CA ASP D 1 15.40 14.71 -33.93
C ASP D 1 15.79 15.85 -32.98
N ILE D 2 15.12 15.92 -31.84
CA ILE D 2 15.61 16.73 -30.74
C ILE D 2 16.62 15.93 -29.95
N VAL D 3 17.80 16.47 -29.80
CA VAL D 3 18.88 15.78 -29.11
C VAL D 3 18.84 16.18 -27.64
N MET D 4 19.40 15.31 -26.80
CA MET D 4 19.19 15.34 -25.35
C MET D 4 20.50 15.27 -24.59
N THR D 5 20.93 16.38 -24.02
CA THR D 5 22.20 16.39 -23.29
C THR D 5 21.90 16.49 -21.80
N GLN D 6 22.23 15.45 -21.05
CA GLN D 6 22.04 15.45 -19.61
C GLN D 6 23.41 15.50 -18.94
N SER D 7 23.51 16.26 -17.84
CA SER D 7 24.78 16.40 -17.15
C SER D 7 24.56 16.67 -15.68
N PRO D 8 25.48 16.20 -14.80
CA PRO D 8 26.61 15.39 -15.19
C PRO D 8 26.19 13.93 -15.28
N ALA D 9 27.04 13.09 -15.86
CA ALA D 9 26.75 11.66 -15.90
C ALA D 9 26.85 11.00 -14.54
N SER D 10 27.64 11.57 -13.62
CA SER D 10 27.94 10.96 -12.33
C SER D 10 27.99 12.05 -11.27
N LEU D 11 27.33 11.82 -10.16
CA LEU D 11 27.22 12.86 -9.16
C LEU D 11 27.33 12.26 -7.77
N SER D 12 28.12 12.91 -6.92
CA SER D 12 28.22 12.53 -5.51
C SER D 12 27.84 13.72 -4.65
N MET D 13 26.92 13.49 -3.70
CA MET D 13 26.50 14.51 -2.76
C MET D 13 26.43 13.90 -1.37
N ALA D 14 26.75 14.71 -0.36
CA ALA D 14 26.59 14.27 1.01
C ALA D 14 25.16 14.48 1.46
N ILE D 15 24.74 13.73 2.50
CA ILE D 15 23.38 13.82 2.98
C ILE D 15 23.05 15.25 3.36
N GLY D 16 21.87 15.71 2.95
CA GLY D 16 21.42 17.04 3.26
C GLY D 16 21.79 18.10 2.25
N GLU D 17 22.67 17.80 1.29
CA GLU D 17 23.10 18.79 0.33
C GLU D 17 22.19 18.83 -0.91
N LYS D 18 22.30 19.93 -1.65
CA LYS D 18 21.42 20.16 -2.79
C LYS D 18 21.95 19.45 -4.02
N VAL D 19 21.05 18.79 -4.74
CA VAL D 19 21.38 18.10 -5.98
C VAL D 19 20.77 18.89 -7.13
N THR D 20 21.59 19.16 -8.15
CA THR D 20 21.17 19.82 -9.38
C THR D 20 21.64 18.99 -10.56
N ILE D 21 20.70 18.59 -11.41
CA ILE D 21 20.96 17.89 -12.66
C ILE D 21 20.42 18.76 -13.79
N ARG D 22 21.17 18.84 -14.88
CA ARG D 22 20.84 19.71 -16.01
C ARG D 22 20.52 18.90 -17.26
N CYS D 23 19.68 19.49 -18.11
CA CYS D 23 19.19 18.79 -19.28
C CYS D 23 18.92 19.85 -20.34
N ILE D 24 19.57 19.68 -21.49
CA ILE D 24 19.66 20.69 -22.53
C ILE D 24 19.15 20.07 -23.83
N THR D 25 18.17 20.74 -24.46
CA THR D 25 17.58 20.26 -25.70
C THR D 25 18.13 21.01 -26.90
N SER D 26 18.19 20.33 -28.03
CA SER D 26 18.69 20.93 -29.26
C SER D 26 17.63 21.76 -29.96
N THR D 27 16.38 21.73 -29.51
CA THR D 27 15.36 22.64 -30.01
C THR D 27 14.57 23.21 -28.86
N ASP D 28 13.71 24.16 -29.19
CA ASP D 28 12.83 24.81 -28.23
C ASP D 28 11.63 23.91 -27.97
N ILE D 29 11.50 23.42 -26.72
CA ILE D 29 10.43 22.44 -26.38
C ILE D 29 9.31 23.07 -25.53
N ASP D 30 9.40 24.36 -25.22
CA ASP D 30 8.32 25.09 -24.49
C ASP D 30 7.94 24.42 -23.16
N ASP D 31 8.92 24.03 -22.34
CA ASP D 31 8.69 23.45 -20.98
C ASP D 31 8.18 22.00 -21.01
N ASP D 32 8.27 21.30 -22.16
CA ASP D 32 7.83 19.88 -22.21
C ASP D 32 8.98 18.97 -21.74
N MET D 33 9.34 19.03 -20.45
CA MET D 33 10.45 18.24 -19.87
C MET D 33 9.91 17.38 -18.73
N ASN D 34 10.38 16.12 -18.65
CA ASN D 34 9.93 15.18 -17.64
C ASN D 34 11.14 14.55 -17.00
N TRP D 35 10.98 14.13 -15.75
CA TRP D 35 12.10 13.60 -14.97
C TRP D 35 11.73 12.29 -14.30
N TYR D 36 12.60 11.30 -14.49
CA TYR D 36 12.44 9.91 -14.07
C TYR D 36 13.54 9.50 -13.12
N GLN D 37 13.19 8.59 -12.19
CA GLN D 37 14.11 7.97 -11.26
C GLN D 37 14.07 6.45 -11.44
N GLN D 38 15.24 5.81 -11.47
CA GLN D 38 15.31 4.37 -11.65
C GLN D 38 16.33 3.78 -10.69
N LYS D 39 15.85 2.92 -9.84
CA LYS D 39 16.65 2.10 -8.95
C LYS D 39 16.94 0.74 -9.57
N PRO D 40 18.00 0.06 -9.12
CA PRO D 40 18.40 -1.21 -9.76
C PRO D 40 17.28 -2.25 -9.81
N GLY D 41 17.10 -2.82 -11.00
CA GLY D 41 16.12 -3.86 -11.21
C GLY D 41 14.69 -3.37 -11.37
N GLU D 42 14.42 -2.08 -11.17
CA GLU D 42 13.06 -1.58 -11.32
C GLU D 42 12.91 -0.80 -12.62
N PRO D 43 11.68 -0.63 -13.09
CA PRO D 43 11.46 0.28 -14.19
C PRO D 43 11.58 1.72 -13.73
N PRO D 44 11.93 2.62 -14.62
CA PRO D 44 11.85 4.06 -14.32
C PRO D 44 10.56 4.46 -13.61
N LYS D 45 10.65 5.46 -12.76
CA LYS D 45 9.49 6.02 -12.09
C LYS D 45 9.39 7.51 -12.42
N LEU D 46 8.21 7.95 -12.88
CA LEU D 46 7.97 9.36 -13.21
C LEU D 46 7.91 10.18 -11.92
N LEU D 47 8.88 11.08 -11.74
CA LEU D 47 8.83 11.98 -10.60
C LEU D 47 8.18 13.30 -10.96
N ILE D 48 8.50 13.85 -12.13
CA ILE D 48 8.00 15.18 -12.51
C ILE D 48 7.62 15.18 -13.98
N SER D 49 6.37 15.52 -14.31
CA SER D 49 5.94 15.61 -15.69
C SER D 49 5.95 17.06 -16.17
N GLU D 50 5.65 17.25 -17.46
CA GLU D 50 5.86 18.52 -18.13
C GLU D 50 5.12 19.67 -17.44
N GLY D 51 5.68 20.87 -17.57
CA GLY D 51 5.22 21.99 -16.79
C GLY D 51 5.62 21.95 -15.33
N ASN D 52 6.74 21.29 -14.98
CA ASN D 52 7.23 21.18 -13.60
C ASN D 52 6.20 20.59 -12.65
N THR D 53 5.33 19.73 -13.17
CA THR D 53 4.25 19.09 -12.43
C THR D 53 4.76 17.92 -11.61
N LEU D 54 4.84 18.09 -10.30
CA LEU D 54 5.24 17.01 -9.42
C LEU D 54 4.15 15.93 -9.35
N ARG D 55 4.57 14.69 -9.39
CA ARG D 55 3.63 13.59 -9.45
C ARG D 55 3.02 13.27 -8.08
N PRO D 56 1.79 12.73 -8.06
CA PRO D 56 1.18 12.33 -6.78
C PRO D 56 2.05 11.31 -6.04
N GLY D 57 2.33 11.60 -4.77
CA GLY D 57 3.11 10.73 -3.91
C GLY D 57 4.59 11.03 -3.86
N VAL D 58 5.07 11.99 -4.64
CA VAL D 58 6.51 12.19 -4.78
C VAL D 58 6.94 13.24 -3.78
N PRO D 59 8.05 13.03 -3.07
CA PRO D 59 8.42 13.97 -2.00
C PRO D 59 8.71 15.37 -2.52
N SER D 60 8.32 16.36 -1.70
CA SER D 60 8.34 17.76 -2.09
C SER D 60 9.75 18.33 -2.23
N ARG D 61 10.79 17.58 -1.87
CA ARG D 61 12.14 18.06 -2.11
C ARG D 61 12.52 17.98 -3.59
N PHE D 62 11.74 17.27 -4.39
CA PHE D 62 11.98 17.20 -5.83
C PHE D 62 11.27 18.35 -6.52
N SER D 63 11.99 19.08 -7.36
CA SER D 63 11.34 20.08 -8.20
C SER D 63 12.16 20.22 -9.47
N SER D 64 11.60 20.96 -10.42
CA SER D 64 12.26 21.20 -11.69
C SER D 64 11.93 22.61 -12.14
N SER D 65 12.70 23.09 -13.10
CA SER D 65 12.36 24.34 -13.78
C SER D 65 13.07 24.38 -15.12
N GLY D 66 12.74 25.41 -15.89
CA GLY D 66 13.22 25.52 -17.24
C GLY D 66 12.07 25.68 -18.21
N TYR D 67 12.32 26.48 -19.25
CA TYR D 67 11.34 26.71 -20.31
C TYR D 67 12.14 27.11 -21.53
N GLY D 68 12.11 26.27 -22.56
CA GLY D 68 12.81 26.55 -23.81
C GLY D 68 13.77 25.44 -24.18
N THR D 69 15.04 25.58 -23.78
CA THR D 69 16.07 24.60 -24.11
C THR D 69 16.89 24.12 -22.93
N ASP D 70 16.80 24.77 -21.77
CA ASP D 70 17.76 24.60 -20.67
C ASP D 70 17.01 24.33 -19.38
N PHE D 71 17.12 23.11 -18.84
CA PHE D 71 16.24 22.65 -17.80
C PHE D 71 17.05 22.13 -16.60
N VAL D 72 16.44 22.20 -15.42
CA VAL D 72 17.08 21.80 -14.18
C VAL D 72 16.13 20.96 -13.35
N PHE D 73 16.69 19.92 -12.73
CA PHE D 73 16.00 19.07 -11.77
C PHE D 73 16.76 19.18 -10.46
N THR D 74 16.05 19.37 -9.35
CA THR D 74 16.69 19.61 -8.06
C THR D 74 16.10 18.74 -6.98
N ILE D 75 17.00 18.19 -6.15
CA ILE D 75 16.64 17.64 -4.84
C ILE D 75 17.17 18.59 -3.78
N GLU D 76 16.27 19.12 -2.96
CA GLU D 76 16.67 20.12 -1.96
C GLU D 76 17.73 19.57 -1.04
N ASN D 77 17.47 18.41 -0.45
CA ASN D 77 18.34 17.81 0.53
C ASN D 77 18.48 16.33 0.22
N MET D 78 19.69 15.90 -0.10
CA MET D 78 19.97 14.49 -0.32
C MET D 78 19.52 13.64 0.86
N LEU D 79 18.72 12.61 0.57
CA LEU D 79 18.49 11.50 1.46
C LEU D 79 19.04 10.24 0.81
N SER D 80 19.39 9.26 1.63
CA SER D 80 20.08 8.10 1.08
C SER D 80 19.19 7.25 0.19
N GLU D 81 17.88 7.41 0.30
CA GLU D 81 16.97 6.72 -0.59
C GLU D 81 16.88 7.37 -1.98
N ASP D 82 17.53 8.52 -2.19
CA ASP D 82 17.55 9.21 -3.48
C ASP D 82 18.66 8.71 -4.40
N VAL D 83 19.60 7.92 -3.88
CA VAL D 83 20.61 7.21 -4.64
C VAL D 83 19.93 6.44 -5.77
N ALA D 84 20.28 6.75 -7.02
CA ALA D 84 19.48 6.24 -8.13
C ALA D 84 20.03 6.79 -9.44
N ASP D 85 19.50 6.29 -10.55
CA ASP D 85 19.73 6.87 -11.87
C ASP D 85 18.56 7.80 -12.21
N TYR D 86 18.88 8.97 -12.74
CA TYR D 86 17.90 9.96 -13.12
C TYR D 86 17.96 10.20 -14.63
N TYR D 87 16.81 10.45 -15.23
CA TYR D 87 16.72 10.58 -16.67
C TYR D 87 15.72 11.66 -16.99
N CYS D 88 16.08 12.59 -17.87
CA CYS D 88 15.06 13.46 -18.43
C CYS D 88 14.50 12.84 -19.69
N LEU D 89 13.31 13.31 -20.06
CA LEU D 89 12.65 12.92 -21.29
C LEU D 89 11.90 14.12 -21.85
N GLN D 90 12.24 14.52 -23.08
CA GLN D 90 11.43 15.51 -23.78
C GLN D 90 10.20 14.81 -24.36
N SER D 91 9.03 15.38 -24.12
CA SER D 91 7.78 14.85 -24.67
C SER D 91 7.21 15.79 -25.73
N ASP D 92 8.05 16.67 -26.28
CA ASP D 92 7.55 17.75 -27.14
C ASP D 92 7.21 17.25 -28.54
N ASN D 93 8.04 16.41 -29.14
CA ASN D 93 7.76 16.01 -30.51
C ASN D 93 8.48 14.71 -30.79
N LEU D 94 8.14 14.12 -31.93
CA LEU D 94 8.64 12.81 -32.26
C LEU D 94 9.95 12.90 -33.06
N PRO D 95 10.91 12.00 -32.79
CA PRO D 95 10.78 10.90 -31.81
C PRO D 95 10.95 11.35 -30.35
N TYR D 96 10.31 10.68 -29.40
CA TYR D 96 10.63 11.00 -28.01
C TYR D 96 12.09 10.66 -27.76
N THR D 97 12.70 11.38 -26.83
CA THR D 97 14.12 11.13 -26.61
C THR D 97 14.49 11.42 -25.16
N PHE D 98 15.20 10.46 -24.56
CA PHE D 98 15.70 10.53 -23.20
C PHE D 98 17.06 11.20 -23.14
N GLY D 99 17.37 11.83 -22.01
CA GLY D 99 18.75 12.16 -21.69
C GLY D 99 19.58 10.94 -21.34
N GLY D 100 20.89 11.10 -21.36
CA GLY D 100 21.77 9.96 -21.14
C GLY D 100 21.75 9.42 -19.71
N GLY D 101 21.26 10.20 -18.74
CA GLY D 101 21.19 9.71 -17.38
C GLY D 101 22.27 10.23 -16.44
N THR D 102 21.89 10.48 -15.20
CA THR D 102 22.80 10.82 -14.11
C THR D 102 22.78 9.69 -13.09
N LYS D 103 23.95 9.18 -12.72
CA LYS D 103 24.05 8.22 -11.61
C LYS D 103 24.37 9.00 -10.34
N LEU D 104 23.44 9.00 -9.40
CA LEU D 104 23.55 9.74 -8.14
C LEU D 104 23.91 8.79 -7.00
N GLU D 105 25.03 9.08 -6.33
CA GLU D 105 25.56 8.28 -5.23
C GLU D 105 25.87 9.16 -4.01
N ILE D 106 26.18 8.52 -2.89
CA ILE D 106 26.39 9.21 -1.61
C ILE D 106 27.87 9.54 -1.43
N LYS D 107 28.14 10.79 -1.02
CA LYS D 107 29.49 11.23 -0.66
C LYS D 107 29.67 11.07 0.84
N ARG D 108 30.55 10.14 1.25
CA ARG D 108 30.82 9.77 2.64
C ARG D 108 32.29 9.99 2.98
N ALA D 109 32.61 9.94 4.28
CA ALA D 109 33.99 10.03 4.72
C ALA D 109 34.80 8.86 4.17
N ASP D 110 36.06 9.13 3.82
CA ASP D 110 36.83 8.11 3.10
C ASP D 110 37.09 6.88 3.96
N ALA D 111 37.38 5.77 3.29
CA ALA D 111 37.61 4.49 3.96
C ALA D 111 38.62 3.67 3.17
N ALA D 112 39.46 2.94 3.91
CA ALA D 112 40.48 2.10 3.31
C ALA D 112 39.93 0.69 3.06
N PRO D 113 40.34 0.08 1.95
CA PRO D 113 39.77 -1.21 1.52
C PRO D 113 40.35 -2.38 2.29
N THR D 114 39.53 -2.99 3.16
CA THR D 114 39.96 -4.19 3.87
C THR D 114 40.10 -5.33 2.87
N VAL D 115 41.32 -5.82 2.66
CA VAL D 115 41.61 -6.73 1.55
C VAL D 115 41.82 -8.15 2.08
N SER D 116 41.39 -9.11 1.26
CA SER D 116 41.68 -10.53 1.47
C SER D 116 42.03 -11.15 0.12
N ILE D 117 42.79 -12.24 0.15
CA ILE D 117 43.17 -12.95 -1.06
C ILE D 117 43.04 -14.44 -0.80
N PHE D 118 42.68 -15.18 -1.86
CA PHE D 118 42.36 -16.57 -1.75
C PHE D 118 42.99 -17.34 -2.92
N PRO D 119 43.64 -18.45 -2.61
CA PRO D 119 44.21 -19.30 -3.64
C PRO D 119 43.19 -20.33 -4.09
N PRO D 120 43.32 -20.85 -5.31
CA PRO D 120 42.31 -21.76 -5.84
C PRO D 120 42.00 -22.90 -4.89
N SER D 121 40.74 -23.34 -4.92
CA SER D 121 40.34 -24.54 -4.22
C SER D 121 40.89 -25.77 -4.94
N SER D 122 40.94 -26.89 -4.21
CA SER D 122 41.55 -28.10 -4.75
C SER D 122 40.73 -28.67 -5.91
N GLU D 123 39.40 -28.71 -5.75
CA GLU D 123 38.53 -29.23 -6.81
C GLU D 123 38.56 -28.36 -8.06
N GLN D 124 39.03 -27.11 -7.94
CA GLN D 124 39.22 -26.25 -9.10
C GLN D 124 40.45 -26.67 -9.90
N LEU D 125 41.55 -27.03 -9.22
CA LEU D 125 42.74 -27.51 -9.91
C LEU D 125 42.43 -28.79 -10.69
N THR D 126 41.58 -29.65 -10.12
CA THR D 126 41.05 -30.80 -10.85
C THR D 126 40.56 -30.41 -12.23
N SER D 127 40.05 -29.18 -12.37
CA SER D 127 39.70 -28.58 -13.66
C SER D 127 38.68 -29.43 -14.40
N SER D 131 42.53 -20.58 -10.35
CA SER D 131 42.01 -19.23 -10.44
C SER D 131 42.04 -18.55 -9.08
N VAL D 132 42.68 -17.37 -9.02
CA VAL D 132 42.97 -16.71 -7.76
C VAL D 132 42.06 -15.50 -7.61
N VAL D 133 41.67 -15.23 -6.36
CA VAL D 133 40.62 -14.27 -6.06
C VAL D 133 41.14 -13.26 -5.05
N CYS D 134 40.73 -12.00 -5.23
CA CYS D 134 41.15 -10.89 -4.42
C CYS D 134 39.90 -10.09 -4.10
N PHE D 135 39.68 -9.81 -2.82
CA PHE D 135 38.56 -8.99 -2.37
C PHE D 135 39.09 -7.73 -1.72
N LEU D 136 38.46 -6.60 -2.04
CA LEU D 136 38.79 -5.31 -1.46
C LEU D 136 37.47 -4.74 -0.97
N ASN D 137 37.17 -4.88 0.31
CA ASN D 137 35.84 -4.64 0.83
C ASN D 137 35.75 -3.30 1.55
N ASN D 138 34.61 -2.62 1.33
CA ASN D 138 34.12 -1.54 2.18
C ASN D 138 35.05 -0.33 2.15
N PHE D 139 35.50 0.04 0.96
CA PHE D 139 36.32 1.21 0.77
C PHE D 139 35.52 2.36 0.17
N TYR D 140 36.18 3.51 0.05
CA TYR D 140 35.61 4.72 -0.52
C TYR D 140 36.72 5.71 -0.82
N PRO D 141 36.72 6.37 -1.99
CA PRO D 141 35.74 6.30 -3.08
C PRO D 141 35.88 5.08 -3.99
N LYS D 142 35.09 5.07 -5.07
CA LYS D 142 34.96 3.88 -5.91
C LYS D 142 36.22 3.61 -6.74
N ASP D 143 37.07 4.60 -6.95
CA ASP D 143 38.23 4.45 -7.83
C ASP D 143 39.32 3.64 -7.13
N ILE D 144 39.87 2.65 -7.84
CA ILE D 144 40.84 1.73 -7.28
C ILE D 144 41.45 0.91 -8.42
N ASN D 145 42.73 0.55 -8.30
CA ASN D 145 43.45 -0.18 -9.33
C ASN D 145 44.10 -1.44 -8.74
N VAL D 146 44.13 -2.51 -9.54
CA VAL D 146 44.58 -3.82 -9.07
C VAL D 146 45.40 -4.48 -10.19
N LYS D 147 46.69 -4.67 -9.96
CA LYS D 147 47.58 -5.31 -10.93
C LYS D 147 48.18 -6.58 -10.34
N VAL D 159 43.34 -10.46 -16.01
CA VAL D 159 42.73 -10.21 -14.67
C VAL D 159 41.25 -9.89 -14.85
N LEU D 160 40.42 -10.20 -13.85
CA LEU D 160 38.96 -9.94 -13.91
C LEU D 160 38.58 -8.99 -12.75
N ASN D 161 37.87 -7.91 -13.05
CA ASN D 161 37.46 -6.94 -12.00
C ASN D 161 35.94 -6.82 -11.99
N SER D 162 35.37 -6.45 -10.84
CA SER D 162 33.92 -6.28 -10.68
C SER D 162 33.63 -5.49 -9.42
N TRP D 163 32.84 -4.43 -9.54
CA TRP D 163 32.44 -3.63 -8.39
C TRP D 163 31.03 -3.97 -7.97
N THR D 164 30.73 -3.70 -6.72
CA THR D 164 29.35 -3.72 -6.29
C THR D 164 28.75 -2.33 -6.44
N ASP D 165 27.42 -2.28 -6.26
CA ASP D 165 26.76 -1.00 -6.06
C ASP D 165 27.13 -0.41 -4.72
N GLN D 166 26.97 0.90 -4.60
CA GLN D 166 27.17 1.54 -3.32
C GLN D 166 26.32 0.85 -2.26
N ASP D 167 26.96 0.50 -1.14
CA ASP D 167 26.25 -0.23 -0.11
C ASP D 167 25.20 0.67 0.55
N SER D 168 24.05 0.08 0.86
CA SER D 168 22.92 0.85 1.33
C SER D 168 23.02 1.22 2.81
N LYS D 169 24.02 0.71 3.53
CA LYS D 169 24.14 1.01 4.96
C LYS D 169 25.35 1.85 5.31
N ASP D 170 26.52 1.59 4.71
CA ASP D 170 27.71 2.37 4.98
C ASP D 170 28.17 3.18 3.78
N SER D 171 27.49 3.06 2.64
CA SER D 171 27.77 3.88 1.45
C SER D 171 29.18 3.66 0.92
N THR D 172 29.69 2.43 1.01
CA THR D 172 31.00 2.10 0.49
C THR D 172 30.87 1.13 -0.68
N TYR D 173 32.04 0.73 -1.20
CA TYR D 173 32.15 -0.13 -2.36
C TYR D 173 33.03 -1.33 -2.04
N SER D 174 32.88 -2.38 -2.83
CA SER D 174 33.70 -3.56 -2.69
C SER D 174 34.05 -4.06 -4.08
N MET D 175 35.20 -4.72 -4.19
CA MET D 175 35.70 -5.11 -5.51
C MET D 175 36.26 -6.53 -5.50
N SER D 176 36.01 -7.26 -6.58
CA SER D 176 36.53 -8.61 -6.78
C SER D 176 37.48 -8.62 -7.97
N SER D 177 38.68 -9.14 -7.76
CA SER D 177 39.68 -9.28 -8.82
C SER D 177 40.11 -10.73 -8.90
N THR D 178 39.91 -11.34 -10.07
CA THR D 178 40.27 -12.77 -10.28
C THR D 178 40.93 -12.95 -11.67
N LEU D 179 41.83 -13.92 -11.79
CA LEU D 179 42.52 -14.21 -13.08
C LEU D 179 42.72 -15.72 -13.20
N THR D 180 42.93 -16.22 -14.43
CA THR D 180 43.15 -17.66 -14.67
C THR D 180 44.26 -18.16 -13.73
N ALA D 196 47.09 -3.58 -5.05
CA ALA D 196 45.95 -2.66 -5.03
C ALA D 196 46.36 -1.24 -4.66
N THR D 197 45.80 -0.25 -5.37
CA THR D 197 46.13 1.16 -5.16
C THR D 197 44.83 1.97 -5.03
N HIS D 198 44.76 2.79 -3.99
CA HIS D 198 43.53 3.50 -3.63
C HIS D 198 43.87 4.84 -2.98
N LYS D 199 42.97 5.81 -3.16
CA LYS D 199 43.24 7.19 -2.78
C LYS D 199 43.61 7.35 -1.32
N THR D 200 43.34 6.36 -0.47
CA THR D 200 43.48 6.54 0.98
C THR D 200 44.91 6.83 1.36
N SER D 201 45.84 5.98 0.94
CA SER D 201 47.20 6.04 1.43
C SER D 201 48.18 5.89 0.27
N THR D 202 49.46 6.15 0.56
CA THR D 202 50.53 6.01 -0.43
C THR D 202 50.95 4.55 -0.61
N SER D 203 50.95 3.78 0.50
CA SER D 203 51.36 2.38 0.55
C SER D 203 50.33 1.47 -0.10
N PRO D 204 50.54 1.01 -1.36
CA PRO D 204 49.57 0.11 -1.98
C PRO D 204 49.40 -1.18 -1.19
N ILE D 205 48.23 -1.33 -0.54
CA ILE D 205 48.01 -2.47 0.35
C ILE D 205 48.10 -3.77 -0.45
N VAL D 206 48.96 -4.68 0.04
CA VAL D 206 49.18 -5.98 -0.66
C VAL D 206 49.15 -7.13 0.36
N LYS D 207 48.32 -8.14 0.09
CA LYS D 207 48.21 -9.35 0.96
C LYS D 207 48.66 -10.56 0.13
N SER D 208 49.58 -11.37 0.66
CA SER D 208 50.08 -12.56 -0.06
C SER D 208 49.68 -13.84 0.69
N GLU E 1 -29.08 18.56 -59.16
CA GLU E 1 -29.68 17.87 -58.03
C GLU E 1 -30.94 18.63 -57.61
N VAL E 2 -32.01 17.87 -57.48
CA VAL E 2 -33.32 18.45 -57.27
C VAL E 2 -33.44 18.87 -55.82
N GLN E 3 -33.86 20.10 -55.60
CA GLN E 3 -34.05 20.56 -54.24
C GLN E 3 -35.33 21.35 -54.16
N LEU E 4 -36.10 21.07 -53.12
CA LEU E 4 -37.23 21.90 -52.68
C LEU E 4 -36.86 22.46 -51.30
N GLN E 5 -36.60 23.76 -51.26
CA GLN E 5 -36.26 24.51 -50.06
C GLN E 5 -37.53 25.20 -49.53
N GLN E 6 -38.10 24.68 -48.46
CA GLN E 6 -39.23 25.31 -47.81
C GLN E 6 -38.77 26.30 -46.76
N SER E 7 -39.68 27.19 -46.37
CA SER E 7 -39.41 28.29 -45.48
C SER E 7 -39.61 27.87 -44.02
N GLY E 8 -39.11 28.69 -43.08
CA GLY E 8 -38.99 28.32 -41.69
C GLY E 8 -40.30 28.28 -40.92
N ALA E 9 -40.20 27.88 -39.64
CA ALA E 9 -41.40 27.64 -38.83
C ALA E 9 -42.21 28.93 -38.61
N GLU E 10 -43.53 28.77 -38.46
CA GLU E 10 -44.46 29.87 -38.29
C GLU E 10 -45.25 29.71 -37.00
N LEU E 11 -45.42 30.82 -36.29
CA LEU E 11 -46.41 30.95 -35.22
C LEU E 11 -47.47 31.94 -35.66
N ALA E 12 -48.73 31.61 -35.40
CA ALA E 12 -49.81 32.48 -35.80
C ALA E 12 -50.93 32.40 -34.77
N ARG E 13 -51.60 33.54 -34.57
CA ARG E 13 -52.77 33.60 -33.72
C ARG E 13 -53.98 33.10 -34.49
N PRO E 14 -55.00 32.63 -33.78
CA PRO E 14 -56.25 32.26 -34.45
C PRO E 14 -56.81 33.40 -35.31
N GLY E 15 -57.45 33.03 -36.42
CA GLY E 15 -57.91 33.96 -37.43
C GLY E 15 -56.83 34.61 -38.27
N ALA E 16 -55.55 34.36 -37.97
CA ALA E 16 -54.48 35.00 -38.72
C ALA E 16 -54.25 34.25 -40.04
N SER E 17 -53.19 34.62 -40.74
CA SER E 17 -52.93 34.22 -42.11
C SER E 17 -51.43 34.00 -42.27
N VAL E 18 -51.06 32.95 -43.00
CA VAL E 18 -49.67 32.57 -43.14
C VAL E 18 -49.37 32.19 -44.58
N LYS E 19 -48.17 32.52 -45.05
CA LYS E 19 -47.75 32.21 -46.41
C LYS E 19 -46.51 31.32 -46.38
N LEU E 20 -46.68 30.04 -46.71
CA LEU E 20 -45.60 29.09 -46.85
C LEU E 20 -45.00 29.15 -48.25
N SER E 21 -43.68 29.08 -48.34
CA SER E 21 -43.05 29.06 -49.65
C SER E 21 -42.18 27.82 -49.81
N CYS E 22 -41.91 27.52 -51.08
CA CYS E 22 -41.22 26.29 -51.49
C CYS E 22 -40.43 26.65 -52.76
N LYS E 23 -39.12 26.81 -52.61
CA LYS E 23 -38.26 27.26 -53.69
C LYS E 23 -37.62 26.04 -54.38
N ALA E 24 -37.84 25.95 -55.68
CA ALA E 24 -37.41 24.81 -56.46
C ALA E 24 -36.10 25.09 -57.16
N SER E 25 -35.20 24.12 -57.15
CA SER E 25 -34.01 24.23 -57.97
C SER E 25 -33.64 22.86 -58.52
N GLY E 26 -32.89 22.89 -59.62
CA GLY E 26 -32.27 21.70 -60.16
C GLY E 26 -33.08 20.97 -61.18
N TYR E 27 -34.22 21.52 -61.62
CA TYR E 27 -35.02 20.91 -62.69
C TYR E 27 -35.86 21.99 -63.35
N THR E 28 -36.58 21.63 -64.40
CA THR E 28 -37.40 22.61 -65.12
C THR E 28 -38.67 22.83 -64.31
N PHE E 29 -38.69 23.94 -63.55
CA PHE E 29 -39.75 24.25 -62.59
C PHE E 29 -41.14 24.22 -63.21
N THR E 30 -41.27 24.65 -64.46
CA THR E 30 -42.62 24.86 -65.00
C THR E 30 -43.27 23.62 -65.58
N THR E 31 -42.61 22.45 -65.60
CA THR E 31 -43.20 21.28 -66.22
C THR E 31 -43.50 20.14 -65.25
N TYR E 32 -43.40 20.36 -63.93
CA TYR E 32 -43.80 19.38 -62.94
C TYR E 32 -44.87 19.96 -62.00
N TRP E 33 -45.91 19.19 -61.77
CA TRP E 33 -46.84 19.49 -60.69
C TRP E 33 -46.12 19.40 -59.35
N ILE E 34 -46.33 20.42 -58.51
CA ILE E 34 -45.92 20.39 -57.10
C ILE E 34 -47.14 20.03 -56.29
N GLN E 35 -47.00 18.99 -55.48
CA GLN E 35 -48.03 18.48 -54.57
C GLN E 35 -47.81 19.05 -53.16
N TRP E 36 -48.90 19.23 -52.43
CA TRP E 36 -48.85 19.72 -51.06
C TRP E 36 -49.47 18.70 -50.11
N VAL E 37 -48.81 18.49 -48.97
CA VAL E 37 -49.18 17.46 -48.02
C VAL E 37 -49.16 18.02 -46.61
N LYS E 38 -50.15 17.60 -45.82
CA LYS E 38 -50.32 18.05 -44.44
C LYS E 38 -50.10 16.89 -43.49
N GLN E 39 -49.31 17.11 -42.44
CA GLN E 39 -49.12 16.11 -41.39
C GLN E 39 -49.35 16.77 -40.03
N ARG E 40 -50.52 16.51 -39.43
CA ARG E 40 -50.80 16.96 -38.08
C ARG E 40 -49.89 16.20 -37.10
N PRO E 41 -49.57 16.81 -35.95
CA PRO E 41 -48.54 16.22 -35.06
C PRO E 41 -48.89 14.79 -34.66
N GLY E 42 -47.90 13.91 -34.82
CA GLY E 42 -48.09 12.50 -34.52
C GLY E 42 -49.17 11.80 -35.32
N GLN E 43 -49.62 12.40 -36.42
CA GLN E 43 -50.66 11.86 -37.30
C GLN E 43 -50.06 11.43 -38.64
N GLY E 44 -50.93 10.92 -39.52
CA GLY E 44 -50.51 10.50 -40.83
C GLY E 44 -50.53 11.62 -41.87
N LEU E 45 -50.03 11.30 -43.05
CA LEU E 45 -49.97 12.27 -44.14
C LEU E 45 -51.35 12.42 -44.76
N GLU E 46 -51.67 13.66 -45.13
CA GLU E 46 -52.91 13.96 -45.81
C GLU E 46 -52.62 14.84 -47.02
N TRP E 47 -53.13 14.43 -48.19
CA TRP E 47 -52.90 15.18 -49.42
C TRP E 47 -53.87 16.37 -49.51
N ILE E 48 -53.32 17.52 -49.89
CA ILE E 48 -53.99 18.81 -49.79
C ILE E 48 -54.38 19.37 -51.16
N GLY E 49 -53.47 19.28 -52.13
CA GLY E 49 -53.71 19.87 -53.42
C GLY E 49 -52.41 20.00 -54.18
N ALA E 50 -52.47 20.73 -55.28
CA ALA E 50 -51.37 20.72 -56.22
C ALA E 50 -51.42 21.97 -57.06
N ILE E 51 -50.24 22.31 -57.58
CA ILE E 51 -50.05 23.48 -58.43
C ILE E 51 -49.20 23.06 -59.63
N TYR E 52 -49.55 23.58 -60.82
CA TYR E 52 -48.73 23.40 -62.04
C TYR E 52 -48.07 24.72 -62.37
N PRO E 53 -46.81 24.93 -62.00
CA PRO E 53 -46.25 26.29 -62.07
C PRO E 53 -46.22 26.87 -63.48
N GLY E 54 -46.36 26.04 -64.51
CA GLY E 54 -46.31 26.55 -65.87
C GLY E 54 -47.47 27.47 -66.21
N ASP E 55 -48.67 27.16 -65.72
CA ASP E 55 -49.85 27.96 -66.03
C ASP E 55 -50.66 28.38 -64.80
N GLY E 56 -50.16 28.14 -63.59
CA GLY E 56 -50.91 28.46 -62.38
C GLY E 56 -52.07 27.55 -62.03
N ASP E 57 -52.27 26.44 -62.75
CA ASP E 57 -53.43 25.59 -62.51
C ASP E 57 -53.32 24.88 -61.16
N THR E 58 -54.46 24.61 -60.55
CA THR E 58 -54.50 24.12 -59.19
C THR E 58 -55.46 22.95 -59.07
N ARG E 59 -55.24 22.13 -58.05
CA ARG E 59 -56.21 21.15 -57.60
C ARG E 59 -56.26 21.20 -56.09
N TYR E 60 -57.43 20.89 -55.53
CA TYR E 60 -57.62 20.96 -54.09
C TYR E 60 -58.42 19.78 -53.60
N ILE E 61 -58.19 19.46 -52.33
CA ILE E 61 -59.06 18.51 -51.58
C ILE E 61 -60.37 19.31 -51.38
N GLN E 62 -61.52 18.65 -51.35
CA GLN E 62 -62.83 19.37 -51.44
C GLN E 62 -63.02 20.47 -50.39
N ASN E 63 -62.72 20.22 -49.12
CA ASN E 63 -62.93 21.26 -48.07
C ASN E 63 -61.97 22.46 -48.20
N PHE E 64 -60.72 22.19 -48.62
CA PHE E 64 -59.56 23.13 -48.60
C PHE E 64 -59.57 24.37 -49.51
N LYS E 65 -60.42 24.52 -50.52
CA LYS E 65 -60.23 25.71 -51.35
C LYS E 65 -60.59 26.98 -50.58
N GLY E 66 -61.47 26.90 -49.59
CA GLY E 66 -61.64 28.03 -48.69
C GLY E 66 -60.37 28.39 -47.94
N LYS E 67 -59.81 27.42 -47.20
CA LYS E 67 -58.70 27.67 -46.28
C LYS E 67 -57.45 28.16 -47.01
N ALA E 68 -57.18 27.62 -48.20
CA ALA E 68 -55.86 27.64 -48.79
C ALA E 68 -55.90 28.16 -50.21
N THR E 69 -54.81 28.84 -50.59
CA THR E 69 -54.61 29.32 -51.96
C THR E 69 -53.21 28.93 -52.42
N LEU E 70 -53.12 28.21 -53.51
CA LEU E 70 -51.85 27.83 -54.10
C LEU E 70 -51.52 28.77 -55.26
N THR E 71 -50.28 29.20 -55.33
CA THR E 71 -49.83 30.03 -56.44
C THR E 71 -48.39 29.65 -56.73
N ALA E 72 -47.85 30.17 -57.83
CA ALA E 72 -46.45 29.92 -58.17
C ALA E 72 -45.91 31.11 -58.94
N ASP E 73 -44.65 31.46 -58.68
CA ASP E 73 -43.95 32.54 -59.37
C ASP E 73 -42.77 31.91 -60.11
N LYS E 74 -42.80 32.00 -61.45
CA LYS E 74 -41.77 31.40 -62.29
C LYS E 74 -40.41 32.09 -62.14
N SER E 75 -40.39 33.43 -62.09
CA SER E 75 -39.11 34.13 -62.12
C SER E 75 -38.24 33.76 -60.92
N SER E 76 -38.86 33.37 -59.81
CA SER E 76 -38.10 32.93 -58.64
C SER E 76 -38.23 31.43 -58.40
N SER E 77 -38.83 30.68 -59.33
CA SER E 77 -39.02 29.24 -59.18
C SER E 77 -39.59 28.88 -57.80
N THR E 78 -40.63 29.58 -57.40
CA THR E 78 -41.13 29.38 -56.05
C THR E 78 -42.64 29.13 -56.07
N ALA E 79 -43.09 28.18 -55.27
CA ALA E 79 -44.52 27.90 -55.13
C ALA E 79 -44.95 28.30 -53.73
N TYR E 80 -46.21 28.71 -53.59
CA TYR E 80 -46.69 29.28 -52.34
C TYR E 80 -48.02 28.68 -51.95
N MET E 81 -48.17 28.45 -50.66
CA MET E 81 -49.47 28.13 -50.07
C MET E 81 -49.83 29.20 -49.06
N GLN E 82 -50.96 29.83 -49.25
CA GLN E 82 -51.54 30.72 -48.28
C GLN E 82 -52.58 29.96 -47.46
N LEU E 83 -52.53 30.13 -46.14
CA LEU E 83 -53.55 29.64 -45.22
C LEU E 83 -54.17 30.82 -44.50
N SER E 84 -55.49 30.84 -44.44
CA SER E 84 -56.17 31.99 -43.87
C SER E 84 -57.22 31.53 -42.86
N SER E 85 -57.70 32.48 -42.07
CA SER E 85 -58.53 32.22 -40.89
C SER E 85 -58.01 31.01 -40.12
N LEU E 86 -56.77 31.13 -39.64
CA LEU E 86 -56.12 30.01 -39.00
C LEU E 86 -56.88 29.55 -37.75
N ALA E 87 -56.98 28.24 -37.58
CA ALA E 87 -57.55 27.65 -36.38
C ALA E 87 -56.64 26.50 -35.95
N SER E 88 -56.92 25.95 -34.77
CA SER E 88 -55.98 25.01 -34.14
C SER E 88 -55.79 23.75 -34.99
N GLU E 89 -56.81 23.34 -35.74
CA GLU E 89 -56.69 22.18 -36.61
C GLU E 89 -55.80 22.42 -37.83
N ASP E 90 -55.33 23.64 -38.05
CA ASP E 90 -54.34 23.91 -39.08
C ASP E 90 -52.91 23.75 -38.58
N SER E 91 -52.73 23.56 -37.28
CA SER E 91 -51.40 23.33 -36.74
C SER E 91 -50.87 22.02 -37.28
N ALA E 92 -49.74 22.07 -37.99
CA ALA E 92 -49.26 20.87 -38.68
C ALA E 92 -47.92 21.20 -39.30
N VAL E 93 -47.28 20.18 -39.86
CA VAL E 93 -46.19 20.36 -40.80
C VAL E 93 -46.77 20.25 -42.20
N TYR E 94 -46.40 21.17 -43.06
CA TYR E 94 -46.81 21.16 -44.46
C TYR E 94 -45.57 20.87 -45.31
N TYR E 95 -45.69 19.89 -46.21
CA TYR E 95 -44.66 19.52 -47.15
C TYR E 95 -45.07 19.96 -48.54
N CYS E 96 -44.12 20.44 -49.33
CA CYS E 96 -44.28 20.41 -50.78
C CYS E 96 -43.42 19.29 -51.32
N ALA E 97 -43.81 18.76 -52.48
CA ALA E 97 -43.16 17.57 -53.02
C ALA E 97 -43.42 17.51 -54.52
N ARG E 98 -42.39 17.26 -55.31
CA ARG E 98 -42.52 17.24 -56.77
C ARG E 98 -43.09 15.92 -57.26
N SER E 99 -44.01 15.99 -58.22
CA SER E 99 -44.40 14.77 -58.92
C SER E 99 -43.18 14.18 -59.66
N LEU E 100 -43.15 12.85 -59.78
CA LEU E 100 -41.93 12.22 -60.26
C LEU E 100 -41.71 12.29 -61.78
N ALA E 101 -42.69 12.72 -62.57
CA ALA E 101 -42.51 12.93 -64.02
C ALA E 101 -43.34 14.14 -64.45
N THR E 102 -43.10 14.61 -65.68
CA THR E 102 -43.72 15.89 -66.16
C THR E 102 -45.13 15.74 -66.73
N ARG E 103 -45.77 16.90 -66.97
CA ARG E 103 -47.08 17.07 -67.64
C ARG E 103 -48.19 16.22 -67.00
N GLY E 104 -48.26 16.15 -65.67
CA GLY E 104 -49.34 15.35 -65.07
C GLY E 104 -49.07 14.93 -63.64
N PHE E 105 -50.10 14.38 -63.00
CA PHE E 105 -50.02 13.91 -61.60
C PHE E 105 -49.40 12.52 -61.51
N TYR E 106 -48.33 12.41 -60.73
CA TYR E 106 -47.71 11.16 -60.33
C TYR E 106 -47.41 11.28 -58.84
N ALA E 107 -47.03 10.16 -58.24
CA ALA E 107 -46.53 10.17 -56.88
C ALA E 107 -45.26 11.03 -56.81
N MET E 108 -44.89 11.36 -55.57
CA MET E 108 -43.88 12.37 -55.30
C MET E 108 -42.57 11.76 -54.87
N ASP E 109 -41.50 12.14 -55.56
CA ASP E 109 -40.17 11.59 -55.31
C ASP E 109 -39.28 12.53 -54.50
N TYR E 110 -39.27 13.83 -54.81
CA TYR E 110 -38.42 14.80 -54.12
C TYR E 110 -39.27 15.66 -53.21
N TRP E 111 -38.85 15.78 -51.94
CA TRP E 111 -39.66 16.40 -50.90
C TRP E 111 -38.93 17.54 -50.22
N GLY E 112 -39.64 18.63 -49.96
CA GLY E 112 -39.14 19.62 -49.03
C GLY E 112 -39.05 19.08 -47.61
N GLN E 113 -38.35 19.82 -46.75
CA GLN E 113 -38.16 19.39 -45.37
C GLN E 113 -39.38 19.69 -44.48
N GLY E 114 -40.39 20.39 -45.00
CA GLY E 114 -41.53 20.71 -44.16
C GLY E 114 -41.48 22.06 -43.46
N THR E 115 -42.64 22.69 -43.34
CA THR E 115 -42.80 23.92 -42.56
C THR E 115 -43.80 23.64 -41.45
N SER E 116 -43.36 23.76 -40.21
CA SER E 116 -44.26 23.71 -39.08
C SER E 116 -45.05 25.01 -38.95
N VAL E 117 -46.36 24.90 -38.81
CA VAL E 117 -47.25 26.02 -38.51
C VAL E 117 -47.91 25.70 -37.19
N THR E 118 -47.73 26.56 -36.20
CA THR E 118 -48.40 26.43 -34.92
C THR E 118 -49.37 27.59 -34.75
N VAL E 119 -50.60 27.28 -34.35
CA VAL E 119 -51.65 28.26 -34.12
C VAL E 119 -51.94 28.31 -32.63
N SER E 120 -51.89 29.51 -32.04
CA SER E 120 -52.04 29.65 -30.60
C SER E 120 -52.17 31.12 -30.19
N SER E 121 -52.98 31.36 -29.15
CA SER E 121 -53.17 32.68 -28.57
C SER E 121 -52.08 33.07 -27.58
N ALA E 122 -51.22 32.14 -27.17
CA ALA E 122 -50.25 32.42 -26.11
C ALA E 122 -49.19 33.44 -26.54
N LYS E 123 -48.51 34.02 -25.57
CA LYS E 123 -47.40 34.90 -25.86
C LYS E 123 -46.13 34.35 -25.24
N THR E 124 -44.98 34.85 -25.71
CA THR E 124 -43.70 34.31 -25.30
C THR E 124 -43.54 34.37 -23.78
N THR E 125 -43.09 33.26 -23.21
CA THR E 125 -42.97 33.15 -21.76
C THR E 125 -41.70 32.35 -21.46
N ALA E 126 -40.80 32.91 -20.66
CA ALA E 126 -39.66 32.10 -20.24
C ALA E 126 -40.16 30.88 -19.46
N PRO E 127 -39.41 29.78 -19.48
CA PRO E 127 -39.74 28.64 -18.61
C PRO E 127 -39.27 28.85 -17.18
N SER E 128 -40.03 28.27 -16.25
CA SER E 128 -39.55 28.09 -14.89
C SER E 128 -38.83 26.74 -14.83
N VAL E 129 -37.66 26.72 -14.21
CA VAL E 129 -36.81 25.55 -14.19
C VAL E 129 -36.61 25.16 -12.74
N TYR E 130 -37.08 23.96 -12.38
CA TYR E 130 -36.98 23.45 -11.02
C TYR E 130 -36.10 22.22 -10.98
N PRO E 131 -35.14 22.15 -10.07
CA PRO E 131 -34.34 20.93 -9.92
C PRO E 131 -35.14 19.84 -9.22
N LEU E 132 -34.82 18.58 -9.52
CA LEU E 132 -35.53 17.45 -8.90
C LEU E 132 -34.46 16.57 -8.26
N ALA E 133 -34.31 16.68 -6.93
CA ALA E 133 -33.51 15.87 -6.05
C ALA E 133 -34.35 14.78 -5.39
N PRO E 134 -33.80 13.58 -5.17
CA PRO E 134 -34.59 12.51 -4.55
C PRO E 134 -34.87 12.82 -3.08
N VAL E 135 -35.61 11.92 -2.43
CA VAL E 135 -36.12 12.17 -1.08
C VAL E 135 -35.29 11.49 0.02
N THR E 139 -33.07 5.84 -1.09
CA THR E 139 -33.04 4.41 -1.36
C THR E 139 -31.64 3.82 -1.22
N THR E 140 -30.64 4.50 -1.81
CA THR E 140 -29.23 4.08 -1.81
C THR E 140 -28.99 2.88 -2.74
N GLY E 141 -29.65 2.87 -3.89
CA GLY E 141 -29.27 1.94 -4.95
C GLY E 141 -27.89 2.28 -5.49
N SER E 142 -27.40 1.44 -6.41
CA SER E 142 -26.10 1.70 -7.01
C SER E 142 -26.10 3.00 -7.80
N SER E 143 -27.00 3.12 -8.77
CA SER E 143 -27.18 4.34 -9.55
C SER E 143 -28.33 5.18 -8.95
N VAL E 144 -28.29 6.48 -9.20
CA VAL E 144 -29.28 7.42 -8.69
C VAL E 144 -29.80 8.28 -9.84
N THR E 145 -31.08 8.65 -9.78
CA THR E 145 -31.73 9.39 -10.83
C THR E 145 -32.08 10.77 -10.31
N LEU E 146 -31.61 11.80 -11.01
CA LEU E 146 -31.95 13.19 -10.74
C LEU E 146 -32.78 13.71 -11.90
N GLY E 147 -33.46 14.83 -11.67
CA GLY E 147 -34.34 15.35 -12.69
C GLY E 147 -34.34 16.86 -12.77
N CYS E 148 -35.13 17.34 -13.71
CA CYS E 148 -35.18 18.76 -14.04
C CYS E 148 -36.53 18.99 -14.67
N LEU E 149 -37.35 19.85 -14.05
CA LEU E 149 -38.70 20.12 -14.52
C LEU E 149 -38.72 21.52 -15.12
N VAL E 150 -39.29 21.64 -16.32
CA VAL E 150 -39.24 22.86 -17.13
C VAL E 150 -40.66 23.24 -17.51
N LYS E 151 -41.19 24.27 -16.88
CA LYS E 151 -42.63 24.47 -16.79
C LYS E 151 -43.04 25.80 -17.40
N GLY E 152 -44.16 25.79 -18.12
CA GLY E 152 -44.85 26.98 -18.51
C GLY E 152 -44.10 27.91 -19.44
N TYR E 153 -43.62 27.38 -20.55
CA TYR E 153 -42.92 28.22 -21.51
C TYR E 153 -43.72 28.29 -22.80
N PHE E 154 -43.36 29.25 -23.62
CA PHE E 154 -43.95 29.36 -24.94
C PHE E 154 -43.11 30.31 -25.75
N PRO E 155 -42.81 30.00 -27.01
CA PRO E 155 -43.18 28.74 -27.66
C PRO E 155 -42.05 27.71 -27.58
N GLU E 156 -42.21 26.60 -28.26
CA GLU E 156 -41.14 25.64 -28.42
C GLU E 156 -40.08 26.18 -29.37
N PRO E 157 -38.83 25.69 -29.27
CA PRO E 157 -38.36 24.72 -28.29
C PRO E 157 -37.48 25.31 -27.20
N VAL E 158 -37.12 24.44 -26.26
CA VAL E 158 -36.09 24.69 -25.26
C VAL E 158 -34.99 23.68 -25.48
N THR E 159 -33.76 24.09 -25.21
CA THR E 159 -32.62 23.21 -25.29
C THR E 159 -32.27 22.82 -23.87
N LEU E 160 -32.17 21.52 -23.62
CA LEU E 160 -32.00 21.01 -22.27
C LEU E 160 -30.79 20.09 -22.24
N THR E 161 -29.80 20.43 -21.43
CA THR E 161 -28.57 19.62 -21.33
C THR E 161 -28.19 19.46 -19.86
N TRP E 162 -27.33 18.49 -19.60
CA TRP E 162 -26.82 18.21 -18.27
C TRP E 162 -25.31 18.44 -18.25
N ASN E 163 -24.82 19.17 -17.26
CA ASN E 163 -23.41 19.57 -17.17
C ASN E 163 -22.88 20.06 -18.52
N SER E 164 -23.62 20.98 -19.14
CA SER E 164 -23.27 21.61 -20.41
C SER E 164 -23.03 20.60 -21.54
N GLY E 165 -23.45 19.35 -21.34
CA GLY E 165 -23.30 18.30 -22.34
C GLY E 165 -22.33 17.22 -21.98
N SER E 166 -21.48 17.42 -20.97
CA SER E 166 -20.60 16.35 -20.52
C SER E 166 -21.40 15.08 -20.23
N LEU E 167 -22.51 15.23 -19.53
CA LEU E 167 -23.35 14.13 -19.08
C LEU E 167 -24.40 13.87 -20.14
N SER E 168 -24.15 12.91 -21.02
CA SER E 168 -25.10 12.52 -22.06
C SER E 168 -25.52 11.06 -21.99
N SER E 169 -24.68 10.17 -21.45
CA SER E 169 -25.11 8.82 -21.14
C SER E 169 -26.20 8.83 -20.08
N GLY E 170 -27.29 8.12 -20.36
CA GLY E 170 -28.34 7.94 -19.36
C GLY E 170 -29.22 9.13 -19.13
N VAL E 171 -29.47 9.95 -20.17
CA VAL E 171 -30.37 11.10 -20.09
C VAL E 171 -31.65 10.74 -20.82
N HIS E 172 -32.78 11.06 -20.21
CA HIS E 172 -34.08 11.04 -20.89
C HIS E 172 -34.69 12.43 -20.87
N THR E 173 -34.85 13.03 -22.05
CA THR E 173 -35.62 14.26 -22.12
C THR E 173 -36.93 13.95 -22.81
N PHE E 174 -38.03 14.31 -22.16
CA PHE E 174 -39.33 13.85 -22.63
C PHE E 174 -39.97 14.90 -23.53
N PRO E 175 -40.81 14.51 -24.47
CA PRO E 175 -41.43 15.50 -25.36
C PRO E 175 -42.30 16.46 -24.55
N ALA E 176 -42.36 17.70 -25.02
CA ALA E 176 -43.11 18.72 -24.29
C ALA E 176 -44.61 18.44 -24.37
N VAL E 177 -45.33 18.83 -23.33
CA VAL E 177 -46.78 18.61 -23.25
C VAL E 177 -47.47 19.94 -22.95
N LEU E 178 -48.60 20.15 -23.60
CA LEU E 178 -49.39 21.37 -23.47
C LEU E 178 -50.25 21.35 -22.20
N GLN E 179 -50.22 22.45 -21.46
CA GLN E 179 -50.95 22.56 -20.20
C GLN E 179 -51.37 24.02 -20.07
N SER E 180 -52.68 24.28 -20.24
CA SER E 180 -53.21 25.64 -20.25
C SER E 180 -52.51 26.50 -21.28
N ASP E 181 -52.30 25.92 -22.46
CA ASP E 181 -51.65 26.54 -23.60
C ASP E 181 -50.21 26.95 -23.34
N LEU E 182 -49.59 26.49 -22.25
CA LEU E 182 -48.14 26.60 -22.14
C LEU E 182 -47.51 25.21 -22.19
N TYR E 183 -46.25 25.14 -22.56
CA TYR E 183 -45.55 23.86 -22.64
C TYR E 183 -44.85 23.54 -21.33
N THR E 184 -44.78 22.25 -21.02
CA THR E 184 -43.92 21.82 -19.92
C THR E 184 -43.28 20.48 -20.29
N LEU E 185 -42.04 20.29 -19.88
CA LEU E 185 -41.36 19.05 -20.12
C LEU E 185 -40.45 18.74 -18.94
N SER E 186 -39.88 17.55 -18.97
CA SER E 186 -38.98 17.16 -17.90
C SER E 186 -37.85 16.32 -18.47
N SER E 187 -36.80 16.20 -17.68
CA SER E 187 -35.61 15.48 -18.07
C SER E 187 -35.08 14.74 -16.86
N SER E 188 -34.69 13.49 -17.06
CA SER E 188 -34.05 12.71 -16.01
C SER E 188 -32.66 12.32 -16.46
N VAL E 189 -31.83 12.04 -15.47
CA VAL E 189 -30.45 11.64 -15.70
C VAL E 189 -30.10 10.68 -14.60
N THR E 190 -29.44 9.59 -14.97
CA THR E 190 -29.01 8.59 -14.01
C THR E 190 -27.50 8.55 -13.97
N VAL E 191 -26.95 8.74 -12.78
CA VAL E 191 -25.52 8.76 -12.56
C VAL E 191 -25.22 7.79 -11.44
N THR E 192 -24.03 7.21 -11.47
CA THR E 192 -23.63 6.30 -10.41
C THR E 192 -23.47 7.07 -9.11
N SER E 193 -23.94 6.48 -8.00
CA SER E 193 -24.10 7.20 -6.74
C SER E 193 -22.79 7.73 -6.16
N SER E 194 -21.65 7.16 -6.56
CA SER E 194 -20.37 7.71 -6.13
C SER E 194 -20.15 9.10 -6.73
N THR E 195 -20.76 9.37 -7.88
CA THR E 195 -20.60 10.64 -8.57
C THR E 195 -21.27 11.79 -7.82
N TRP E 196 -22.42 11.51 -7.20
CA TRP E 196 -23.28 12.56 -6.69
C TRP E 196 -23.78 12.17 -5.31
N PRO E 197 -23.80 13.11 -4.35
CA PRO E 197 -23.53 14.55 -4.49
C PRO E 197 -22.06 14.97 -4.52
N SER E 198 -21.15 14.01 -4.66
CA SER E 198 -19.73 14.33 -4.65
C SER E 198 -19.38 15.34 -5.74
N GLN E 199 -19.73 15.03 -6.98
CA GLN E 199 -19.51 15.93 -8.10
C GLN E 199 -20.83 16.61 -8.45
N SER E 200 -20.75 17.90 -8.79
CA SER E 200 -21.98 18.63 -9.05
C SER E 200 -22.61 18.19 -10.38
N ILE E 201 -23.94 18.24 -10.41
CA ILE E 201 -24.74 17.97 -11.60
C ILE E 201 -25.72 19.12 -11.80
N THR E 202 -25.78 19.65 -13.02
CA THR E 202 -26.58 20.83 -13.32
C THR E 202 -27.36 20.60 -14.59
N CYS E 203 -28.63 20.97 -14.60
CA CYS E 203 -29.31 21.06 -15.88
C CYS E 203 -29.23 22.49 -16.40
N ASN E 204 -29.15 22.60 -17.70
CA ASN E 204 -29.02 23.85 -18.43
C ASN E 204 -30.20 23.93 -19.39
N VAL E 205 -30.95 25.01 -19.30
CA VAL E 205 -32.16 25.21 -20.09
C VAL E 205 -32.00 26.53 -20.82
N ALA E 206 -32.11 26.47 -22.13
CA ALA E 206 -32.10 27.66 -22.97
C ALA E 206 -33.45 27.76 -23.65
N HIS E 207 -34.08 28.92 -23.57
CA HIS E 207 -35.29 29.23 -24.33
C HIS E 207 -34.97 30.39 -25.26
N PRO E 208 -34.52 30.10 -26.49
CA PRO E 208 -34.09 31.19 -27.40
C PRO E 208 -35.16 32.23 -27.65
N ALA E 209 -36.42 31.83 -27.78
CA ALA E 209 -37.49 32.78 -28.09
C ALA E 209 -37.58 33.89 -27.05
N SER E 210 -37.17 33.62 -25.81
CA SER E 210 -37.18 34.63 -24.75
C SER E 210 -35.77 35.03 -24.36
N SER E 211 -34.77 34.53 -25.05
CA SER E 211 -33.40 34.93 -24.78
C SER E 211 -33.07 34.70 -23.31
N THR E 212 -33.36 33.49 -22.84
CA THR E 212 -33.00 33.10 -21.48
C THR E 212 -32.16 31.82 -21.49
N LYS E 213 -31.26 31.75 -20.51
CA LYS E 213 -30.50 30.56 -20.17
C LYS E 213 -30.49 30.43 -18.65
N VAL E 214 -30.89 29.27 -18.13
CA VAL E 214 -30.88 28.99 -16.70
C VAL E 214 -29.97 27.80 -16.43
N ASP E 215 -29.24 27.85 -15.31
CA ASP E 215 -28.58 26.70 -14.71
C ASP E 215 -29.21 26.41 -13.36
N LYS E 216 -29.25 25.13 -12.97
CA LYS E 216 -29.86 24.75 -11.69
C LYS E 216 -29.13 23.53 -11.18
N LYS E 217 -28.22 23.74 -10.24
CA LYS E 217 -27.55 22.61 -9.61
C LYS E 217 -28.58 21.79 -8.84
N ILE E 218 -28.46 20.47 -8.96
CA ILE E 218 -29.32 19.57 -8.19
C ILE E 218 -28.66 19.41 -6.82
N GLU E 219 -29.25 20.02 -5.80
CA GLU E 219 -28.72 19.92 -4.45
C GLU E 219 -29.49 18.90 -3.63
N PRO E 220 -28.76 18.15 -2.81
CA PRO E 220 -29.30 16.87 -2.31
C PRO E 220 -30.60 16.96 -1.51
N ARG E 221 -30.78 17.96 -0.65
CA ARG E 221 -31.91 17.89 0.31
C ARG E 221 -33.29 17.86 -0.36
N ASP F 1 -64.57 9.62 -53.37
CA ASP F 1 -63.16 9.33 -53.54
C ASP F 1 -62.79 7.92 -53.05
N ILE F 2 -61.53 7.58 -53.27
CA ILE F 2 -61.02 6.27 -52.91
C ILE F 2 -60.45 6.35 -51.51
N VAL F 3 -60.99 5.55 -50.62
CA VAL F 3 -60.43 5.46 -49.29
C VAL F 3 -59.41 4.33 -49.29
N MET F 4 -58.47 4.41 -48.35
CA MET F 4 -57.41 3.41 -48.17
C MET F 4 -57.34 2.99 -46.70
N THR F 5 -57.43 1.71 -46.47
CA THR F 5 -57.32 1.13 -45.15
C THR F 5 -55.98 0.40 -45.05
N GLN F 6 -55.09 0.95 -44.25
CA GLN F 6 -53.79 0.37 -44.02
C GLN F 6 -53.77 -0.31 -42.67
N SER F 7 -53.16 -1.49 -42.61
CA SER F 7 -53.12 -2.28 -41.39
C SER F 7 -51.89 -3.20 -41.40
N PRO F 8 -51.37 -3.54 -40.24
CA PRO F 8 -51.80 -3.00 -38.95
C PRO F 8 -51.30 -1.58 -38.78
N ALA F 9 -51.95 -0.82 -37.89
CA ALA F 9 -51.45 0.52 -37.57
C ALA F 9 -50.19 0.46 -36.73
N SER F 10 -49.98 -0.61 -36.01
CA SER F 10 -48.78 -0.70 -35.21
C SER F 10 -48.21 -2.09 -35.32
N LEU F 11 -46.89 -2.18 -35.29
CA LEU F 11 -46.18 -3.40 -35.61
C LEU F 11 -44.87 -3.39 -34.85
N SER F 12 -44.65 -4.38 -33.98
CA SER F 12 -43.34 -4.57 -33.36
C SER F 12 -42.78 -5.91 -33.79
N MET F 13 -41.63 -5.88 -34.48
CA MET F 13 -40.98 -7.06 -35.03
C MET F 13 -39.57 -7.22 -34.47
N ALA F 14 -39.15 -8.46 -34.26
CA ALA F 14 -37.76 -8.71 -33.94
C ALA F 14 -36.89 -8.58 -35.18
N ILE F 15 -35.64 -8.21 -34.96
CA ILE F 15 -34.70 -8.07 -36.06
C ILE F 15 -34.51 -9.42 -36.75
N GLY F 16 -34.52 -9.41 -38.08
CA GLY F 16 -34.45 -10.61 -38.87
C GLY F 16 -35.77 -11.15 -39.34
N GLU F 17 -36.88 -10.66 -38.79
CA GLU F 17 -38.19 -11.19 -39.16
C GLU F 17 -38.78 -10.46 -40.36
N LYS F 18 -39.68 -11.15 -41.05
CA LYS F 18 -40.37 -10.58 -42.19
C LYS F 18 -41.48 -9.62 -41.75
N VAL F 19 -41.51 -8.41 -42.32
CA VAL F 19 -42.57 -7.43 -42.06
C VAL F 19 -43.54 -7.43 -43.22
N THR F 20 -44.83 -7.49 -42.91
CA THR F 20 -45.88 -7.41 -43.91
C THR F 20 -46.89 -6.34 -43.51
N ILE F 21 -47.15 -5.41 -44.43
CA ILE F 21 -48.11 -4.34 -44.25
C ILE F 21 -49.13 -4.44 -45.38
N ARG F 22 -50.39 -4.28 -45.04
CA ARG F 22 -51.44 -4.47 -46.04
C ARG F 22 -52.21 -3.16 -46.23
N CYS F 23 -52.75 -3.02 -47.42
CA CYS F 23 -53.42 -1.78 -47.78
C CYS F 23 -54.54 -2.13 -48.74
N ILE F 24 -55.74 -1.59 -48.48
CA ILE F 24 -56.96 -1.98 -49.16
C ILE F 24 -57.69 -0.74 -49.65
N THR F 25 -58.01 -0.69 -50.92
CA THR F 25 -58.70 0.47 -51.46
C THR F 25 -60.17 0.17 -51.70
N SER F 26 -61.01 1.19 -51.49
CA SER F 26 -62.45 1.06 -51.68
C SER F 26 -62.83 0.89 -53.13
N THR F 27 -61.98 1.32 -54.06
CA THR F 27 -62.26 1.16 -55.48
C THR F 27 -61.07 0.48 -56.15
N ASP F 28 -61.33 0.00 -57.35
CA ASP F 28 -60.30 -0.67 -58.13
C ASP F 28 -59.33 0.36 -58.69
N ILE F 29 -58.04 0.10 -58.41
CA ILE F 29 -56.84 0.84 -58.91
C ILE F 29 -55.96 -0.30 -59.44
N ASP F 30 -55.67 -0.33 -60.74
CA ASP F 30 -54.99 -1.55 -61.27
C ASP F 30 -53.64 -1.79 -60.61
N ASP F 31 -52.75 -0.80 -60.59
CA ASP F 31 -51.43 -1.01 -59.91
C ASP F 31 -50.89 0.34 -59.43
N ASP F 32 -51.76 1.35 -59.33
CA ASP F 32 -51.33 2.71 -58.91
C ASP F 32 -51.29 2.80 -57.37
N MET F 33 -50.36 2.07 -56.76
CA MET F 33 -50.17 2.05 -55.28
C MET F 33 -48.71 2.41 -55.02
N ASN F 34 -48.47 3.36 -54.10
CA ASN F 34 -47.08 3.77 -53.77
C ASN F 34 -46.82 3.53 -52.28
N TRP F 35 -45.57 3.25 -51.92
CA TRP F 35 -45.21 3.03 -50.53
C TRP F 35 -44.07 3.95 -50.14
N TYR F 36 -44.24 4.59 -48.97
CA TYR F 36 -43.41 5.64 -48.41
C TYR F 36 -42.92 5.22 -47.03
N GLN F 37 -41.67 5.58 -46.74
CA GLN F 37 -41.04 5.43 -45.45
C GLN F 37 -40.77 6.82 -44.86
N GLN F 38 -41.14 7.02 -43.61
CA GLN F 38 -40.89 8.30 -42.95
C GLN F 38 -40.24 8.04 -41.60
N LYS F 39 -38.99 8.44 -41.49
CA LYS F 39 -38.26 8.35 -40.25
C LYS F 39 -38.52 9.58 -39.41
N PRO F 40 -38.25 9.52 -38.12
CA PRO F 40 -38.55 10.66 -37.24
C PRO F 40 -37.70 11.88 -37.59
N GLY F 41 -38.35 13.04 -37.61
CA GLY F 41 -37.73 14.26 -38.05
C GLY F 41 -37.68 14.49 -39.54
N GLU F 42 -37.78 13.43 -40.37
CA GLU F 42 -37.48 13.52 -41.81
C GLU F 42 -38.76 13.64 -42.64
N PRO F 43 -38.65 14.01 -43.91
CA PRO F 43 -39.82 13.93 -44.77
C PRO F 43 -40.00 12.52 -45.33
N PRO F 44 -41.21 12.19 -45.76
CA PRO F 44 -41.46 10.92 -46.45
C PRO F 44 -40.46 10.63 -47.55
N LYS F 45 -40.09 9.37 -47.66
CA LYS F 45 -39.20 8.88 -48.72
C LYS F 45 -39.94 7.86 -49.58
N LEU F 46 -39.98 8.09 -50.90
CA LEU F 46 -40.63 7.12 -51.77
C LEU F 46 -39.81 5.82 -51.85
N LEU F 47 -40.37 4.71 -51.37
CA LEU F 47 -39.69 3.43 -51.52
C LEU F 47 -40.11 2.71 -52.79
N ILE F 48 -41.40 2.64 -53.07
CA ILE F 48 -41.89 1.86 -54.21
C ILE F 48 -43.00 2.64 -54.89
N SER F 49 -42.90 2.85 -56.20
CA SER F 49 -43.91 3.57 -56.94
C SER F 49 -44.78 2.59 -57.74
N GLU F 50 -45.76 3.13 -58.48
CA GLU F 50 -46.80 2.28 -59.03
C GLU F 50 -46.22 1.15 -59.89
N GLY F 51 -46.81 -0.03 -59.77
CA GLY F 51 -46.33 -1.20 -60.49
C GLY F 51 -45.27 -1.98 -59.75
N ASN F 52 -45.21 -1.85 -58.42
CA ASN F 52 -44.24 -2.56 -57.58
C ASN F 52 -42.81 -2.25 -57.99
N THR F 53 -42.61 -1.03 -58.49
CA THR F 53 -41.32 -0.54 -58.96
C THR F 53 -40.47 -0.04 -57.78
N LEU F 54 -39.54 -0.87 -57.34
CA LEU F 54 -38.49 -0.40 -56.45
C LEU F 54 -37.76 0.79 -57.08
N ARG F 55 -37.48 1.91 -56.25
CA ARG F 55 -36.82 3.16 -56.62
C ARG F 55 -35.30 3.02 -56.51
N PRO F 56 -34.55 3.80 -57.28
CA PRO F 56 -33.08 3.70 -57.25
C PRO F 56 -32.52 3.91 -55.85
N GLY F 57 -31.61 3.03 -55.45
CA GLY F 57 -30.95 3.13 -54.16
C GLY F 57 -31.66 2.47 -53.02
N VAL F 58 -32.95 2.12 -53.19
CA VAL F 58 -33.70 1.55 -52.06
C VAL F 58 -33.24 0.11 -51.84
N PRO F 59 -33.05 -0.34 -50.60
CA PRO F 59 -32.52 -1.69 -50.38
C PRO F 59 -33.43 -2.75 -51.00
N SER F 60 -32.82 -3.85 -51.38
CA SER F 60 -33.57 -4.85 -52.13
C SER F 60 -34.42 -5.75 -51.25
N ARG F 61 -34.35 -5.61 -49.92
CA ARG F 61 -35.28 -6.36 -49.08
C ARG F 61 -36.70 -5.79 -49.13
N PHE F 62 -36.91 -4.63 -49.74
CA PHE F 62 -38.25 -4.05 -49.83
C PHE F 62 -38.92 -4.51 -51.11
N SER F 63 -40.21 -4.82 -51.03
CA SER F 63 -40.94 -5.20 -52.23
C SER F 63 -42.42 -5.03 -51.97
N SER F 64 -43.21 -5.12 -53.05
CA SER F 64 -44.65 -5.00 -52.87
C SER F 64 -45.35 -5.78 -53.97
N SER F 65 -46.61 -6.12 -53.72
N SER F 65 -46.61 -6.12 -53.72
CA SER F 65 -47.44 -6.79 -54.69
CA SER F 65 -47.44 -6.79 -54.69
C SER F 65 -48.87 -6.26 -54.59
C SER F 65 -48.87 -6.26 -54.59
N GLY F 66 -49.66 -6.58 -55.60
CA GLY F 66 -51.07 -6.22 -55.62
C GLY F 66 -51.53 -5.62 -56.93
N TYR F 67 -52.77 -5.93 -57.28
CA TYR F 67 -53.41 -5.36 -58.46
C TYR F 67 -54.90 -5.32 -58.20
N GLY F 68 -55.48 -4.13 -58.18
CA GLY F 68 -56.90 -4.05 -57.99
C GLY F 68 -57.32 -3.35 -56.71
N THR F 69 -57.51 -4.08 -55.62
CA THR F 69 -57.92 -3.48 -54.34
C THR F 69 -57.10 -3.91 -53.14
N ASP F 70 -56.27 -4.97 -53.24
CA ASP F 70 -55.50 -5.53 -52.13
C ASP F 70 -54.02 -5.44 -52.42
N PHE F 71 -53.28 -4.67 -51.64
CA PHE F 71 -51.86 -4.47 -51.87
C PHE F 71 -51.10 -4.83 -50.62
N VAL F 72 -49.89 -5.28 -50.82
CA VAL F 72 -49.06 -5.81 -49.75
C VAL F 72 -47.68 -5.22 -49.94
N PHE F 73 -47.06 -4.85 -48.83
CA PHE F 73 -45.71 -4.33 -48.79
C PHE F 73 -44.94 -5.22 -47.83
N THR F 74 -43.69 -5.54 -48.17
CA THR F 74 -42.92 -6.53 -47.44
C THR F 74 -41.49 -6.04 -47.25
N ILE F 75 -40.99 -6.14 -46.02
CA ILE F 75 -39.55 -6.12 -45.76
C ILE F 75 -39.15 -7.56 -45.48
N GLU F 76 -38.31 -8.11 -46.37
CA GLU F 76 -37.91 -9.51 -46.29
C GLU F 76 -37.27 -9.84 -44.94
N ASN F 77 -36.26 -9.07 -44.54
CA ASN F 77 -35.71 -9.23 -43.21
C ASN F 77 -35.50 -7.85 -42.62
N MET F 78 -36.24 -7.60 -41.56
CA MET F 78 -36.19 -6.39 -40.76
C MET F 78 -34.78 -6.10 -40.26
N LEU F 79 -34.24 -4.94 -40.63
CA LEU F 79 -33.03 -4.39 -40.03
C LEU F 79 -33.39 -3.23 -39.10
N SER F 80 -32.45 -2.89 -38.22
CA SER F 80 -32.76 -1.92 -37.18
C SER F 80 -33.06 -0.53 -37.75
N GLU F 81 -32.42 -0.16 -38.86
CA GLU F 81 -32.69 1.13 -39.47
C GLU F 81 -34.03 1.18 -40.23
N ASP F 82 -34.82 0.13 -40.18
CA ASP F 82 -36.12 0.13 -40.82
C ASP F 82 -37.23 0.64 -39.92
N VAL F 83 -36.91 0.93 -38.64
CA VAL F 83 -37.87 1.56 -37.74
C VAL F 83 -38.36 2.86 -38.35
N ALA F 84 -39.69 3.02 -38.44
CA ALA F 84 -40.22 4.13 -39.25
C ALA F 84 -41.73 4.05 -39.27
N ASP F 85 -42.35 5.08 -39.82
CA ASP F 85 -43.74 5.01 -40.25
C ASP F 85 -43.78 4.69 -41.74
N TYR F 86 -44.72 3.85 -42.15
CA TYR F 86 -44.89 3.52 -43.54
C TYR F 86 -46.27 3.96 -43.98
N TYR F 87 -46.38 4.47 -45.20
CA TYR F 87 -47.63 4.97 -45.74
C TYR F 87 -47.81 4.46 -47.16
N CYS F 88 -49.01 3.98 -47.48
CA CYS F 88 -49.36 3.82 -48.88
C CYS F 88 -49.98 5.12 -49.40
N LEU F 89 -49.84 5.33 -50.72
CA LEU F 89 -50.48 6.41 -51.45
C LEU F 89 -51.10 5.81 -52.70
N GLN F 90 -52.41 5.94 -52.86
CA GLN F 90 -52.97 5.63 -54.16
C GLN F 90 -52.82 6.85 -55.06
N SER F 91 -52.30 6.62 -56.25
CA SER F 91 -52.02 7.67 -57.22
C SER F 91 -52.87 7.48 -58.48
N ASP F 92 -54.02 6.83 -58.33
CA ASP F 92 -54.83 6.42 -59.47
C ASP F 92 -55.79 7.50 -59.92
N ASN F 93 -56.39 8.25 -58.97
CA ASN F 93 -57.35 9.29 -59.31
C ASN F 93 -57.42 10.31 -58.18
N LEU F 94 -58.04 11.46 -58.49
CA LEU F 94 -58.08 12.62 -57.60
C LEU F 94 -59.33 12.57 -56.71
N PRO F 95 -59.21 12.89 -55.42
CA PRO F 95 -57.99 13.32 -54.74
C PRO F 95 -57.02 12.17 -54.48
N TYR F 96 -55.71 12.42 -54.50
CA TYR F 96 -54.77 11.45 -53.99
C TYR F 96 -55.05 11.24 -52.51
N THR F 97 -54.88 10.02 -52.04
CA THR F 97 -55.18 9.72 -50.64
C THR F 97 -54.17 8.75 -50.07
N PHE F 98 -53.56 9.13 -48.93
CA PHE F 98 -52.66 8.27 -48.19
C PHE F 98 -53.41 7.27 -47.32
N GLY F 99 -52.73 6.17 -46.97
CA GLY F 99 -53.20 5.31 -45.90
C GLY F 99 -52.90 5.91 -44.53
N GLY F 100 -53.48 5.29 -43.49
CA GLY F 100 -53.34 5.87 -42.17
C GLY F 100 -51.98 5.67 -41.52
N GLY F 101 -51.18 4.75 -42.03
CA GLY F 101 -49.84 4.65 -41.52
C GLY F 101 -49.62 3.37 -40.70
N THR F 102 -48.38 2.92 -40.69
CA THR F 102 -48.00 1.81 -39.85
C THR F 102 -46.73 2.22 -39.14
N LYS F 103 -46.73 2.17 -37.84
CA LYS F 103 -45.55 2.48 -37.07
C LYS F 103 -44.83 1.17 -36.80
N LEU F 104 -43.59 1.09 -37.20
CA LEU F 104 -42.78 -0.10 -37.06
C LEU F 104 -41.66 0.24 -36.08
N GLU F 105 -41.59 -0.55 -35.00
CA GLU F 105 -40.56 -0.47 -33.97
C GLU F 105 -40.03 -1.88 -33.70
N ILE F 106 -38.97 -1.95 -32.85
CA ILE F 106 -38.23 -3.18 -32.57
C ILE F 106 -38.91 -3.95 -31.45
N LYS F 107 -38.99 -5.27 -31.59
CA LYS F 107 -39.41 -6.12 -30.48
C LYS F 107 -38.17 -6.60 -29.73
N ARG F 108 -38.28 -6.68 -28.41
CA ARG F 108 -37.14 -7.08 -27.59
C ARG F 108 -37.68 -7.75 -26.34
N ALA F 109 -36.77 -8.08 -25.43
CA ALA F 109 -37.16 -8.77 -24.21
C ALA F 109 -37.87 -7.82 -23.27
N ASP F 110 -38.95 -8.31 -22.67
CA ASP F 110 -39.63 -7.64 -21.56
C ASP F 110 -38.61 -7.05 -20.59
N ALA F 111 -38.85 -5.81 -20.20
CA ALA F 111 -38.04 -5.16 -19.17
C ALA F 111 -39.00 -4.39 -18.29
N ALA F 112 -38.78 -4.47 -16.98
CA ALA F 112 -39.63 -3.78 -16.03
C ALA F 112 -39.17 -2.33 -15.87
N PRO F 113 -40.09 -1.42 -15.56
CA PRO F 113 -39.71 -0.02 -15.38
C PRO F 113 -38.89 0.21 -14.13
N THR F 114 -37.93 1.11 -14.23
CA THR F 114 -37.25 1.67 -13.07
C THR F 114 -37.99 2.94 -12.68
N VAL F 115 -38.67 2.91 -11.54
CA VAL F 115 -39.59 3.96 -11.13
C VAL F 115 -38.93 4.83 -10.07
N SER F 116 -39.02 6.14 -10.24
CA SER F 116 -38.38 7.11 -9.36
C SER F 116 -39.35 8.27 -9.09
N ILE F 117 -39.47 8.69 -7.81
CA ILE F 117 -40.44 9.73 -7.46
C ILE F 117 -39.72 10.91 -6.83
N PHE F 118 -40.23 12.12 -7.10
CA PHE F 118 -39.63 13.41 -6.75
C PHE F 118 -40.65 14.38 -6.21
N PRO F 119 -40.40 14.89 -5.00
CA PRO F 119 -41.25 15.93 -4.39
C PRO F 119 -41.08 17.25 -5.10
N PRO F 120 -42.01 18.20 -4.91
CA PRO F 120 -41.78 19.54 -5.40
C PRO F 120 -40.53 20.16 -4.80
N SER F 121 -39.87 20.99 -5.59
CA SER F 121 -38.67 21.70 -5.15
C SER F 121 -39.03 22.91 -4.29
N SER F 122 -38.06 23.33 -3.47
CA SER F 122 -38.19 24.54 -2.67
C SER F 122 -38.71 25.70 -3.49
N GLU F 123 -38.02 26.03 -4.60
CA GLU F 123 -38.37 27.26 -5.31
C GLU F 123 -39.73 27.16 -6.00
N GLN F 124 -40.15 25.97 -6.43
CA GLN F 124 -41.50 25.87 -6.94
C GLN F 124 -42.51 26.20 -5.84
N LEU F 125 -42.28 25.64 -4.66
CA LEU F 125 -43.16 25.92 -3.52
C LEU F 125 -43.20 27.42 -3.23
N THR F 126 -42.03 28.06 -3.16
CA THR F 126 -41.96 29.51 -3.05
C THR F 126 -42.79 30.22 -4.13
N SER F 127 -42.96 29.61 -5.30
CA SER F 127 -43.72 30.24 -6.37
C SER F 127 -45.23 30.02 -6.30
N GLY F 128 -45.73 29.21 -5.37
CA GLY F 128 -47.17 29.02 -5.26
C GLY F 128 -47.75 27.81 -5.98
N GLY F 129 -46.93 26.98 -6.63
CA GLY F 129 -47.38 25.74 -7.21
C GLY F 129 -46.65 24.56 -6.56
N ALA F 130 -47.08 23.35 -6.93
CA ALA F 130 -46.44 22.14 -6.40
C ALA F 130 -46.62 21.02 -7.41
N SER F 131 -45.51 20.51 -7.96
CA SER F 131 -45.56 19.42 -8.91
C SER F 131 -44.83 18.23 -8.32
N VAL F 132 -45.46 17.07 -8.33
CA VAL F 132 -44.81 15.81 -7.96
C VAL F 132 -44.51 15.06 -9.26
N VAL F 133 -43.29 14.54 -9.37
CA VAL F 133 -42.82 13.99 -10.64
C VAL F 133 -42.43 12.54 -10.45
N CYS F 134 -42.78 11.71 -11.43
CA CYS F 134 -42.50 10.29 -11.42
C CYS F 134 -41.90 9.89 -12.78
N PHE F 135 -40.73 9.27 -12.76
CA PHE F 135 -40.08 8.75 -13.95
C PHE F 135 -40.19 7.23 -13.98
N LEU F 136 -40.55 6.68 -15.14
CA LEU F 136 -40.61 5.23 -15.35
C LEU F 136 -39.70 4.95 -16.53
N ASN F 137 -38.48 4.50 -16.27
CA ASN F 137 -37.42 4.49 -17.27
C ASN F 137 -37.02 3.06 -17.68
N ASN F 138 -36.78 2.86 -18.99
CA ASN F 138 -36.16 1.67 -19.57
C ASN F 138 -37.01 0.41 -19.44
N PHE F 139 -38.23 0.45 -19.95
CA PHE F 139 -39.13 -0.67 -19.86
C PHE F 139 -39.57 -1.09 -21.26
N TYR F 140 -40.07 -2.32 -21.35
CA TYR F 140 -40.51 -2.93 -22.56
C TYR F 140 -41.52 -3.98 -22.15
N PRO F 141 -42.65 -4.10 -22.87
CA PRO F 141 -43.20 -3.31 -23.97
C PRO F 141 -43.72 -1.95 -23.50
N LYS F 142 -44.21 -1.09 -24.40
CA LYS F 142 -44.50 0.28 -24.00
C LYS F 142 -45.82 0.42 -23.25
N ASP F 143 -46.69 -0.59 -23.28
CA ASP F 143 -47.95 -0.51 -22.56
C ASP F 143 -47.68 -0.46 -21.06
N ILE F 144 -48.05 0.64 -20.44
CA ILE F 144 -47.82 0.85 -19.02
C ILE F 144 -48.96 1.69 -18.48
N ASN F 145 -49.32 1.46 -17.23
CA ASN F 145 -50.36 2.24 -16.57
C ASN F 145 -49.78 2.89 -15.31
N VAL F 146 -49.96 4.20 -15.19
CA VAL F 146 -49.55 4.91 -13.98
C VAL F 146 -50.79 5.40 -13.24
N LYS F 147 -50.74 5.28 -11.93
CA LYS F 147 -51.82 5.73 -11.08
C LYS F 147 -51.21 6.52 -9.93
N TRP F 148 -51.75 7.73 -9.70
CA TRP F 148 -51.33 8.54 -8.56
C TRP F 148 -52.27 8.35 -7.37
N LYS F 149 -51.69 8.25 -6.18
CA LYS F 149 -52.48 8.22 -4.96
C LYS F 149 -51.97 9.29 -4.02
N ILE F 150 -52.89 10.06 -3.46
CA ILE F 150 -52.63 11.02 -2.39
C ILE F 150 -53.27 10.48 -1.11
N ASP F 151 -52.46 10.26 -0.08
CA ASP F 151 -52.95 9.68 1.17
C ASP F 151 -53.75 8.39 0.90
N GLY F 152 -53.37 7.63 -0.13
CA GLY F 152 -54.01 6.38 -0.45
C GLY F 152 -55.24 6.47 -1.33
N SER F 153 -55.70 7.66 -1.70
CA SER F 153 -56.84 7.77 -2.60
C SER F 153 -56.38 8.12 -4.00
N GLU F 154 -57.03 7.53 -4.99
CA GLU F 154 -56.64 7.73 -6.38
C GLU F 154 -56.97 9.15 -6.81
N ARG F 155 -56.04 9.78 -7.52
CA ARG F 155 -56.20 11.13 -8.03
C ARG F 155 -56.09 11.09 -9.54
N GLN F 156 -57.05 11.71 -10.23
CA GLN F 156 -57.12 11.62 -11.68
C GLN F 156 -56.78 12.91 -12.40
N ASN F 157 -57.09 14.05 -11.80
CA ASN F 157 -57.00 15.34 -12.48
C ASN F 157 -55.66 15.99 -12.24
N GLY F 158 -55.14 16.65 -13.28
CA GLY F 158 -53.85 17.30 -13.19
C GLY F 158 -52.68 16.37 -13.31
N VAL F 159 -52.80 15.29 -14.09
CA VAL F 159 -51.72 14.35 -14.34
C VAL F 159 -51.31 14.51 -15.79
N LEU F 160 -50.09 14.99 -16.03
CA LEU F 160 -49.56 15.10 -17.39
C LEU F 160 -48.52 14.02 -17.62
N ASN F 161 -48.71 13.22 -18.66
CA ASN F 161 -47.81 12.14 -19.01
C ASN F 161 -47.12 12.43 -20.33
N SER F 162 -45.91 11.93 -20.46
CA SER F 162 -45.14 12.08 -21.68
C SER F 162 -44.29 10.84 -21.90
N TRP F 163 -44.22 10.36 -23.13
CA TRP F 163 -43.52 9.11 -23.45
C TRP F 163 -42.37 9.41 -24.41
N THR F 164 -41.20 8.84 -24.12
CA THR F 164 -40.15 8.87 -25.14
C THR F 164 -40.52 7.91 -26.26
N ASP F 165 -39.93 8.16 -27.41
CA ASP F 165 -39.95 7.15 -28.45
C ASP F 165 -38.96 6.04 -28.12
N GLN F 166 -39.05 4.94 -28.86
CA GLN F 166 -38.22 3.79 -28.54
C GLN F 166 -36.75 4.17 -28.57
N ASP F 167 -36.05 3.84 -27.49
CA ASP F 167 -34.64 4.17 -27.38
C ASP F 167 -33.84 3.39 -28.42
N SER F 168 -32.88 4.05 -29.07
CA SER F 168 -32.22 3.36 -30.18
C SER F 168 -31.07 2.46 -29.73
N LYS F 169 -30.55 2.65 -28.52
CA LYS F 169 -29.50 1.75 -28.05
C LYS F 169 -30.08 0.44 -27.50
N ASP F 170 -30.99 0.53 -26.52
CA ASP F 170 -31.51 -0.68 -25.88
C ASP F 170 -32.95 -1.00 -26.24
N SER F 171 -33.59 -0.20 -27.08
CA SER F 171 -34.95 -0.45 -27.60
C SER F 171 -36.02 -0.44 -26.52
N THR F 172 -35.81 0.28 -25.41
CA THR F 172 -36.82 0.40 -24.36
C THR F 172 -37.57 1.73 -24.47
N TYR F 173 -38.55 1.89 -23.60
CA TYR F 173 -39.36 3.11 -23.49
C TYR F 173 -39.22 3.77 -22.12
N SER F 174 -39.54 5.05 -22.10
CA SER F 174 -39.53 5.79 -20.85
C SER F 174 -40.73 6.72 -20.80
N MET F 175 -41.16 7.00 -19.58
CA MET F 175 -42.37 7.75 -19.34
C MET F 175 -42.16 8.72 -18.20
N SER F 176 -42.75 9.90 -18.31
CA SER F 176 -42.74 10.90 -17.28
C SER F 176 -44.19 11.18 -16.91
N SER F 177 -44.49 11.21 -15.61
CA SER F 177 -45.83 11.51 -15.13
C SER F 177 -45.71 12.60 -14.07
N THR F 178 -46.48 13.66 -14.20
CA THR F 178 -46.40 14.71 -13.20
C THR F 178 -47.79 15.04 -12.70
N LEU F 179 -47.92 15.04 -11.39
CA LEU F 179 -49.13 15.50 -10.72
C LEU F 179 -48.93 16.95 -10.31
N THR F 180 -49.75 17.84 -10.85
CA THR F 180 -49.64 19.26 -10.53
C THR F 180 -50.76 19.64 -9.58
N LEU F 181 -50.41 20.39 -8.54
CA LEU F 181 -51.32 20.79 -7.48
C LEU F 181 -51.02 22.24 -7.10
N THR F 182 -51.99 22.87 -6.47
CA THR F 182 -51.72 24.11 -5.77
C THR F 182 -50.91 23.83 -4.50
N LYS F 183 -50.04 24.77 -4.14
CA LYS F 183 -49.26 24.64 -2.92
C LYS F 183 -50.15 24.32 -1.72
N ASP F 184 -51.37 24.88 -1.70
CA ASP F 184 -52.25 24.69 -0.56
C ASP F 184 -52.71 23.24 -0.45
N GLU F 185 -53.29 22.68 -1.52
CA GLU F 185 -53.70 21.28 -1.42
C GLU F 185 -52.50 20.38 -1.24
N TYR F 186 -51.35 20.74 -1.80
CA TYR F 186 -50.16 19.96 -1.54
C TYR F 186 -49.84 19.93 -0.04
N GLU F 187 -49.92 21.09 0.63
CA GLU F 187 -49.65 21.19 2.06
C GLU F 187 -50.72 20.50 2.91
N ARG F 188 -51.89 20.23 2.35
CA ARG F 188 -52.95 19.61 3.13
C ARG F 188 -52.92 18.08 3.15
N HIS F 189 -52.08 17.42 2.35
CA HIS F 189 -51.99 15.96 2.40
C HIS F 189 -50.54 15.56 2.60
N ASN F 190 -50.30 14.27 2.83
CA ASN F 190 -48.97 13.92 3.31
C ASN F 190 -48.26 12.83 2.51
N SER F 191 -48.93 11.75 2.16
CA SER F 191 -48.25 10.68 1.43
C SER F 191 -48.57 10.76 -0.06
N TYR F 192 -47.54 10.71 -0.89
CA TYR F 192 -47.71 10.77 -2.34
C TYR F 192 -47.07 9.54 -2.98
N THR F 193 -47.85 8.86 -3.83
CA THR F 193 -47.47 7.57 -4.38
C THR F 193 -47.73 7.55 -5.88
N CYS F 194 -46.74 7.11 -6.66
CA CYS F 194 -47.02 6.64 -8.02
C CYS F 194 -46.84 5.13 -8.09
N GLU F 195 -47.87 4.48 -8.64
CA GLU F 195 -47.92 3.05 -8.89
C GLU F 195 -47.90 2.76 -10.39
N ALA F 196 -46.98 1.89 -10.80
CA ALA F 196 -46.84 1.44 -12.18
C ALA F 196 -47.35 0.01 -12.32
N THR F 197 -48.24 -0.20 -13.29
CA THR F 197 -48.73 -1.50 -13.72
C THR F 197 -48.14 -1.81 -15.09
N HIS F 198 -47.38 -2.90 -15.15
CA HIS F 198 -46.66 -3.32 -16.35
C HIS F 198 -46.72 -4.83 -16.43
N LYS F 199 -46.65 -5.35 -17.66
CA LYS F 199 -46.85 -6.80 -17.84
C LYS F 199 -45.81 -7.63 -17.12
N THR F 200 -44.61 -7.08 -16.88
CA THR F 200 -43.55 -7.80 -16.18
C THR F 200 -43.85 -8.10 -14.71
N SER F 201 -45.03 -7.75 -14.19
CA SER F 201 -45.36 -8.09 -12.82
C SER F 201 -46.85 -8.01 -12.59
N THR F 202 -47.36 -8.92 -11.75
CA THR F 202 -48.76 -8.86 -11.34
C THR F 202 -48.99 -7.83 -10.25
N SER F 203 -47.95 -7.44 -9.56
CA SER F 203 -48.12 -6.40 -8.57
C SER F 203 -47.54 -5.09 -9.09
N PRO F 204 -48.15 -3.95 -8.76
CA PRO F 204 -47.61 -2.67 -9.23
C PRO F 204 -46.32 -2.32 -8.52
N ILE F 205 -45.43 -1.63 -9.22
CA ILE F 205 -44.29 -0.99 -8.56
C ILE F 205 -44.76 0.30 -7.91
N VAL F 206 -44.42 0.49 -6.63
CA VAL F 206 -44.92 1.59 -5.82
C VAL F 206 -43.72 2.41 -5.34
N LYS F 207 -43.73 3.71 -5.64
CA LYS F 207 -42.78 4.62 -5.00
C LYS F 207 -43.54 5.76 -4.35
N SER F 208 -43.09 6.19 -3.18
CA SER F 208 -43.83 7.19 -2.44
C SER F 208 -42.90 8.01 -1.56
N PHE F 209 -43.44 9.10 -1.06
CA PHE F 209 -42.75 9.86 -0.03
C PHE F 209 -43.80 10.47 0.88
N ASN F 210 -43.33 10.98 2.01
CA ASN F 210 -44.17 11.67 2.98
C ASN F 210 -43.69 13.10 3.11
N ARG F 211 -44.59 14.06 2.88
CA ARG F 211 -44.21 15.46 2.80
C ARG F 211 -43.38 15.93 3.99
N ASN F 212 -43.53 15.28 5.15
CA ASN F 212 -42.67 15.54 6.30
C ASN F 212 -41.71 14.38 6.53
N GLU F 213 -40.42 14.68 6.64
CA GLU F 213 -39.43 13.64 6.79
C GLU F 213 -38.10 14.22 7.29
N GLU G 1 34.36 -28.79 52.81
CA GLU G 1 35.58 -28.33 52.14
C GLU G 1 36.21 -27.12 52.82
N VAL G 2 37.44 -26.80 52.42
CA VAL G 2 38.23 -25.76 53.09
C VAL G 2 37.82 -24.38 52.58
N GLN G 3 37.65 -23.42 53.49
CA GLN G 3 37.08 -22.15 53.11
C GLN G 3 37.52 -21.05 54.07
N LEU G 4 37.91 -19.89 53.50
CA LEU G 4 38.30 -18.71 54.25
C LEU G 4 37.43 -17.55 53.78
N GLN G 5 36.50 -17.13 54.62
CA GLN G 5 35.52 -16.10 54.28
C GLN G 5 35.93 -14.79 54.95
N GLN G 6 36.19 -13.76 54.15
CA GLN G 6 36.70 -12.50 54.66
C GLN G 6 35.60 -11.47 54.83
N SER G 7 35.96 -10.36 55.49
CA SER G 7 35.07 -9.24 55.70
C SER G 7 34.65 -8.62 54.37
N GLY G 8 33.68 -7.70 54.45
CA GLY G 8 33.26 -6.93 53.30
C GLY G 8 34.07 -5.65 53.15
N ALA G 9 33.68 -4.86 52.15
CA ALA G 9 34.43 -3.66 51.83
C ALA G 9 34.38 -2.65 52.97
N GLU G 10 35.47 -1.91 53.13
CA GLU G 10 35.66 -0.98 54.22
C GLU G 10 35.99 0.41 53.68
N LEU G 11 35.38 1.43 54.27
CA LEU G 11 35.86 2.80 54.16
C LEU G 11 36.32 3.26 55.52
N ALA G 12 37.40 4.05 55.56
CA ALA G 12 37.89 4.57 56.83
C ALA G 12 38.49 5.94 56.57
N ARG G 13 38.24 6.88 57.49
CA ARG G 13 38.82 8.19 57.36
C ARG G 13 40.32 8.12 57.63
N PRO G 14 41.10 9.02 57.04
CA PRO G 14 42.55 8.99 57.27
C PRO G 14 42.89 9.24 58.73
N GLY G 15 43.93 8.55 59.20
CA GLY G 15 44.28 8.55 60.62
C GLY G 15 43.51 7.56 61.47
N ALA G 16 42.49 6.90 60.92
CA ALA G 16 41.66 6.00 61.69
C ALA G 16 42.20 4.56 61.58
N SER G 17 41.46 3.60 62.14
CA SER G 17 41.85 2.21 62.18
C SER G 17 40.71 1.37 61.63
N VAL G 18 41.08 0.21 61.08
CA VAL G 18 40.10 -0.73 60.59
C VAL G 18 40.52 -2.11 61.09
N LYS G 19 39.56 -3.02 61.17
CA LYS G 19 39.84 -4.40 61.58
C LYS G 19 39.17 -5.35 60.59
N LEU G 20 39.99 -6.08 59.83
CA LEU G 20 39.49 -7.07 58.88
C LEU G 20 39.46 -8.45 59.52
N SER G 21 38.48 -9.25 59.11
CA SER G 21 38.31 -10.58 59.67
C SER G 21 38.30 -11.65 58.57
N CYS G 22 38.80 -12.83 58.94
CA CYS G 22 39.00 -13.94 58.03
C CYS G 22 38.56 -15.18 58.79
N LYS G 23 37.38 -15.69 58.46
CA LYS G 23 36.76 -16.80 59.18
C LYS G 23 37.04 -18.11 58.45
N ALA G 24 37.55 -19.08 59.17
CA ALA G 24 38.04 -20.31 58.58
C ALA G 24 37.05 -21.45 58.85
N SER G 25 37.03 -22.42 57.94
CA SER G 25 36.18 -23.58 58.16
C SER G 25 36.64 -24.73 57.27
N GLY G 26 36.39 -25.95 57.74
CA GLY G 26 36.71 -27.13 56.97
C GLY G 26 38.02 -27.78 57.29
N TYR G 27 38.76 -27.29 58.29
CA TYR G 27 40.03 -27.90 58.65
C TYR G 27 40.35 -27.55 60.10
N THR G 28 41.29 -28.29 60.68
CA THR G 28 41.69 -28.01 62.06
C THR G 28 42.40 -26.67 62.08
N PHE G 29 41.66 -25.62 62.48
CA PHE G 29 42.06 -24.22 62.36
C PHE G 29 43.27 -23.88 63.21
N THR G 30 43.59 -24.72 64.18
CA THR G 30 44.56 -24.36 65.21
C THR G 30 45.98 -24.81 64.89
N THR G 31 46.16 -25.61 63.84
CA THR G 31 47.45 -26.18 63.48
C THR G 31 47.99 -25.66 62.15
N TYR G 32 47.42 -24.59 61.59
CA TYR G 32 47.84 -24.06 60.29
C TYR G 32 48.14 -22.57 60.40
N TRP G 33 49.25 -22.13 59.82
CA TRP G 33 49.55 -20.70 59.79
C TRP G 33 48.64 -19.96 58.81
N ILE G 34 48.22 -18.76 59.19
CA ILE G 34 47.44 -17.89 58.31
C ILE G 34 48.32 -16.70 57.93
N GLN G 35 48.58 -16.54 56.63
CA GLN G 35 49.33 -15.43 56.07
C GLN G 35 48.38 -14.33 55.60
N TRP G 36 48.90 -13.09 55.56
CA TRP G 36 48.19 -11.93 55.03
C TRP G 36 49.02 -11.26 53.94
N VAL G 37 48.34 -10.93 52.84
CA VAL G 37 48.94 -10.37 51.64
C VAL G 37 48.19 -9.08 51.27
N LYS G 38 48.94 -8.04 50.93
CA LYS G 38 48.38 -6.78 50.46
C LYS G 38 48.53 -6.66 48.95
N GLN G 39 47.54 -6.04 48.30
CA GLN G 39 47.60 -5.78 46.86
C GLN G 39 46.99 -4.41 46.60
N ARG G 40 47.85 -3.41 46.35
CA ARG G 40 47.37 -2.11 45.94
C ARG G 40 46.81 -2.18 44.53
N PRO G 41 45.92 -1.26 44.16
CA PRO G 41 45.26 -1.35 42.84
C PRO G 41 46.28 -1.29 41.71
N GLY G 42 46.19 -2.28 40.81
CA GLY G 42 47.12 -2.40 39.70
C GLY G 42 48.46 -2.99 40.06
N GLN G 43 48.86 -2.93 41.33
CA GLN G 43 50.16 -3.41 41.78
C GLN G 43 50.11 -4.92 41.97
N GLY G 44 51.20 -5.47 42.50
CA GLY G 44 51.31 -6.90 42.73
C GLY G 44 51.17 -7.27 44.20
N LEU G 45 51.25 -8.58 44.43
CA LEU G 45 51.10 -9.15 45.76
C LEU G 45 52.24 -8.74 46.68
N GLU G 46 51.92 -8.53 47.95
CA GLU G 46 52.92 -8.11 48.92
C GLU G 46 52.63 -8.74 50.27
N TRP G 47 53.57 -9.56 50.77
CA TRP G 47 53.40 -10.25 52.06
C TRP G 47 53.47 -9.27 53.23
N ILE G 48 52.58 -9.48 54.21
CA ILE G 48 52.49 -8.64 55.40
C ILE G 48 53.04 -9.36 56.64
N GLY G 49 52.57 -10.57 56.90
CA GLY G 49 52.73 -11.20 58.19
C GLY G 49 51.85 -12.43 58.28
N ALA G 50 51.98 -13.13 59.42
CA ALA G 50 51.33 -14.42 59.60
C ALA G 50 50.99 -14.63 61.07
N ILE G 51 50.03 -15.51 61.30
CA ILE G 51 49.63 -15.84 62.66
C ILE G 51 49.41 -17.34 62.80
N TYR G 52 49.90 -17.88 63.91
CA TYR G 52 49.61 -19.25 64.30
C TYR G 52 48.52 -19.21 65.36
N PRO G 53 47.31 -19.71 65.06
CA PRO G 53 46.18 -19.50 65.96
C PRO G 53 46.18 -20.39 67.19
N GLY G 54 46.85 -21.55 67.16
CA GLY G 54 46.93 -22.37 68.36
C GLY G 54 47.47 -21.62 69.57
N ASP G 55 48.35 -20.64 69.35
CA ASP G 55 48.95 -19.89 70.44
C ASP G 55 49.00 -18.39 70.18
N GLY G 56 48.55 -17.93 69.01
CA GLY G 56 48.56 -16.51 68.71
C GLY G 56 49.90 -15.99 68.30
N ASP G 57 50.83 -16.86 67.93
CA ASP G 57 52.18 -16.36 67.64
C ASP G 57 52.17 -15.66 66.27
N THR G 58 52.99 -14.63 66.14
CA THR G 58 52.91 -13.82 64.92
C THR G 58 54.28 -13.69 64.28
N ARG G 59 54.24 -13.24 63.04
CA ARG G 59 55.42 -12.80 62.31
C ARG G 59 55.01 -11.63 61.44
N TYR G 60 55.87 -10.63 61.33
CA TYR G 60 55.60 -9.46 60.53
C TYR G 60 56.83 -9.13 59.73
N ILE G 61 56.62 -8.53 58.57
CA ILE G 61 57.71 -7.89 57.86
C ILE G 61 57.94 -6.50 58.46
N GLN G 62 59.16 -5.97 58.27
CA GLN G 62 59.60 -4.84 59.08
C GLN G 62 58.68 -3.62 58.95
N ASN G 63 58.43 -3.17 57.72
CA ASN G 63 57.65 -1.95 57.54
C ASN G 63 56.16 -2.11 57.78
N PHE G 64 55.70 -3.29 58.19
CA PHE G 64 54.33 -3.43 58.64
C PHE G 64 54.22 -3.63 60.14
N LYS G 65 55.34 -3.75 60.84
CA LYS G 65 55.33 -3.81 62.30
C LYS G 65 54.73 -2.53 62.88
N GLY G 66 53.57 -2.62 63.51
CA GLY G 66 52.91 -1.45 64.03
C GLY G 66 51.71 -1.01 63.23
N LYS G 67 51.83 -1.00 61.89
CA LYS G 67 50.68 -0.70 61.05
C LYS G 67 49.66 -1.82 61.15
N ALA G 68 50.13 -3.06 61.14
CA ALA G 68 49.29 -4.23 61.24
C ALA G 68 49.39 -4.84 62.63
N THR G 69 48.31 -5.48 63.05
CA THR G 69 48.30 -6.22 64.31
C THR G 69 47.43 -7.44 64.08
N LEU G 70 48.06 -8.59 63.98
CA LEU G 70 47.34 -9.83 63.76
C LEU G 70 46.88 -10.40 65.09
N THR G 71 45.70 -10.99 65.07
CA THR G 71 45.13 -11.60 66.25
C THR G 71 44.29 -12.77 65.77
N ALA G 72 43.93 -13.65 66.68
CA ALA G 72 43.03 -14.72 66.31
C ALA G 72 42.17 -15.08 67.51
N ASP G 73 41.16 -15.90 67.25
CA ASP G 73 40.25 -16.39 68.27
C ASP G 73 39.74 -17.73 67.79
N LYS G 74 40.09 -18.80 68.51
CA LYS G 74 39.77 -20.13 68.04
C LYS G 74 38.37 -20.58 68.39
N SER G 75 37.69 -19.89 69.32
CA SER G 75 36.32 -20.29 69.66
C SER G 75 35.36 -20.01 68.50
N SER G 76 35.70 -19.03 67.66
CA SER G 76 34.95 -18.74 66.45
C SER G 76 35.73 -19.09 65.19
N SER G 77 36.92 -19.68 65.35
CA SER G 77 37.79 -20.05 64.22
C SER G 77 38.07 -18.85 63.32
N THR G 78 38.31 -17.69 63.91
CA THR G 78 38.44 -16.46 63.14
C THR G 78 39.77 -15.77 63.41
N ALA G 79 40.46 -15.37 62.34
CA ALA G 79 41.65 -14.54 62.42
C ALA G 79 41.31 -13.10 62.06
N TYR G 80 42.12 -12.19 62.56
CA TYR G 80 41.88 -10.75 62.43
C TYR G 80 43.18 -10.05 62.10
N MET G 81 43.08 -9.02 61.27
CA MET G 81 44.15 -8.05 61.11
C MET G 81 43.61 -6.67 61.45
N GLN G 82 44.39 -5.91 62.20
CA GLN G 82 44.03 -4.55 62.51
C GLN G 82 45.03 -3.62 61.85
N LEU G 83 44.53 -2.66 61.08
CA LEU G 83 45.35 -1.67 60.39
C LEU G 83 45.16 -0.32 61.07
N SER G 84 46.26 0.27 61.51
CA SER G 84 46.25 1.49 62.31
C SER G 84 46.80 2.66 61.50
N SER G 85 46.40 3.87 61.92
CA SER G 85 46.92 5.12 61.35
C SER G 85 46.80 5.12 59.83
N LEU G 86 45.59 4.88 59.35
CA LEU G 86 45.40 4.65 57.93
C LEU G 86 45.72 5.91 57.12
N ALA G 87 46.38 5.71 56.00
CA ALA G 87 46.72 6.75 55.03
C ALA G 87 46.36 6.25 53.63
N SER G 88 46.60 7.10 52.63
CA SER G 88 46.16 6.76 51.27
C SER G 88 46.89 5.55 50.72
N GLU G 89 48.15 5.37 51.12
CA GLU G 89 48.93 4.24 50.64
C GLU G 89 48.54 2.93 51.31
N ASP G 90 47.51 2.93 52.16
CA ASP G 90 46.97 1.71 52.73
C ASP G 90 45.72 1.21 52.00
N SER G 91 45.23 1.97 51.00
CA SER G 91 44.06 1.56 50.23
C SER G 91 44.44 0.40 49.32
N ALA G 92 43.79 -0.75 49.51
CA ALA G 92 44.24 -1.97 48.83
C ALA G 92 43.26 -3.09 49.11
N VAL G 93 43.41 -4.17 48.35
CA VAL G 93 42.74 -5.42 48.67
C VAL G 93 43.66 -6.23 49.58
N TYR G 94 43.14 -6.63 50.74
CA TYR G 94 43.88 -7.43 51.72
C TYR G 94 43.35 -8.85 51.73
N TYR G 95 44.23 -9.81 51.42
CA TYR G 95 43.91 -11.23 51.37
C TYR G 95 44.45 -11.93 52.62
N CYS G 96 43.69 -12.89 53.12
CA CYS G 96 44.20 -13.88 54.04
C CYS G 96 44.28 -15.22 53.31
N ALA G 97 45.27 -16.02 53.67
CA ALA G 97 45.48 -17.29 53.00
C ALA G 97 46.13 -18.26 53.98
N ARG G 98 45.87 -19.55 53.77
CA ARG G 98 46.38 -20.58 54.68
C ARG G 98 47.57 -21.30 54.06
N SER G 99 48.64 -21.47 54.85
CA SER G 99 49.74 -22.31 54.42
C SER G 99 49.24 -23.71 54.06
N LEU G 100 49.92 -24.36 53.12
CA LEU G 100 49.40 -25.61 52.58
C LEU G 100 49.75 -26.85 53.42
N ALA G 101 50.44 -26.69 54.55
CA ALA G 101 50.59 -27.79 55.48
C ALA G 101 50.65 -27.21 56.89
N THR G 102 50.56 -28.11 57.86
CA THR G 102 50.42 -27.73 59.27
C THR G 102 51.75 -27.33 59.88
N ARG G 103 51.66 -26.65 61.03
CA ARG G 103 52.72 -26.41 62.00
C ARG G 103 53.81 -25.48 61.52
N GLY G 104 53.80 -25.03 60.27
CA GLY G 104 54.94 -24.25 59.79
C GLY G 104 54.59 -23.41 58.58
N PHE G 105 55.53 -22.52 58.23
CA PHE G 105 55.38 -21.73 57.00
C PHE G 105 55.47 -22.60 55.77
N TYR G 106 54.54 -22.38 54.84
CA TYR G 106 54.61 -22.85 53.46
C TYR G 106 53.95 -21.82 52.55
N ALA G 107 54.06 -22.05 51.23
CA ALA G 107 53.22 -21.35 50.27
C ALA G 107 51.76 -21.53 50.66
N MET G 108 50.89 -20.61 50.25
CA MET G 108 49.48 -20.62 50.62
C MET G 108 48.64 -21.20 49.50
N ASP G 109 47.78 -22.18 49.81
CA ASP G 109 46.97 -22.85 48.79
C ASP G 109 45.51 -22.39 48.78
N TYR G 110 44.89 -22.17 49.93
CA TYR G 110 43.52 -21.68 50.00
C TYR G 110 43.53 -20.22 50.43
N TRP G 111 42.80 -19.40 49.68
CA TRP G 111 42.78 -17.96 49.89
C TRP G 111 41.35 -17.50 50.19
N GLY G 112 41.24 -16.39 50.88
CA GLY G 112 39.99 -15.69 50.95
C GLY G 112 39.76 -14.88 49.70
N GLN G 113 38.55 -14.36 49.58
CA GLN G 113 38.22 -13.59 48.38
C GLN G 113 38.85 -12.20 48.38
N GLY G 114 39.35 -11.72 49.52
CA GLY G 114 39.92 -10.40 49.60
C GLY G 114 38.97 -9.40 50.23
N THR G 115 39.54 -8.42 50.94
CA THR G 115 38.80 -7.33 51.58
C THR G 115 39.30 -6.01 51.04
N SER G 116 38.44 -5.24 50.42
CA SER G 116 38.86 -3.94 49.92
C SER G 116 38.83 -2.90 51.04
N VAL G 117 39.89 -2.11 51.15
CA VAL G 117 39.99 -1.07 52.15
C VAL G 117 40.27 0.25 51.43
N THR G 118 39.39 1.22 51.63
CA THR G 118 39.49 2.55 51.03
C THR G 118 39.64 3.59 52.11
N VAL G 119 40.64 4.47 51.95
CA VAL G 119 40.98 5.48 52.96
C VAL G 119 40.77 6.84 52.33
N SER G 120 39.72 7.55 52.77
CA SER G 120 39.40 8.88 52.24
C SER G 120 38.61 9.64 53.30
N SER G 121 38.62 10.96 53.16
CA SER G 121 37.80 11.80 54.00
C SER G 121 36.48 12.16 53.32
N ALA G 122 36.27 11.73 52.08
CA ALA G 122 35.11 12.12 51.31
C ALA G 122 33.84 11.57 51.92
N LYS G 123 32.76 12.33 51.73
CA LYS G 123 31.43 11.95 52.20
C LYS G 123 30.56 11.55 51.00
N THR G 124 29.41 10.97 51.32
CA THR G 124 28.50 10.51 50.29
C THR G 124 28.05 11.66 49.40
N THR G 125 28.22 11.49 48.09
CA THR G 125 27.85 12.49 47.12
C THR G 125 27.05 11.83 46.02
N ALA G 126 25.94 12.45 45.65
CA ALA G 126 25.22 11.99 44.47
C ALA G 126 25.99 12.43 43.23
N PRO G 127 26.22 11.54 42.27
CA PRO G 127 26.96 11.93 41.07
C PRO G 127 26.18 12.91 40.21
N SER G 128 26.91 13.58 39.34
CA SER G 128 26.30 14.42 38.32
C SER G 128 26.54 13.76 36.97
N VAL G 129 25.50 13.72 36.15
CA VAL G 129 25.49 12.94 34.92
C VAL G 129 25.35 13.89 33.73
N TYR G 130 26.20 13.70 32.73
CA TYR G 130 26.35 14.63 31.61
C TYR G 130 26.36 13.86 30.31
N PRO G 131 25.44 14.13 29.38
CA PRO G 131 25.44 13.40 28.11
C PRO G 131 26.53 13.90 27.19
N LEU G 132 27.05 13.00 26.36
CA LEU G 132 28.12 13.29 25.42
C LEU G 132 27.57 13.07 24.02
N ALA G 133 27.26 14.17 23.34
CA ALA G 133 26.77 14.26 21.98
C ALA G 133 27.84 14.86 21.07
N PRO G 134 27.89 14.45 19.79
CA PRO G 134 28.85 15.02 18.83
C PRO G 134 28.40 16.38 18.27
N THR G 140 29.83 11.65 7.17
CA THR G 140 30.29 11.03 8.42
C THR G 140 30.64 9.55 8.18
N GLY G 141 30.65 8.76 9.26
CA GLY G 141 30.91 7.35 9.19
C GLY G 141 29.64 6.52 9.37
N SER G 142 29.79 5.21 9.20
CA SER G 142 28.67 4.29 9.34
C SER G 142 28.12 4.29 10.76
N SER G 143 29.00 4.22 11.74
CA SER G 143 28.60 4.22 13.14
C SER G 143 28.87 5.58 13.76
N VAL G 144 28.00 5.97 14.68
CA VAL G 144 28.23 7.13 15.54
C VAL G 144 28.43 6.62 16.96
N THR G 145 29.38 7.23 17.67
CA THR G 145 29.59 6.92 19.07
C THR G 145 29.07 8.08 19.92
N LEU G 146 28.34 7.73 20.97
CA LEU G 146 27.82 8.65 21.95
C LEU G 146 28.41 8.28 23.30
N GLY G 147 28.22 9.17 24.28
CA GLY G 147 28.82 8.90 25.56
C GLY G 147 28.00 9.42 26.72
N CYS G 148 28.44 9.02 27.91
CA CYS G 148 27.78 9.37 29.16
C CYS G 148 28.88 9.62 30.18
N LEU G 149 28.77 10.72 30.90
CA LEU G 149 29.79 11.14 31.85
C LEU G 149 29.19 11.14 33.24
N VAL G 150 29.83 10.45 34.17
CA VAL G 150 29.36 10.38 35.55
C VAL G 150 30.48 10.96 36.40
N LYS G 151 30.29 12.19 36.87
CA LYS G 151 31.34 12.96 37.52
C LYS G 151 31.00 13.17 38.99
N GLY G 152 32.03 13.05 39.83
CA GLY G 152 31.98 13.53 41.21
C GLY G 152 31.09 12.81 42.20
N TYR G 153 31.20 11.49 42.28
CA TYR G 153 30.42 10.70 43.24
C TYR G 153 31.33 10.04 44.28
N PHE G 154 30.71 9.60 45.38
CA PHE G 154 31.37 8.83 46.43
C PHE G 154 30.32 8.20 47.34
N PRO G 155 30.49 6.94 47.76
CA PRO G 155 31.58 6.06 47.31
C PRO G 155 31.18 5.40 46.01
N GLU G 156 31.91 4.42 45.55
CA GLU G 156 31.47 3.68 44.39
C GLU G 156 30.91 2.33 44.83
N PRO G 157 30.23 1.59 43.93
CA PRO G 157 30.14 1.69 42.47
C PRO G 157 28.95 2.47 41.93
N VAL G 158 28.99 2.72 40.62
CA VAL G 158 27.83 3.17 39.86
C VAL G 158 27.52 2.09 38.85
N THR G 159 26.23 1.86 38.63
CA THR G 159 25.80 0.97 37.56
C THR G 159 25.45 1.83 36.36
N LEU G 160 25.83 1.38 35.18
CA LEU G 160 25.65 2.16 33.96
C LEU G 160 25.06 1.27 32.87
N THR G 161 23.85 1.60 32.43
CA THR G 161 23.19 0.87 31.35
C THR G 161 22.90 1.82 30.19
N TRP G 162 22.62 1.24 29.02
CA TRP G 162 22.30 2.00 27.81
C TRP G 162 20.98 1.48 27.25
N ASN G 163 19.95 2.33 27.36
CA ASN G 163 18.55 2.03 26.93
C ASN G 163 18.01 0.85 27.74
N SER G 164 18.27 0.84 29.04
CA SER G 164 17.82 -0.25 29.97
C SER G 164 18.33 -1.62 29.51
N GLY G 165 19.58 -1.68 29.04
CA GLY G 165 20.19 -2.95 28.61
C GLY G 165 19.81 -3.36 27.19
N SER G 166 19.06 -2.52 26.47
CA SER G 166 18.67 -2.87 25.08
C SER G 166 19.93 -2.98 24.23
N LEU G 167 20.88 -2.06 24.41
CA LEU G 167 22.16 -2.09 23.65
C LEU G 167 23.23 -2.70 24.56
N SER G 168 23.67 -3.92 24.23
CA SER G 168 24.71 -4.62 25.04
C SER G 168 26.07 -4.50 24.34
N SER G 169 26.09 -4.68 23.02
CA SER G 169 27.36 -4.63 22.25
C SER G 169 27.72 -3.18 21.91
N GLY G 170 29.01 -2.94 21.65
CA GLY G 170 29.51 -1.62 21.31
C GLY G 170 29.54 -0.63 22.45
N VAL G 171 29.49 -1.10 23.70
CA VAL G 171 29.64 -0.25 24.87
C VAL G 171 31.01 -0.51 25.48
N HIS G 172 31.67 0.57 25.89
CA HIS G 172 32.79 0.52 26.82
C HIS G 172 32.45 1.37 28.02
N THR G 173 32.56 0.81 29.21
CA THR G 173 32.47 1.58 30.44
C THR G 173 33.84 1.55 31.12
N PHE G 174 34.45 2.75 31.33
CA PHE G 174 35.84 2.74 31.74
C PHE G 174 35.96 2.75 33.27
N PRO G 175 37.07 2.23 33.81
CA PRO G 175 37.30 2.31 35.25
C PRO G 175 37.12 3.72 35.78
N ALA G 176 36.46 3.83 36.92
CA ALA G 176 36.41 5.11 37.62
C ALA G 176 37.81 5.52 38.07
N VAL G 177 38.00 6.82 38.24
CA VAL G 177 39.27 7.39 38.64
C VAL G 177 38.99 8.50 39.65
N LEU G 178 39.93 8.73 40.57
CA LEU G 178 39.77 9.81 41.52
C LEU G 178 40.02 11.16 40.86
N GLN G 179 39.31 12.18 41.34
CA GLN G 179 39.54 13.56 40.91
C GLN G 179 39.17 14.49 42.06
N SER G 180 40.18 14.90 42.83
CA SER G 180 39.98 15.69 44.04
C SER G 180 38.98 15.00 44.97
N ASP G 181 39.39 13.80 45.41
CA ASP G 181 38.70 13.03 46.44
C ASP G 181 37.34 12.51 46.04
N LEU G 182 36.98 12.59 44.76
CA LEU G 182 35.71 12.07 44.26
C LEU G 182 35.99 11.21 43.04
N TYR G 183 34.99 10.44 42.63
CA TYR G 183 35.15 9.51 41.52
C TYR G 183 34.48 10.03 40.25
N THR G 184 35.12 9.74 39.12
CA THR G 184 34.59 10.10 37.82
C THR G 184 34.75 8.90 36.88
N LEU G 185 33.71 8.59 36.14
CA LEU G 185 33.72 7.48 35.19
C LEU G 185 33.07 7.96 33.90
N SER G 186 33.32 7.22 32.82
CA SER G 186 32.71 7.54 31.54
C SER G 186 32.39 6.28 30.77
N SER G 187 31.39 6.38 29.89
CA SER G 187 31.01 5.24 29.07
C SER G 187 30.70 5.71 27.66
N SER G 188 31.12 4.91 26.69
CA SER G 188 30.81 5.14 25.29
C SER G 188 29.92 4.01 24.79
N VAL G 189 29.04 4.35 23.85
CA VAL G 189 28.22 3.38 23.12
C VAL G 189 28.30 3.72 21.64
N THR G 190 28.30 2.70 20.79
CA THR G 190 28.46 2.92 19.35
C THR G 190 27.34 2.22 18.59
N VAL G 191 26.56 3.01 17.85
CA VAL G 191 25.38 2.54 17.14
C VAL G 191 25.50 2.96 15.69
N THR G 192 24.54 2.53 14.88
CA THR G 192 24.56 2.87 13.46
C THR G 192 24.12 4.31 13.23
N SER G 193 24.69 4.94 12.20
CA SER G 193 24.46 6.38 11.98
C SER G 193 23.00 6.70 11.74
N SER G 194 22.25 5.78 11.13
CA SER G 194 20.85 6.06 10.80
C SER G 194 19.91 5.88 11.98
N THR G 195 20.29 5.09 12.99
CA THR G 195 19.43 4.90 14.15
C THR G 195 19.43 6.09 15.11
N TRP G 196 20.40 7.00 14.99
CA TRP G 196 20.43 8.19 15.82
C TRP G 196 20.64 9.43 14.94
N PRO G 197 19.95 10.55 15.24
CA PRO G 197 19.03 10.77 16.37
C PRO G 197 17.61 10.24 16.16
N SER G 198 17.41 9.41 15.14
CA SER G 198 16.07 8.96 14.76
C SER G 198 15.33 8.37 15.96
N GLN G 199 15.90 7.33 16.55
CA GLN G 199 15.36 6.71 17.76
C GLN G 199 16.28 7.06 18.93
N SER G 200 15.72 7.74 19.92
CA SER G 200 16.54 8.30 20.99
C SER G 200 17.20 7.19 21.81
N ILE G 201 18.32 7.57 22.44
CA ILE G 201 19.17 6.66 23.21
C ILE G 201 19.57 7.35 24.50
N THR G 202 19.41 6.65 25.62
CA THR G 202 19.72 7.20 26.92
C THR G 202 20.57 6.24 27.74
N CYS G 203 21.43 6.81 28.60
CA CYS G 203 22.18 6.06 29.60
C CYS G 203 21.48 6.18 30.95
N ASN G 204 21.53 5.10 31.72
CA ASN G 204 20.93 5.00 33.04
C ASN G 204 22.06 4.79 34.05
N VAL G 205 22.32 5.81 34.85
CA VAL G 205 23.28 5.74 35.93
C VAL G 205 22.52 5.52 37.21
N ALA G 206 22.93 4.52 37.98
CA ALA G 206 22.35 4.28 39.31
C ALA G 206 23.49 4.28 40.32
N HIS G 207 23.40 5.18 41.28
CA HIS G 207 24.34 5.20 42.40
C HIS G 207 23.59 4.79 43.65
N PRO G 208 23.63 3.51 44.03
CA PRO G 208 22.94 3.09 45.27
C PRO G 208 23.24 3.95 46.49
N ALA G 209 24.52 4.17 46.81
CA ALA G 209 24.92 4.82 48.05
C ALA G 209 24.25 6.17 48.27
N SER G 210 23.67 6.78 47.24
CA SER G 210 22.93 8.02 47.39
C SER G 210 21.48 7.88 46.96
N SER G 211 21.00 6.65 46.72
CA SER G 211 19.59 6.37 46.43
C SER G 211 19.11 7.09 45.17
N THR G 212 20.03 7.38 44.26
CA THR G 212 19.72 8.14 43.07
C THR G 212 19.91 7.28 41.83
N LYS G 213 18.94 7.37 40.91
CA LYS G 213 19.08 6.85 39.56
C LYS G 213 18.69 7.96 38.60
N VAL G 214 19.40 8.03 37.48
CA VAL G 214 19.24 9.11 36.51
C VAL G 214 19.11 8.52 35.12
N ASP G 215 18.60 9.36 34.21
CA ASP G 215 18.44 9.02 32.80
C ASP G 215 18.66 10.28 31.98
N LYS G 216 19.61 10.23 31.05
CA LYS G 216 19.86 11.34 30.12
C LYS G 216 19.71 10.82 28.70
N LYS G 217 18.61 11.21 28.04
CA LYS G 217 18.52 11.03 26.60
C LYS G 217 19.44 12.04 25.92
N ILE G 218 20.09 11.62 24.85
CA ILE G 218 21.10 12.43 24.16
C ILE G 218 20.52 12.90 22.84
N GLU G 219 20.64 14.21 22.58
CA GLU G 219 20.13 14.82 21.36
C GLU G 219 21.16 15.82 20.85
N PRO G 220 21.36 15.87 19.53
CA PRO G 220 22.56 16.54 19.00
C PRO G 220 22.53 18.05 19.21
N ARG G 221 23.66 18.67 18.87
CA ARG G 221 23.85 20.10 19.01
C ARG G 221 23.18 20.87 17.87
N ASP H 1 67.19 -9.63 53.45
CA ASP H 1 66.10 -10.42 52.90
C ASP H 1 66.31 -10.78 51.43
N ILE H 2 65.54 -11.76 50.97
CA ILE H 2 65.65 -12.23 49.60
C ILE H 2 64.89 -11.30 48.66
N VAL H 3 65.59 -10.76 47.65
CA VAL H 3 65.01 -9.90 46.62
C VAL H 3 64.53 -10.76 45.46
N MET H 4 63.37 -10.40 44.90
CA MET H 4 62.68 -11.14 43.86
C MET H 4 62.58 -10.30 42.61
N THR H 5 63.13 -10.80 41.51
CA THR H 5 63.12 -10.06 40.26
C THR H 5 62.47 -10.94 39.20
N GLN H 6 61.30 -10.52 38.72
CA GLN H 6 60.50 -11.30 37.79
C GLN H 6 60.43 -10.57 36.46
N SER H 7 60.54 -11.31 35.37
CA SER H 7 60.51 -10.71 34.05
C SER H 7 60.16 -11.77 33.03
N PRO H 8 59.60 -11.39 31.87
CA PRO H 8 59.22 -10.04 31.45
C PRO H 8 58.09 -9.47 32.29
N ALA H 9 57.91 -8.15 32.28
CA ALA H 9 56.79 -7.55 33.00
C ALA H 9 55.47 -7.73 32.27
N SER H 10 55.50 -7.95 30.95
CA SER H 10 54.32 -8.08 30.11
C SER H 10 54.59 -9.09 29.00
N LEU H 11 53.53 -9.78 28.58
CA LEU H 11 53.66 -10.79 27.55
C LEU H 11 52.40 -10.72 26.69
N SER H 12 52.56 -10.41 25.42
CA SER H 12 51.49 -10.52 24.45
C SER H 12 51.84 -11.71 23.56
N MET H 13 51.09 -12.80 23.71
CA MET H 13 51.39 -14.04 23.03
C MET H 13 50.16 -14.49 22.26
N ALA H 14 50.40 -15.23 21.19
CA ALA H 14 49.33 -15.78 20.38
C ALA H 14 49.04 -17.20 20.82
N ILE H 15 47.82 -17.64 20.52
CA ILE H 15 47.34 -18.91 21.04
C ILE H 15 48.16 -20.06 20.49
N GLY H 16 48.71 -20.89 21.38
CA GLY H 16 49.47 -22.05 21.03
C GLY H 16 50.95 -21.89 21.22
N GLU H 17 51.43 -20.66 21.37
CA GLU H 17 52.86 -20.42 21.56
C GLU H 17 53.30 -20.82 22.97
N LYS H 18 54.61 -20.89 23.15
CA LYS H 18 55.19 -21.28 24.43
C LYS H 18 55.41 -20.03 25.25
N VAL H 19 54.80 -19.98 26.42
CA VAL H 19 54.95 -18.85 27.33
C VAL H 19 56.02 -19.19 28.34
N THR H 20 56.90 -18.24 28.60
CA THR H 20 58.02 -18.45 29.50
C THR H 20 58.20 -17.21 30.36
N ILE H 21 58.40 -17.44 31.66
CA ILE H 21 58.53 -16.39 32.67
C ILE H 21 59.70 -16.75 33.56
N ARG H 22 60.51 -15.77 33.94
CA ARG H 22 61.71 -16.02 34.70
C ARG H 22 61.68 -15.22 35.99
N CYS H 23 62.34 -15.75 37.01
CA CYS H 23 62.29 -15.18 38.34
C CYS H 23 63.63 -15.47 39.02
N ILE H 24 64.27 -14.41 39.52
CA ILE H 24 65.65 -14.44 39.97
C ILE H 24 65.71 -13.94 41.40
N THR H 25 66.41 -14.67 42.27
CA THR H 25 66.50 -14.34 43.68
C THR H 25 67.87 -13.77 44.01
N SER H 26 67.90 -12.95 45.06
CA SER H 26 69.13 -12.30 45.51
C SER H 26 69.98 -13.16 46.43
N THR H 27 69.54 -14.36 46.81
CA THR H 27 70.46 -15.37 47.33
C THR H 27 69.88 -16.75 47.08
N ASP H 28 70.74 -17.75 47.27
CA ASP H 28 70.45 -19.18 46.99
C ASP H 28 69.27 -19.75 47.77
N ILE H 29 68.24 -20.18 47.03
CA ILE H 29 67.06 -20.93 47.56
C ILE H 29 67.12 -22.25 46.76
N ASP H 30 67.23 -23.40 47.43
CA ASP H 30 67.47 -24.63 46.63
C ASP H 30 66.32 -24.92 45.67
N ASP H 31 65.08 -24.96 46.15
CA ASP H 31 63.92 -25.22 45.25
C ASP H 31 62.66 -24.58 45.83
N ASP H 32 62.82 -23.64 46.76
CA ASP H 32 61.66 -22.99 47.43
C ASP H 32 61.12 -21.86 46.55
N MET H 33 60.50 -22.21 45.42
CA MET H 33 59.92 -21.24 44.45
C MET H 33 58.51 -21.71 44.11
N ASN H 34 57.54 -20.80 44.24
CA ASN H 34 56.13 -21.10 43.98
C ASN H 34 55.58 -20.16 42.91
N TRP H 35 54.55 -20.61 42.19
CA TRP H 35 53.98 -19.84 41.08
C TRP H 35 52.47 -19.79 41.21
N TYR H 36 51.94 -18.57 41.28
CA TYR H 36 50.53 -18.25 41.34
C TYR H 36 50.06 -17.62 40.03
N GLN H 37 48.79 -17.85 39.73
CA GLN H 37 48.09 -17.22 38.63
C GLN H 37 46.88 -16.49 39.21
N GLN H 38 46.72 -15.21 38.87
CA GLN H 38 45.59 -14.43 39.34
C GLN H 38 44.81 -13.89 38.15
N LYS H 39 43.56 -14.28 38.06
CA LYS H 39 42.65 -13.71 37.10
C LYS H 39 41.89 -12.54 37.71
N PRO H 40 41.41 -11.61 36.89
CA PRO H 40 40.86 -10.35 37.41
C PRO H 40 39.68 -10.61 38.34
N GLY H 41 39.63 -9.84 39.42
CA GLY H 41 38.56 -9.93 40.39
C GLY H 41 38.69 -11.09 41.34
N GLU H 42 39.76 -11.85 41.28
CA GLU H 42 39.91 -13.13 41.94
C GLU H 42 41.13 -13.13 42.86
N PRO H 43 41.22 -14.09 43.77
CA PRO H 43 42.45 -14.26 44.53
C PRO H 43 43.47 -15.01 43.71
N PRO H 44 44.75 -14.83 44.00
CA PRO H 44 45.78 -15.66 43.36
C PRO H 44 45.50 -17.14 43.60
N LYS H 45 45.85 -17.95 42.61
CA LYS H 45 45.70 -19.40 42.69
C LYS H 45 47.07 -20.07 42.55
N LEU H 46 47.41 -20.92 43.51
CA LEU H 46 48.68 -21.64 43.52
C LEU H 46 48.70 -22.68 42.40
N LEU H 47 49.53 -22.46 41.39
CA LEU H 47 49.69 -23.42 40.31
C LEU H 47 50.82 -24.40 40.61
N ILE H 48 51.96 -23.92 41.09
CA ILE H 48 53.11 -24.80 41.30
C ILE H 48 53.77 -24.47 42.62
N SER H 49 53.97 -25.47 43.49
CA SER H 49 54.60 -25.25 44.78
C SER H 49 56.05 -25.75 44.78
N GLU H 50 56.77 -25.43 45.85
CA GLU H 50 58.22 -25.62 45.90
C GLU H 50 58.60 -27.03 45.45
N GLY H 51 59.69 -27.10 44.68
CA GLY H 51 60.12 -28.34 44.05
C GLY H 51 59.50 -28.66 42.69
N ASN H 52 59.00 -27.64 41.97
CA ASN H 52 58.31 -27.85 40.68
C ASN H 52 57.18 -28.86 40.84
N THR H 53 56.50 -28.77 41.98
CA THR H 53 55.34 -29.61 42.26
C THR H 53 54.09 -28.98 41.65
N LEU H 54 53.62 -29.54 40.57
CA LEU H 54 52.36 -29.11 39.98
C LEU H 54 51.21 -29.49 40.91
N ARG H 55 50.42 -28.50 41.34
CA ARG H 55 49.33 -28.76 42.27
C ARG H 55 48.28 -29.65 41.62
N PRO H 56 47.54 -30.43 42.42
CA PRO H 56 46.47 -31.24 41.84
C PRO H 56 45.39 -30.38 41.19
N GLY H 57 44.90 -30.84 40.05
CA GLY H 57 43.87 -30.15 39.30
C GLY H 57 44.38 -29.09 38.34
N VAL H 58 45.68 -28.83 38.32
CA VAL H 58 46.24 -27.83 37.42
C VAL H 58 46.63 -28.56 36.14
N PRO H 59 46.28 -28.01 34.96
CA PRO H 59 46.59 -28.71 33.71
C PRO H 59 48.09 -28.91 33.53
N SER H 60 48.42 -29.99 32.84
CA SER H 60 49.79 -30.45 32.67
C SER H 60 50.61 -29.59 31.72
N ARG H 61 50.02 -28.58 31.08
CA ARG H 61 50.81 -27.71 30.24
C ARG H 61 51.56 -26.65 31.03
N PHE H 62 51.33 -26.59 32.34
CA PHE H 62 52.10 -25.74 33.24
C PHE H 62 53.27 -26.53 33.81
N SER H 63 54.44 -25.90 33.88
CA SER H 63 55.60 -26.54 34.46
C SER H 63 56.56 -25.48 34.98
N SER H 64 57.53 -25.93 35.79
CA SER H 64 58.54 -25.02 36.32
C SER H 64 59.87 -25.75 36.46
N SER H 65 60.92 -24.96 36.62
N SER H 65 60.93 -24.96 36.62
CA SER H 65 62.28 -25.50 36.72
CA SER H 65 62.28 -25.51 36.74
C SER H 65 63.15 -24.49 37.45
C SER H 65 63.15 -24.49 37.45
N GLY H 66 64.23 -24.99 38.05
CA GLY H 66 65.21 -24.12 38.70
C GLY H 66 65.64 -24.58 40.08
N TYR H 67 66.91 -24.31 40.39
CA TYR H 67 67.48 -24.60 41.70
C TYR H 67 68.59 -23.60 41.97
N GLY H 68 68.51 -22.87 43.08
CA GLY H 68 69.49 -21.84 43.36
C GLY H 68 68.98 -20.40 43.25
N THR H 69 69.16 -19.76 42.10
CA THR H 69 68.65 -18.41 41.91
C THR H 69 67.91 -18.18 40.60
N ASP H 70 68.03 -19.07 39.60
CA ASP H 70 67.37 -18.94 38.30
C ASP H 70 66.17 -19.85 38.25
N PHE H 71 64.97 -19.28 38.11
CA PHE H 71 63.77 -20.10 38.05
C PHE H 71 62.96 -19.72 36.82
N VAL H 72 62.32 -20.73 36.25
CA VAL H 72 61.63 -20.64 34.98
C VAL H 72 60.25 -21.24 35.16
N PHE H 73 59.23 -20.52 34.66
CA PHE H 73 57.84 -20.93 34.63
C PHE H 73 57.39 -21.00 33.19
N THR H 74 56.75 -22.08 32.82
CA THR H 74 56.48 -22.33 31.41
C THR H 74 55.05 -22.81 31.21
N ILE H 75 54.31 -22.13 30.33
CA ILE H 75 53.09 -22.67 29.76
C ILE H 75 53.44 -23.23 28.39
N GLU H 76 53.14 -24.50 28.17
CA GLU H 76 53.59 -25.16 26.95
C GLU H 76 52.92 -24.56 25.71
N ASN H 77 51.60 -24.42 25.73
CA ASN H 77 50.88 -23.82 24.62
C ASN H 77 49.73 -23.02 25.19
N MET H 78 49.74 -21.72 24.93
CA MET H 78 48.82 -20.83 25.61
C MET H 78 47.41 -21.01 25.08
N LEU H 79 46.45 -21.09 26.00
CA LEU H 79 45.02 -21.09 25.68
C LEU H 79 44.43 -19.74 26.06
N SER H 80 43.17 -19.51 25.66
CA SER H 80 42.47 -18.29 26.06
C SER H 80 42.46 -18.14 27.57
N GLU H 81 42.12 -19.23 28.28
CA GLU H 81 42.09 -19.30 29.73
C GLU H 81 43.26 -18.58 30.38
N ASP H 82 44.46 -18.82 29.85
CA ASP H 82 45.70 -18.50 30.52
C ASP H 82 45.97 -17.01 30.65
N VAL H 83 45.09 -16.14 30.13
CA VAL H 83 45.30 -14.69 30.23
C VAL H 83 45.13 -14.27 31.69
N ALA H 84 46.20 -13.76 32.30
CA ALA H 84 46.16 -13.54 33.75
C ALA H 84 47.45 -12.87 34.20
N ASP H 85 47.48 -12.47 35.46
CA ASP H 85 48.73 -12.11 36.09
C ASP H 85 49.39 -13.36 36.67
N TYR H 86 50.71 -13.36 36.69
CA TYR H 86 51.44 -14.49 37.24
C TYR H 86 52.49 -13.95 38.20
N TYR H 87 52.64 -14.63 39.34
CA TYR H 87 53.55 -14.19 40.40
C TYR H 87 54.36 -15.37 40.88
N CYS H 88 55.64 -15.15 41.12
CA CYS H 88 56.44 -16.11 41.86
C CYS H 88 56.49 -15.71 43.33
N LEU H 89 56.74 -16.72 44.18
CA LEU H 89 56.84 -16.52 45.63
C LEU H 89 57.97 -17.38 46.15
N GLN H 90 58.96 -16.76 46.80
CA GLN H 90 60.00 -17.54 47.45
C GLN H 90 59.48 -17.89 48.84
N SER H 91 59.57 -19.17 49.19
CA SER H 91 59.10 -19.65 50.48
C SER H 91 60.24 -20.20 51.33
N ASP H 92 61.46 -19.74 51.07
CA ASP H 92 62.66 -20.32 51.66
C ASP H 92 62.94 -19.72 53.02
N ASN H 93 62.81 -18.40 53.15
CA ASN H 93 63.17 -17.72 54.38
C ASN H 93 62.28 -16.50 54.56
N LEU H 94 62.22 -16.01 55.81
CA LEU H 94 61.42 -14.86 56.20
C LEU H 94 62.23 -13.59 56.02
N PRO H 95 61.67 -12.54 55.40
CA PRO H 95 60.26 -12.50 55.00
C PRO H 95 59.95 -13.23 53.68
N TYR H 96 58.71 -13.70 53.56
CA TYR H 96 58.29 -14.19 52.27
C TYR H 96 58.18 -13.01 51.31
N THR H 97 58.52 -13.24 50.06
CA THR H 97 58.61 -12.16 49.10
C THR H 97 58.14 -12.66 47.74
N PHE H 98 57.27 -11.88 47.10
CA PHE H 98 56.71 -12.20 45.80
C PHE H 98 57.49 -11.54 44.68
N GLY H 99 57.32 -12.08 43.47
CA GLY H 99 57.75 -11.38 42.27
C GLY H 99 56.88 -10.18 41.95
N GLY H 100 57.38 -9.35 41.04
CA GLY H 100 56.65 -8.16 40.65
C GLY H 100 55.40 -8.46 39.84
N GLY H 101 55.41 -9.54 39.09
CA GLY H 101 54.23 -9.89 38.34
C GLY H 101 54.49 -9.88 36.85
N THR H 102 53.74 -10.69 36.12
CA THR H 102 53.78 -10.70 34.67
C THR H 102 52.34 -10.71 34.21
N LYS H 103 51.94 -9.68 33.48
CA LYS H 103 50.62 -9.68 32.87
C LYS H 103 50.72 -10.40 31.53
N LEU H 104 49.96 -11.45 31.37
CA LEU H 104 49.97 -12.25 30.15
C LEU H 104 48.66 -11.98 29.42
N GLU H 105 48.78 -11.34 28.26
CA GLU H 105 47.69 -10.90 27.39
C GLU H 105 47.83 -11.53 26.01
N ILE H 106 46.78 -11.43 25.20
CA ILE H 106 46.73 -12.12 23.92
C ILE H 106 47.23 -11.20 22.81
N LYS H 107 48.01 -11.76 21.90
CA LYS H 107 48.48 -11.04 20.73
C LYS H 107 47.42 -11.10 19.62
N ARG H 108 47.31 -10.01 18.85
CA ARG H 108 46.39 -9.94 17.73
C ARG H 108 46.98 -9.03 16.66
N ALA H 109 46.22 -8.82 15.59
CA ALA H 109 46.66 -7.92 14.54
C ALA H 109 46.42 -6.45 14.93
N ASP H 110 47.27 -5.57 14.41
CA ASP H 110 47.22 -4.16 14.77
C ASP H 110 45.90 -3.52 14.34
N ALA H 111 45.46 -2.55 15.12
CA ALA H 111 44.20 -1.86 14.87
C ALA H 111 44.31 -0.44 15.39
N ALA H 112 44.04 0.53 14.51
CA ALA H 112 44.09 1.94 14.89
C ALA H 112 42.88 2.30 15.75
N PRO H 113 43.05 3.26 16.66
CA PRO H 113 41.93 3.64 17.53
C PRO H 113 40.88 4.45 16.78
N THR H 114 39.63 4.26 17.20
CA THR H 114 38.56 5.16 16.78
C THR H 114 38.48 6.27 17.81
N VAL H 115 38.91 7.47 17.41
CA VAL H 115 38.96 8.65 18.27
C VAL H 115 37.65 9.42 18.16
N SER H 116 37.25 10.05 19.26
CA SER H 116 35.98 10.77 19.32
C SER H 116 36.06 11.82 20.41
N ILE H 117 35.74 13.07 20.06
CA ILE H 117 35.91 14.20 20.98
C ILE H 117 34.54 14.83 21.25
N PHE H 118 34.30 15.19 22.52
CA PHE H 118 33.01 15.67 22.95
C PHE H 118 33.18 16.91 23.81
N PRO H 119 32.47 17.98 23.50
CA PRO H 119 32.60 19.23 24.23
C PRO H 119 31.66 19.26 25.42
N PRO H 120 31.91 20.13 26.40
CA PRO H 120 31.08 20.15 27.62
C PRO H 120 29.61 20.36 27.30
N SER H 121 28.79 19.39 27.68
CA SER H 121 27.35 19.49 27.50
C SER H 121 26.82 20.67 28.32
N SER H 122 25.56 21.03 28.03
CA SER H 122 24.99 22.27 28.57
C SER H 122 24.93 22.25 30.09
N GLU H 123 24.40 21.17 30.66
CA GLU H 123 24.25 21.07 32.11
C GLU H 123 25.58 21.29 32.82
N GLN H 124 26.66 20.76 32.23
CA GLN H 124 27.97 20.93 32.83
C GLN H 124 28.38 22.39 32.86
N LEU H 125 28.17 23.09 31.75
CA LEU H 125 28.51 24.51 31.68
C LEU H 125 27.71 25.30 32.70
N THR H 126 26.45 24.92 32.93
CA THR H 126 25.66 25.57 33.97
C THR H 126 26.29 25.35 35.35
N SER H 127 26.51 24.09 35.72
CA SER H 127 27.01 23.78 37.06
C SER H 127 28.34 24.48 37.36
N GLY H 128 29.11 24.84 36.35
CA GLY H 128 30.36 25.57 36.52
C GLY H 128 31.58 24.87 35.96
N GLY H 129 31.49 23.58 35.65
CA GLY H 129 32.62 22.83 35.15
C GLY H 129 32.59 22.70 33.64
N ALA H 130 33.70 22.22 33.10
CA ALA H 130 33.79 22.05 31.64
C ALA H 130 34.73 20.89 31.38
N SER H 131 34.18 19.76 30.99
CA SER H 131 34.98 18.59 30.69
C SER H 131 34.91 18.30 29.19
N VAL H 132 36.07 18.18 28.58
CA VAL H 132 36.19 17.67 27.21
C VAL H 132 36.55 16.19 27.30
N VAL H 133 35.79 15.35 26.62
CA VAL H 133 36.00 13.91 26.71
C VAL H 133 36.50 13.39 25.37
N CYS H 134 37.54 12.57 25.42
CA CYS H 134 38.10 11.94 24.23
C CYS H 134 38.09 10.43 24.43
N PHE H 135 37.42 9.72 23.53
CA PHE H 135 37.43 8.26 23.51
C PHE H 135 38.35 7.78 22.41
N LEU H 136 39.05 6.69 22.68
CA LEU H 136 39.96 6.06 21.71
C LEU H 136 39.68 4.56 21.84
N ASN H 137 38.82 4.04 20.97
CA ASN H 137 38.27 2.71 21.18
C ASN H 137 38.89 1.70 20.22
N ASN H 138 38.99 0.45 20.71
CA ASN H 138 39.20 -0.74 19.87
C ASN H 138 40.51 -0.70 19.10
N PHE H 139 41.59 -0.25 19.76
CA PHE H 139 42.92 -0.29 19.16
C PHE H 139 43.75 -1.45 19.72
N TYR H 140 44.87 -1.74 19.02
CA TYR H 140 45.91 -2.69 19.44
C TYR H 140 47.20 -2.45 18.65
N PRO H 141 48.39 -2.48 19.29
CA PRO H 141 48.68 -2.84 20.70
C PRO H 141 48.24 -1.77 21.69
N LYS H 142 48.39 -2.05 22.99
CA LYS H 142 47.83 -1.20 24.02
C LYS H 142 48.66 0.04 24.30
N ASP H 143 49.85 0.14 23.73
CA ASP H 143 50.70 1.32 23.87
C ASP H 143 50.08 2.47 23.09
N ILE H 144 49.52 3.43 23.79
CA ILE H 144 48.89 4.61 23.19
C ILE H 144 49.42 5.82 23.93
N ASN H 145 49.55 6.93 23.21
CA ASN H 145 49.88 8.19 23.87
C ASN H 145 48.95 9.27 23.39
N VAL H 146 48.57 10.18 24.28
CA VAL H 146 47.54 11.15 24.01
C VAL H 146 48.01 12.53 24.47
N LYS H 147 47.90 13.51 23.58
CA LYS H 147 48.20 14.90 23.90
C LYS H 147 46.93 15.73 23.75
N TRP H 148 46.72 16.65 24.69
CA TRP H 148 45.65 17.63 24.59
C TRP H 148 46.23 18.98 24.17
N LYS H 149 45.50 19.69 23.31
CA LYS H 149 45.88 21.05 22.89
C LYS H 149 44.70 22.02 23.00
N ILE H 150 44.92 23.10 23.74
CA ILE H 150 43.98 24.22 23.83
C ILE H 150 44.56 25.36 23.02
N ASP H 151 43.81 25.82 22.01
CA ASP H 151 44.26 26.89 21.12
C ASP H 151 45.65 26.56 20.54
N GLY H 152 45.86 25.29 20.23
CA GLY H 152 47.12 24.88 19.65
C GLY H 152 48.29 24.75 20.59
N SER H 153 48.10 24.91 21.91
CA SER H 153 49.19 24.72 22.86
C SER H 153 48.92 23.51 23.75
N GLU H 154 49.97 22.73 23.99
CA GLU H 154 49.82 21.48 24.72
C GLU H 154 49.53 21.74 26.19
N ARG H 155 48.56 21.01 26.72
CA ARG H 155 48.12 21.12 28.11
C ARG H 155 48.26 19.76 28.77
N GLN H 156 48.89 19.73 29.96
CA GLN H 156 49.06 18.50 30.73
C GLN H 156 48.76 18.79 32.21
N ASN H 157 47.49 19.07 32.49
CA ASN H 157 47.03 19.50 33.80
C ASN H 157 45.51 19.52 33.74
N GLY H 158 44.87 18.77 34.61
CA GLY H 158 43.44 18.54 34.50
C GLY H 158 43.07 17.37 33.63
N VAL H 159 44.05 16.55 33.23
CA VAL H 159 43.83 15.43 32.33
C VAL H 159 43.79 14.14 33.16
N LEU H 160 42.72 13.39 33.03
CA LEU H 160 42.54 12.12 33.72
C LEU H 160 42.27 11.02 32.71
N ASN H 161 43.05 9.95 32.80
CA ASN H 161 42.98 8.85 31.85
C ASN H 161 42.49 7.58 32.52
N SER H 162 41.91 6.70 31.71
CA SER H 162 41.37 5.46 32.18
C SER H 162 41.40 4.48 31.03
N TRP H 163 41.77 3.23 31.30
CA TRP H 163 41.95 2.21 30.28
C TRP H 163 41.14 0.97 30.60
N THR H 164 40.53 0.39 29.57
CA THR H 164 39.89 -0.91 29.74
C THR H 164 40.92 -2.02 29.65
N ASP H 165 40.59 -3.16 30.26
CA ASP H 165 41.36 -4.35 30.04
C ASP H 165 41.14 -4.83 28.63
N GLN H 166 41.99 -5.75 28.20
CA GLN H 166 41.82 -6.35 26.89
C GLN H 166 40.44 -6.97 26.75
N ASP H 167 39.84 -6.81 25.57
CA ASP H 167 38.50 -7.35 25.34
C ASP H 167 38.53 -8.87 25.29
N SER H 168 37.49 -9.48 25.88
CA SER H 168 37.40 -10.94 25.91
C SER H 168 37.19 -11.52 24.51
N LYS H 169 36.43 -10.82 23.66
CA LYS H 169 36.06 -11.32 22.33
C LYS H 169 36.83 -10.66 21.20
N ASP H 170 37.29 -9.43 21.40
CA ASP H 170 37.97 -8.63 20.41
C ASP H 170 39.48 -8.68 20.56
N SER H 171 39.96 -8.74 21.80
CA SER H 171 41.37 -8.60 22.16
C SER H 171 41.89 -7.19 21.86
N THR H 172 41.00 -6.21 21.79
CA THR H 172 41.39 -4.82 21.61
C THR H 172 41.37 -4.09 22.94
N TYR H 173 41.90 -2.87 22.91
CA TYR H 173 41.95 -2.00 24.09
C TYR H 173 41.19 -0.73 23.81
N SER H 174 40.81 -0.04 24.88
CA SER H 174 40.09 1.21 24.73
C SER H 174 40.52 2.15 25.85
N MET H 175 40.38 3.43 25.59
CA MET H 175 40.92 4.44 26.48
C MET H 175 40.00 5.65 26.51
N SER H 176 39.95 6.28 27.68
CA SER H 176 39.10 7.44 27.93
C SER H 176 39.96 8.50 28.60
N SER H 177 40.10 9.65 27.94
CA SER H 177 40.84 10.79 28.46
C SER H 177 39.87 11.95 28.67
N THR H 178 40.01 12.65 29.78
CA THR H 178 39.11 13.77 30.01
C THR H 178 39.89 14.95 30.56
N LEU H 179 39.58 16.13 30.06
CA LEU H 179 40.19 17.37 30.49
C LEU H 179 39.15 18.22 31.20
N THR H 180 39.41 18.59 32.44
CA THR H 180 38.45 19.37 33.23
C THR H 180 39.01 20.76 33.50
N LEU H 181 38.29 21.77 33.01
CA LEU H 181 38.57 23.17 33.26
C LEU H 181 37.39 23.77 33.99
N THR H 182 37.64 24.93 34.59
CA THR H 182 36.53 25.77 34.99
C THR H 182 35.82 26.26 33.73
N LYS H 183 34.57 26.69 33.90
CA LYS H 183 33.85 27.29 32.77
C LYS H 183 34.66 28.42 32.15
N ASP H 184 35.33 29.21 32.98
CA ASP H 184 36.02 30.42 32.52
C ASP H 184 37.15 30.08 31.55
N GLU H 185 38.06 29.20 31.97
CA GLU H 185 39.11 28.75 31.07
C GLU H 185 38.51 28.27 29.77
N TYR H 186 37.46 27.46 29.86
CA TYR H 186 36.89 26.84 28.67
C TYR H 186 36.33 27.88 27.72
N GLU H 187 35.72 28.93 28.25
CA GLU H 187 35.13 29.95 27.39
C GLU H 187 36.16 30.92 26.83
N ARG H 188 37.31 31.09 27.51
CA ARG H 188 38.33 31.99 26.99
C ARG H 188 39.03 31.48 25.75
N HIS H 189 38.81 30.23 25.35
CA HIS H 189 39.56 29.62 24.26
C HIS H 189 38.62 29.09 23.20
N ASN H 190 39.19 28.69 22.06
CA ASN H 190 38.43 28.39 20.85
C ASN H 190 38.63 26.97 20.35
N SER H 191 39.88 26.55 20.13
CA SER H 191 40.18 25.25 19.56
C SER H 191 40.53 24.24 20.65
N TYR H 192 39.87 23.08 20.62
CA TYR H 192 40.14 22.01 21.58
C TYR H 192 40.43 20.74 20.81
N THR H 193 41.56 20.12 21.10
CA THR H 193 41.99 18.99 20.30
C THR H 193 42.58 17.88 21.15
N CYS H 194 42.24 16.62 20.84
CA CYS H 194 43.02 15.48 21.31
C CYS H 194 43.72 14.84 20.13
N GLU H 195 45.04 14.66 20.28
CA GLU H 195 45.88 13.97 19.32
C GLU H 195 46.30 12.64 19.93
N ALA H 196 46.24 11.60 19.11
CA ALA H 196 46.56 10.24 19.51
C ALA H 196 47.75 9.74 18.70
N THR H 197 48.72 9.16 19.40
CA THR H 197 49.94 8.63 18.81
C THR H 197 50.00 7.14 19.08
N HIS H 198 50.20 6.38 18.01
CA HIS H 198 50.07 4.95 18.07
C HIS H 198 51.11 4.34 17.14
N LYS H 199 51.49 3.09 17.44
CA LYS H 199 52.32 2.31 16.54
C LYS H 199 51.72 2.23 15.14
N THR H 200 50.39 2.32 15.06
CA THR H 200 49.63 2.00 13.86
C THR H 200 49.88 2.99 12.72
N SER H 201 50.34 4.20 13.00
CA SER H 201 50.55 5.17 11.93
C SER H 201 51.52 6.25 12.40
N THR H 202 52.32 6.73 11.45
CA THR H 202 53.35 7.73 11.73
C THR H 202 52.73 9.10 12.04
N SER H 203 51.57 9.37 11.48
CA SER H 203 50.87 10.62 11.75
C SER H 203 49.87 10.41 12.87
N PRO H 204 49.90 11.24 13.92
CA PRO H 204 48.88 11.15 14.97
C PRO H 204 47.49 11.40 14.41
N ILE H 205 46.52 10.67 14.96
CA ILE H 205 45.11 10.92 14.63
C ILE H 205 44.65 12.11 15.44
N VAL H 206 44.01 13.07 14.78
CA VAL H 206 43.67 14.34 15.39
C VAL H 206 42.16 14.50 15.37
N LYS H 207 41.57 14.81 16.52
CA LYS H 207 40.15 15.12 16.59
C LYS H 207 39.97 16.42 17.33
N SER H 208 39.07 17.26 16.81
CA SER H 208 39.05 18.66 17.19
C SER H 208 37.62 19.19 17.23
N PHE H 209 37.45 20.29 17.95
CA PHE H 209 36.23 21.07 17.83
C PHE H 209 36.56 22.52 18.18
N ASN H 210 35.65 23.41 17.76
CA ASN H 210 35.83 24.84 17.90
C ASN H 210 34.56 25.41 18.51
N ARG H 211 34.69 26.02 19.67
CA ARG H 211 33.54 26.47 20.44
C ARG H 211 32.82 27.64 19.77
N LYS I 8 3.08 11.46 7.05
CA LYS I 8 2.56 10.50 6.07
C LYS I 8 1.90 11.16 4.86
N LYS I 9 0.97 10.42 4.27
CA LYS I 9 0.31 10.83 3.03
C LYS I 9 -0.27 12.23 3.13
N THR I 10 -0.97 12.52 4.23
CA THR I 10 -1.73 13.76 4.32
C THR I 10 -0.80 14.96 4.28
N GLN I 11 0.29 14.92 5.02
CA GLN I 11 1.20 16.06 5.04
C GLN I 11 1.79 16.32 3.66
N LEU I 12 2.07 15.24 2.91
CA LEU I 12 2.67 15.41 1.59
C LEU I 12 1.66 15.96 0.60
N GLN I 13 0.41 15.53 0.69
CA GLN I 13 -0.60 16.13 -0.16
C GLN I 13 -0.72 17.63 0.11
N LEU I 14 -0.79 18.01 1.40
CA LEU I 14 -0.77 19.42 1.75
C LEU I 14 0.45 20.13 1.20
N GLU I 15 1.64 19.53 1.30
CA GLU I 15 2.83 20.17 0.79
C GLU I 15 2.77 20.38 -0.71
N HIS I 16 2.16 19.42 -1.44
CA HIS I 16 1.93 19.58 -2.88
C HIS I 16 1.03 20.77 -3.18
N LEU I 17 -0.09 20.85 -2.47
CA LEU I 17 -0.98 21.97 -2.63
C LEU I 17 -0.28 23.29 -2.32
N LEU I 18 0.52 23.31 -1.26
CA LEU I 18 1.26 24.52 -0.92
C LEU I 18 2.25 24.89 -2.01
N LEU I 19 3.02 23.91 -2.51
CA LEU I 19 3.93 24.20 -3.61
C LEU I 19 3.19 24.82 -4.80
N ASP I 20 2.03 24.27 -5.17
CA ASP I 20 1.25 24.86 -6.28
C ASP I 20 0.86 26.31 -6.02
N LEU I 21 0.26 26.57 -4.84
CA LEU I 21 -0.19 27.93 -4.57
C LEU I 21 0.99 28.90 -4.49
N GLN I 22 2.07 28.48 -3.84
CA GLN I 22 3.25 29.34 -3.76
C GLN I 22 3.82 29.60 -5.13
N MET I 23 3.72 28.63 -6.04
CA MET I 23 4.21 28.86 -7.39
C MET I 23 3.41 29.98 -8.05
N ILE I 24 2.09 29.89 -7.94
CA ILE I 24 1.25 30.96 -8.50
C ILE I 24 1.63 32.31 -7.90
N LEU I 25 1.76 32.36 -6.57
CA LEU I 25 1.98 33.64 -5.90
C LEU I 25 3.36 34.21 -6.23
N ASN I 26 4.37 33.35 -6.36
CA ASN I 26 5.70 33.82 -6.70
C ASN I 26 5.72 34.39 -8.10
N GLY I 27 5.02 33.73 -9.02
CA GLY I 27 4.88 34.31 -10.34
C GLY I 27 4.26 35.69 -10.31
N ILE I 28 3.16 35.84 -9.57
CA ILE I 28 2.47 37.13 -9.53
C ILE I 28 3.36 38.21 -8.91
N ASN I 29 4.16 37.84 -7.91
CA ASN I 29 4.94 38.85 -7.20
C ASN I 29 6.24 39.20 -7.91
N ASN I 30 6.93 38.23 -8.52
CA ASN I 30 8.32 38.39 -8.95
C ASN I 30 8.51 38.77 -10.40
N TYR I 31 7.44 38.99 -11.15
CA TYR I 31 7.57 39.34 -12.55
C TYR I 31 6.57 40.43 -12.87
N LYS I 32 7.03 41.48 -13.54
CA LYS I 32 6.15 42.56 -13.94
C LYS I 32 5.16 42.05 -14.97
N ASN I 33 3.92 42.49 -14.86
CA ASN I 33 2.87 42.00 -15.74
C ASN I 33 2.01 43.20 -16.14
N PRO I 34 1.90 43.52 -17.44
CA PRO I 34 1.07 44.66 -17.84
C PRO I 34 -0.42 44.47 -17.55
N LYS I 35 -0.92 43.24 -17.61
CA LYS I 35 -2.30 42.93 -17.21
C LYS I 35 -2.51 42.98 -15.72
N LEU I 36 -1.56 43.38 -14.88
CA LEU I 36 -1.73 43.20 -13.44
C LEU I 36 -2.92 43.99 -12.90
N THR I 37 -3.15 45.23 -13.38
CA THR I 37 -4.31 45.98 -12.88
C THR I 37 -5.63 45.34 -13.29
N ARG I 38 -5.65 44.60 -14.40
CA ARG I 38 -6.88 43.87 -14.68
C ARG I 38 -7.00 42.67 -13.76
N MET I 39 -5.87 42.00 -13.49
CA MET I 39 -5.89 40.82 -12.64
C MET I 39 -6.45 41.14 -11.26
N LEU I 40 -6.07 42.30 -10.70
CA LEU I 40 -6.52 42.69 -9.37
C LEU I 40 -7.97 43.18 -9.33
N THR I 41 -8.65 43.30 -10.48
CA THR I 41 -10.10 43.54 -10.41
C THR I 41 -10.89 42.29 -10.02
N PHE I 42 -10.29 41.09 -10.11
CA PHE I 42 -11.04 39.84 -9.98
C PHE I 42 -11.35 39.51 -8.53
N LYS I 43 -12.63 39.30 -8.23
CA LYS I 43 -13.10 39.15 -6.86
C LYS I 43 -13.15 37.69 -6.43
N PHE I 44 -12.48 37.38 -5.32
CA PHE I 44 -12.44 36.05 -4.75
C PHE I 44 -13.16 36.01 -3.39
N TYR I 45 -13.83 34.90 -3.11
CA TYR I 45 -14.59 34.73 -1.87
C TYR I 45 -13.86 33.78 -0.92
N MET I 46 -13.85 34.15 0.38
CA MET I 46 -13.02 33.62 1.45
C MET I 46 -13.80 32.76 2.42
N PRO I 47 -13.24 31.64 2.87
CA PRO I 47 -13.94 30.81 3.85
C PRO I 47 -14.18 31.60 5.13
N LYS I 48 -15.36 31.40 5.72
CA LYS I 48 -15.61 32.04 7.02
C LYS I 48 -14.60 31.54 8.05
N LYS I 49 -14.48 30.23 8.17
CA LYS I 49 -13.45 29.59 8.96
C LYS I 49 -12.64 28.68 8.06
N ALA I 50 -11.31 28.78 8.12
CA ALA I 50 -10.44 27.84 7.41
C ALA I 50 -9.48 27.18 8.40
N THR I 51 -9.96 26.11 9.05
CA THR I 51 -9.19 25.38 10.05
C THR I 51 -9.12 23.87 9.83
N GLU I 52 -10.00 23.27 9.02
CA GLU I 52 -10.02 21.82 8.87
C GLU I 52 -10.07 21.45 7.39
N LEU I 53 -9.64 20.24 7.08
CA LEU I 53 -9.59 19.80 5.69
C LEU I 53 -10.95 19.89 4.98
N LYS I 54 -12.05 19.77 5.73
CA LYS I 54 -13.37 19.88 5.10
C LYS I 54 -13.63 21.28 4.56
N HIS I 55 -13.08 22.29 5.20
CA HIS I 55 -13.17 23.65 4.70
C HIS I 55 -12.50 23.83 3.34
N LEU I 56 -11.69 22.86 2.89
CA LEU I 56 -11.19 22.93 1.52
C LEU I 56 -12.30 22.96 0.48
N GLN I 57 -13.54 22.63 0.85
CA GLN I 57 -14.66 22.86 -0.07
C GLN I 57 -14.67 24.30 -0.58
N CYS I 58 -14.37 25.25 0.31
CA CYS I 58 -14.35 26.67 -0.05
C CYS I 58 -13.23 27.00 -1.04
N LEU I 59 -12.11 26.27 -1.00
CA LEU I 59 -11.14 26.47 -2.08
C LEU I 59 -11.65 25.88 -3.37
N GLU I 60 -12.31 24.71 -3.31
CA GLU I 60 -12.72 24.04 -4.54
C GLU I 60 -13.68 24.90 -5.33
N GLU I 61 -14.70 25.46 -4.66
CA GLU I 61 -15.71 26.24 -5.36
C GLU I 61 -15.15 27.55 -5.94
N GLU I 62 -13.89 27.90 -5.65
CA GLU I 62 -13.31 29.12 -6.18
C GLU I 62 -12.30 28.83 -7.30
N LEU I 63 -12.19 27.57 -7.72
CA LEU I 63 -11.18 27.22 -8.71
C LEU I 63 -11.54 27.73 -10.12
N LYS I 64 -12.83 27.86 -10.45
CA LYS I 64 -13.17 28.41 -11.76
C LYS I 64 -12.79 29.87 -11.86
N PRO I 65 -13.09 30.75 -10.89
CA PRO I 65 -12.48 32.08 -10.92
C PRO I 65 -10.96 32.04 -11.01
N LEU I 66 -10.34 31.14 -10.24
CA LEU I 66 -8.88 31.01 -10.24
C LEU I 66 -8.35 30.80 -11.66
N GLU I 67 -8.95 29.86 -12.40
CA GLU I 67 -8.46 29.59 -13.76
C GLU I 67 -8.46 30.85 -14.61
N GLU I 68 -9.49 31.69 -14.45
CA GLU I 68 -9.55 32.92 -15.23
C GLU I 68 -8.36 33.81 -14.93
N VAL I 69 -8.06 34.03 -13.65
CA VAL I 69 -6.92 34.89 -13.35
C VAL I 69 -5.63 34.23 -13.82
N LEU I 70 -5.58 32.89 -13.83
CA LEU I 70 -4.37 32.22 -14.28
C LEU I 70 -4.12 32.53 -15.75
N ASN I 71 -5.18 32.61 -16.55
CA ASN I 71 -4.98 32.95 -17.96
C ASN I 71 -4.33 34.32 -18.08
N LEU I 72 -4.71 35.25 -17.22
CA LEU I 72 -4.13 36.58 -17.35
C LEU I 72 -2.73 36.63 -16.78
N ALA I 73 -2.39 35.70 -15.89
CA ALA I 73 -1.09 35.78 -15.25
C ALA I 73 0.05 35.36 -16.16
N GLN I 74 -0.26 34.70 -17.27
CA GLN I 74 0.79 34.28 -18.20
C GLN I 74 1.43 35.47 -18.87
N SER I 75 2.75 35.44 -18.96
CA SER I 75 3.50 36.45 -19.69
C SER I 75 4.69 35.75 -20.31
N LYS I 76 5.52 36.53 -21.02
CA LYS I 76 6.75 36.01 -21.58
C LYS I 76 7.66 35.45 -20.50
N ASN I 77 7.55 35.91 -19.27
CA ASN I 77 8.44 35.45 -18.22
C ASN I 77 7.81 34.42 -17.31
N PHE I 78 6.50 34.49 -17.09
CA PHE I 78 5.82 33.60 -16.16
C PHE I 78 5.01 32.59 -16.99
N HIS I 79 5.38 31.32 -16.88
CA HIS I 79 4.84 30.26 -17.71
C HIS I 79 4.13 29.24 -16.83
N LEU I 80 2.88 28.97 -17.16
CA LEU I 80 2.16 27.89 -16.49
C LEU I 80 1.04 27.46 -17.39
N ARG I 81 0.39 26.38 -17.00
CA ARG I 81 -0.68 25.79 -17.81
C ARG I 81 -1.94 25.80 -16.98
N PRO I 82 -2.81 26.81 -17.17
CA PRO I 82 -3.90 27.05 -16.22
C PRO I 82 -4.86 25.88 -16.05
N ARG I 83 -5.27 25.23 -17.15
CA ARG I 83 -6.12 24.06 -17.03
C ARG I 83 -5.43 22.95 -16.25
N ASP I 84 -4.18 22.62 -16.61
CA ASP I 84 -3.47 21.53 -15.98
C ASP I 84 -3.26 21.84 -14.51
N LEU I 85 -2.96 23.10 -14.20
CA LEU I 85 -2.72 23.50 -12.82
C LEU I 85 -3.98 23.39 -11.98
N ILE I 86 -5.11 23.89 -12.48
CA ILE I 86 -6.37 23.74 -11.76
C ILE I 86 -6.71 22.27 -11.59
N SER I 87 -6.43 21.46 -12.61
CA SER I 87 -6.72 20.04 -12.51
C SER I 87 -5.90 19.36 -11.41
N ASN I 88 -4.59 19.63 -11.38
CA ASN I 88 -3.75 19.03 -10.35
C ASN I 88 -4.17 19.51 -8.96
N ILE I 89 -4.42 20.81 -8.80
CA ILE I 89 -4.92 21.34 -7.53
C ILE I 89 -6.19 20.61 -7.10
N ASN I 90 -7.13 20.44 -8.02
CA ASN I 90 -8.42 19.85 -7.67
C ASN I 90 -8.27 18.38 -7.31
N VAL I 91 -7.33 17.69 -7.94
CA VAL I 91 -7.03 16.32 -7.55
C VAL I 91 -6.57 16.28 -6.10
N ILE I 92 -5.62 17.15 -5.74
CA ILE I 92 -5.10 17.11 -4.38
C ILE I 92 -6.19 17.51 -3.38
N VAL I 93 -7.05 18.45 -3.77
CA VAL I 93 -8.12 18.88 -2.87
C VAL I 93 -9.10 17.74 -2.64
N LEU I 94 -9.48 17.02 -3.69
CA LEU I 94 -10.43 15.94 -3.49
C LEU I 94 -9.82 14.80 -2.68
N GLU I 95 -8.51 14.55 -2.86
CA GLU I 95 -7.83 13.61 -1.97
C GLU I 95 -7.95 14.05 -0.51
N LEU I 96 -7.60 15.31 -0.22
CA LEU I 96 -7.58 15.77 1.16
C LEU I 96 -8.97 15.78 1.77
N LYS I 97 -9.95 16.32 1.04
CA LYS I 97 -11.30 16.53 1.55
C LYS I 97 -12.17 15.29 1.43
N GLY I 98 -11.85 14.37 0.51
CA GLY I 98 -12.67 13.18 0.32
C GLY I 98 -14.03 13.44 -0.30
N THR I 102 -19.31 17.28 -0.05
CA THR I 102 -20.03 16.57 1.01
C THR I 102 -20.06 17.41 2.30
N PHE I 103 -20.04 18.74 2.13
CA PHE I 103 -20.08 19.71 3.23
C PHE I 103 -20.28 21.11 2.66
N MET I 104 -21.38 21.78 3.00
CA MET I 104 -21.60 23.09 2.44
C MET I 104 -20.59 24.09 3.00
N CYS I 105 -20.18 25.03 2.15
CA CYS I 105 -19.16 26.01 2.51
C CYS I 105 -19.81 27.34 2.92
N GLU I 106 -19.30 27.92 3.99
CA GLU I 106 -19.73 29.21 4.51
C GLU I 106 -18.65 30.25 4.22
N TYR I 107 -19.05 31.38 3.66
CA TYR I 107 -18.12 32.38 3.16
C TYR I 107 -18.08 33.60 4.06
N ALA I 108 -16.90 34.22 4.14
CA ALA I 108 -16.77 35.55 4.73
C ALA I 108 -17.52 36.58 3.88
N ASP I 109 -17.67 37.76 4.44
CA ASP I 109 -18.39 38.83 3.78
C ASP I 109 -17.47 39.69 2.95
N GLU I 110 -16.25 39.89 3.42
CA GLU I 110 -15.27 40.59 2.61
C GLU I 110 -14.83 39.71 1.45
N THR I 111 -14.45 40.34 0.37
CA THR I 111 -13.89 39.65 -0.77
C THR I 111 -12.38 39.82 -0.74
N ALA I 112 -11.70 39.21 -1.73
CA ALA I 112 -10.27 39.32 -1.82
C ALA I 112 -9.84 39.36 -3.28
N THR I 113 -8.68 39.97 -3.49
CA THR I 113 -7.88 39.80 -4.68
C THR I 113 -7.17 38.44 -4.67
N ILE I 114 -6.54 38.13 -5.81
CA ILE I 114 -5.81 36.89 -6.00
C ILE I 114 -4.69 36.75 -4.98
N VAL I 115 -4.06 37.87 -4.59
CA VAL I 115 -2.94 37.82 -3.66
C VAL I 115 -3.42 37.47 -2.26
N GLU I 116 -4.49 38.15 -1.80
CA GLU I 116 -5.06 37.81 -0.50
C GLU I 116 -5.57 36.37 -0.48
N PHE I 117 -6.18 35.92 -1.59
CA PHE I 117 -6.76 34.59 -1.65
C PHE I 117 -5.68 33.51 -1.54
N LEU I 118 -4.65 33.62 -2.37
CA LEU I 118 -3.52 32.73 -2.27
C LEU I 118 -2.95 32.73 -0.84
N ASN I 119 -2.57 33.91 -0.31
CA ASN I 119 -2.00 33.98 1.04
C ASN I 119 -2.87 33.30 2.09
N ARG I 120 -4.20 33.46 1.99
CA ARG I 120 -5.09 32.72 2.88
C ARG I 120 -4.88 31.22 2.78
N TRP I 121 -4.90 30.68 1.55
CA TRP I 121 -4.82 29.21 1.48
C TRP I 121 -3.40 28.66 1.72
N ILE I 122 -2.39 29.49 1.48
CA ILE I 122 -1.02 29.16 1.87
C ILE I 122 -0.93 29.06 3.38
N THR I 123 -1.58 29.98 4.09
CA THR I 123 -1.57 29.94 5.54
C THR I 123 -2.33 28.72 6.06
N PHE I 124 -3.47 28.42 5.45
CA PHE I 124 -4.20 27.23 5.83
C PHE I 124 -3.31 25.99 5.76
N CYS I 125 -2.70 25.76 4.58
CA CYS I 125 -1.82 24.59 4.41
C CYS I 125 -0.72 24.58 5.45
N GLN I 126 -0.05 25.71 5.64
CA GLN I 126 1.03 25.74 6.61
C GLN I 126 0.55 25.39 8.01
N SER I 127 -0.68 25.77 8.38
CA SER I 127 -1.17 25.50 9.73
C SER I 127 -1.41 24.00 9.91
N ILE I 128 -2.11 23.38 8.96
CA ILE I 128 -2.36 21.95 9.09
C ILE I 128 -1.04 21.19 9.08
N ILE I 129 -0.07 21.63 8.25
CA ILE I 129 1.23 20.96 8.20
C ILE I 129 1.92 21.05 9.55
N SER I 130 1.91 22.23 10.16
CA SER I 130 2.50 22.43 11.49
C SER I 130 1.79 21.58 12.55
N THR I 131 0.49 21.38 12.42
CA THR I 131 -0.22 20.53 13.37
C THR I 131 0.21 19.07 13.24
N LEU I 132 0.35 18.58 12.02
CA LEU I 132 0.81 17.24 11.73
C LEU I 132 2.31 17.09 11.89
N THR I 133 3.01 18.10 12.39
CA THR I 133 4.41 17.93 12.78
C THR I 133 4.47 17.46 14.24
N LYS J 8 -6.19 9.19 6.33
CA LYS J 8 -6.21 7.76 6.57
C LYS J 8 -5.34 7.38 7.77
N LYS J 9 -4.07 7.06 7.49
CA LYS J 9 -3.22 6.39 8.49
C LYS J 9 -3.09 7.21 9.78
N THR J 10 -2.73 8.50 9.66
CA THR J 10 -2.56 9.34 10.83
C THR J 10 -3.85 9.46 11.63
N GLN J 11 -4.97 9.64 10.93
CA GLN J 11 -6.26 9.73 11.60
C GLN J 11 -6.58 8.45 12.39
N LEU J 12 -6.26 7.28 11.80
CA LEU J 12 -6.52 6.01 12.47
C LEU J 12 -5.63 5.79 13.69
N GLN J 13 -4.37 6.19 13.62
CA GLN J 13 -3.53 6.15 14.81
C GLN J 13 -4.14 7.00 15.92
N LEU J 14 -4.62 8.19 15.58
CA LEU J 14 -5.26 9.03 16.59
C LEU J 14 -6.52 8.38 17.16
N GLU J 15 -7.27 7.67 16.32
CA GLU J 15 -8.45 7.00 16.83
C GLU J 15 -8.08 5.88 17.80
N HIS J 16 -7.04 5.11 17.49
CA HIS J 16 -6.55 4.08 18.41
C HIS J 16 -6.20 4.71 19.76
N LEU J 17 -5.44 5.81 19.73
CA LEU J 17 -5.06 6.46 20.98
C LEU J 17 -6.30 6.94 21.73
N LEU J 18 -7.26 7.51 21.00
CA LEU J 18 -8.44 8.04 21.66
C LEU J 18 -9.22 6.93 22.35
N LEU J 19 -9.33 5.76 21.70
CA LEU J 19 -10.06 4.65 22.29
C LEU J 19 -9.34 4.09 23.51
N ASP J 20 -8.00 4.00 23.47
CA ASP J 20 -7.23 3.64 24.66
C ASP J 20 -7.58 4.53 25.86
N LEU J 21 -7.56 5.85 25.63
CA LEU J 21 -7.85 6.80 26.71
C LEU J 21 -9.29 6.66 27.19
N GLN J 22 -10.25 6.59 26.27
CA GLN J 22 -11.66 6.49 26.64
C GLN J 22 -11.96 5.20 27.39
N MET J 23 -11.25 4.12 27.08
CA MET J 23 -11.43 2.88 27.83
C MET J 23 -11.01 3.05 29.28
N ILE J 24 -9.81 3.60 29.51
CA ILE J 24 -9.40 3.93 30.87
C ILE J 24 -10.43 4.81 31.57
N LEU J 25 -10.88 5.86 30.89
CA LEU J 25 -11.77 6.83 31.53
C LEU J 25 -13.14 6.23 31.87
N ASN J 26 -13.74 5.50 30.93
CA ASN J 26 -15.01 4.83 31.21
C ASN J 26 -14.85 3.85 32.35
N GLY J 27 -13.70 3.19 32.46
CA GLY J 27 -13.51 2.29 33.58
C GLY J 27 -13.52 3.03 34.91
N ILE J 28 -12.82 4.16 34.97
CA ILE J 28 -12.77 4.93 36.21
C ILE J 28 -14.16 5.46 36.57
N ASN J 29 -14.92 5.93 35.59
CA ASN J 29 -16.19 6.57 35.91
C ASN J 29 -17.32 5.57 36.17
N ASN J 30 -17.36 4.46 35.42
CA ASN J 30 -18.54 3.58 35.32
C ASN J 30 -18.61 2.49 36.40
N TYR J 31 -17.58 2.31 37.22
CA TYR J 31 -17.58 1.24 38.22
C TYR J 31 -17.15 1.77 39.58
N LYS J 32 -17.92 1.43 40.62
CA LYS J 32 -17.48 1.69 41.98
C LYS J 32 -16.17 0.97 42.26
N ASN J 33 -15.36 1.58 43.13
CA ASN J 33 -13.97 1.15 43.32
C ASN J 33 -13.51 1.68 44.67
N PRO J 34 -13.21 0.81 45.65
CA PRO J 34 -12.88 1.32 46.99
C PRO J 34 -11.54 2.05 47.06
N LYS J 35 -10.57 1.69 46.21
CA LYS J 35 -9.33 2.45 46.11
C LYS J 35 -9.47 3.79 45.39
N LEU J 36 -10.67 4.18 44.97
CA LEU J 36 -10.82 5.41 44.20
C LEU J 36 -10.18 6.60 44.88
N THR J 37 -10.43 6.78 46.19
CA THR J 37 -9.86 7.94 46.87
C THR J 37 -8.34 7.94 46.73
N ARG J 38 -7.72 6.77 46.85
CA ARG J 38 -6.28 6.71 46.68
C ARG J 38 -5.89 7.11 45.26
N MET J 39 -6.56 6.54 44.24
CA MET J 39 -6.25 6.93 42.85
C MET J 39 -6.32 8.43 42.67
N LEU J 40 -7.19 9.11 43.42
CA LEU J 40 -7.41 10.53 43.21
C LEU J 40 -6.38 11.40 43.89
N THR J 41 -5.54 10.83 44.77
CA THR J 41 -4.39 11.57 45.27
C THR J 41 -3.29 11.68 44.22
N PHE J 42 -3.32 10.86 43.17
CA PHE J 42 -2.24 10.87 42.22
C PHE J 42 -2.25 12.14 41.36
N LYS J 43 -1.08 12.76 41.25
CA LYS J 43 -0.92 14.11 40.75
C LYS J 43 -0.32 14.07 39.36
N PHE J 44 -1.05 14.56 38.36
CA PHE J 44 -0.58 14.62 36.99
C PHE J 44 -0.26 16.05 36.57
N TYR J 45 0.57 16.15 35.54
CA TYR J 45 0.98 17.42 34.97
C TYR J 45 0.46 17.57 33.54
N MET J 46 -0.16 18.68 33.27
CA MET J 46 -0.74 18.96 31.96
C MET J 46 0.20 19.77 31.09
N PRO J 47 0.07 19.70 29.77
CA PRO J 47 0.81 20.62 28.90
C PRO J 47 0.21 22.01 28.91
N LYS J 48 1.10 23.00 28.78
CA LYS J 48 0.64 24.38 28.57
C LYS J 48 -0.18 24.48 27.29
N LYS J 49 0.44 24.17 26.15
CA LYS J 49 -0.25 24.07 24.88
C LYS J 49 -0.29 22.62 24.44
N ALA J 50 -1.48 22.15 24.06
CA ALA J 50 -1.66 20.86 23.40
C ALA J 50 -2.50 21.12 22.15
N THR J 51 -1.82 21.45 21.06
CA THR J 51 -2.47 21.70 19.76
C THR J 51 -1.83 20.94 18.60
N GLU J 52 -0.60 20.46 18.75
CA GLU J 52 0.11 19.84 17.65
C GLU J 52 0.63 18.48 18.09
N LEU J 53 0.93 17.65 17.10
CA LEU J 53 1.38 16.30 17.41
C LEU J 53 2.66 16.30 18.25
N LYS J 54 3.53 17.29 18.09
CA LYS J 54 4.77 17.28 18.85
C LYS J 54 4.52 17.40 20.36
N HIS J 55 3.42 18.05 20.75
CA HIS J 55 3.05 18.13 22.16
C HIS J 55 2.71 16.78 22.77
N LEU J 56 2.56 15.73 21.97
CA LEU J 56 2.42 14.40 22.52
C LEU J 56 3.64 13.97 23.32
N GLN J 57 4.78 14.67 23.18
CA GLN J 57 5.88 14.48 24.12
C GLN J 57 5.37 14.60 25.56
N CYS J 58 4.55 15.60 25.82
CA CYS J 58 4.03 15.83 27.17
C CYS J 58 3.14 14.71 27.66
N LEU J 59 2.52 13.96 26.75
CA LEU J 59 1.80 12.78 27.23
C LEU J 59 2.80 11.67 27.58
N GLU J 60 3.84 11.51 26.76
CA GLU J 60 4.75 10.38 26.93
C GLU J 60 5.49 10.45 28.27
N GLU J 61 5.95 11.65 28.66
CA GLU J 61 6.63 11.85 29.92
C GLU J 61 5.73 11.62 31.13
N GLU J 62 4.44 11.44 30.91
CA GLU J 62 3.53 11.16 32.00
C GLU J 62 3.06 9.72 32.01
N LEU J 63 3.63 8.86 31.14
CA LEU J 63 3.15 7.48 31.05
C LEU J 63 3.57 6.61 32.24
N LYS J 64 4.64 6.96 32.95
CA LYS J 64 5.00 6.16 34.12
C LYS J 64 4.02 6.39 35.27
N PRO J 65 3.70 7.62 35.66
CA PRO J 65 2.60 7.77 36.63
C PRO J 65 1.32 7.09 36.20
N LEU J 66 0.96 7.18 34.92
CA LEU J 66 -0.28 6.57 34.45
C LEU J 66 -0.30 5.08 34.77
N GLU J 67 0.80 4.39 34.46
CA GLU J 67 0.91 2.97 34.78
C GLU J 67 0.56 2.72 36.24
N GLU J 68 1.15 3.50 37.15
CA GLU J 68 0.84 3.34 38.58
C GLU J 68 -0.66 3.35 38.82
N VAL J 69 -1.35 4.38 38.34
CA VAL J 69 -2.78 4.49 38.61
C VAL J 69 -3.52 3.31 38.02
N LEU J 70 -3.11 2.86 36.83
CA LEU J 70 -3.77 1.72 36.21
C LEU J 70 -3.71 0.49 37.12
N ASN J 71 -2.59 0.28 37.80
CA ASN J 71 -2.51 -0.86 38.72
C ASN J 71 -3.60 -0.83 39.78
N LEU J 72 -4.02 0.35 40.22
CA LEU J 72 -5.05 0.46 41.23
C LEU J 72 -6.47 0.43 40.67
N ALA J 73 -6.65 0.59 39.36
CA ALA J 73 -8.01 0.65 38.83
C ALA J 73 -8.58 -0.72 38.48
N GLN J 74 -7.75 -1.77 38.54
CA GLN J 74 -8.21 -3.15 38.35
C GLN J 74 -9.00 -3.63 39.56
N SER J 75 -10.32 -3.49 39.50
CA SER J 75 -11.19 -4.06 40.51
C SER J 75 -11.84 -5.33 39.97
N LYS J 76 -12.57 -6.02 40.82
CA LYS J 76 -13.36 -7.18 40.43
C LYS J 76 -14.44 -6.84 39.40
N ASN J 77 -14.64 -5.57 39.03
CA ASN J 77 -15.64 -5.21 38.03
C ASN J 77 -15.03 -4.44 36.86
N PHE J 78 -13.71 -4.36 36.76
CA PHE J 78 -13.04 -3.64 35.67
C PHE J 78 -11.60 -4.12 35.59
N HIS J 79 -11.23 -4.67 34.43
CA HIS J 79 -9.94 -5.33 34.24
C HIS J 79 -9.21 -4.71 33.07
N LEU J 80 -7.94 -4.39 33.28
CA LEU J 80 -7.08 -3.87 32.24
C LEU J 80 -5.73 -4.54 32.37
N ARG J 81 -4.87 -4.27 31.41
CA ARG J 81 -3.51 -4.79 31.44
C ARG J 81 -2.55 -3.61 31.42
N PRO J 82 -2.07 -3.17 32.59
CA PRO J 82 -1.34 -1.89 32.69
C PRO J 82 -0.13 -1.79 31.77
N ARG J 83 0.80 -2.73 31.87
CA ARG J 83 1.97 -2.68 30.99
C ARG J 83 1.55 -2.71 29.52
N ASP J 84 0.59 -3.57 29.16
CA ASP J 84 0.26 -3.73 27.75
C ASP J 84 -0.42 -2.48 27.20
N LEU J 85 -1.38 -1.95 27.95
CA LEU J 85 -2.02 -0.70 27.54
C LEU J 85 -0.98 0.39 27.35
N ILE J 86 -0.13 0.60 28.36
CA ILE J 86 0.87 1.64 28.28
C ILE J 86 1.78 1.42 27.09
N SER J 87 2.15 0.18 26.81
CA SER J 87 3.04 -0.07 25.69
C SER J 87 2.36 0.24 24.37
N ASN J 88 1.08 -0.08 24.24
CA ASN J 88 0.40 0.23 23.00
C ASN J 88 0.19 1.74 22.85
N ILE J 89 -0.16 2.43 23.93
CA ILE J 89 -0.19 3.89 23.92
C ILE J 89 1.15 4.46 23.48
N ASN J 90 2.24 3.85 23.95
CA ASN J 90 3.56 4.38 23.67
C ASN J 90 3.95 4.17 22.20
N VAL J 91 3.67 2.98 21.68
CA VAL J 91 3.86 2.72 20.25
C VAL J 91 3.14 3.76 19.41
N ILE J 92 1.87 4.04 19.75
CA ILE J 92 1.10 4.99 18.95
C ILE J 92 1.69 6.38 19.03
N VAL J 93 2.04 6.81 20.25
CA VAL J 93 2.56 8.17 20.44
C VAL J 93 3.87 8.34 19.67
N LEU J 94 4.69 7.28 19.62
CA LEU J 94 5.91 7.35 18.83
C LEU J 94 5.59 7.45 17.34
N GLU J 95 4.71 6.59 16.85
CA GLU J 95 4.28 6.68 15.46
C GLU J 95 3.89 8.12 15.12
N LEU J 96 3.22 8.79 16.05
CA LEU J 96 2.70 10.12 15.72
C LEU J 96 3.75 11.21 15.83
N LYS J 97 4.59 11.20 16.88
CA LYS J 97 5.52 12.30 17.08
C LYS J 97 6.87 12.08 16.41
N GLY J 98 7.35 10.84 16.34
CA GLY J 98 8.67 10.55 15.82
C GLY J 98 9.81 11.23 16.54
N PHE J 103 11.79 17.67 21.22
CA PHE J 103 11.05 18.90 21.59
C PHE J 103 10.96 19.03 23.11
N MET J 104 11.40 20.15 23.66
CA MET J 104 11.33 20.39 25.12
C MET J 104 9.88 20.64 25.52
N CYS J 105 9.22 19.61 26.06
CA CYS J 105 7.82 19.73 26.48
C CYS J 105 7.69 20.67 27.69
N GLU J 106 6.71 21.58 27.65
CA GLU J 106 6.44 22.53 28.72
C GLU J 106 5.10 22.26 29.38
N TYR J 107 5.00 22.59 30.67
CA TYR J 107 3.90 22.14 31.52
C TYR J 107 3.19 23.31 32.19
N ALA J 108 1.89 23.13 32.44
CA ALA J 108 1.07 24.11 33.12
C ALA J 108 1.37 24.14 34.63
N ASP J 109 0.93 25.22 35.27
CA ASP J 109 1.09 25.35 36.71
C ASP J 109 0.21 24.37 37.46
N GLU J 110 -1.05 24.26 37.04
CA GLU J 110 -2.01 23.41 37.72
C GLU J 110 -1.70 21.93 37.47
N THR J 111 -1.87 21.11 38.51
CA THR J 111 -1.82 19.66 38.39
C THR J 111 -3.22 19.11 38.13
N ALA J 112 -3.27 17.81 37.83
CA ALA J 112 -4.54 17.22 37.46
C ALA J 112 -4.74 15.87 38.14
N THR J 113 -5.99 15.61 38.46
CA THR J 113 -6.47 14.26 38.70
C THR J 113 -6.33 13.44 37.42
N ILE J 114 -6.31 12.11 37.58
CA ILE J 114 -6.37 11.20 36.43
C ILE J 114 -7.54 11.53 35.52
N VAL J 115 -8.66 11.97 36.09
CA VAL J 115 -9.85 12.26 35.29
C VAL J 115 -9.62 13.50 34.43
N GLU J 116 -9.11 14.57 35.03
CA GLU J 116 -8.78 15.77 34.28
C GLU J 116 -7.73 15.48 33.23
N PHE J 117 -6.74 14.66 33.57
CA PHE J 117 -5.66 14.30 32.65
C PHE J 117 -6.19 13.60 31.41
N LEU J 118 -6.98 12.54 31.62
CA LEU J 118 -7.51 11.81 30.48
C LEU J 118 -8.43 12.69 29.63
N ASN J 119 -9.29 13.49 30.26
CA ASN J 119 -10.15 14.36 29.46
C ASN J 119 -9.33 15.27 28.57
N ARG J 120 -8.30 15.90 29.16
CA ARG J 120 -7.40 16.75 28.39
C ARG J 120 -6.91 16.03 27.15
N TRP J 121 -6.32 14.85 27.32
CA TRP J 121 -5.75 14.23 26.12
C TRP J 121 -6.81 13.67 25.19
N ILE J 122 -8.00 13.38 25.69
CA ILE J 122 -9.08 12.96 24.81
C ILE J 122 -9.50 14.12 23.91
N THR J 123 -9.56 15.33 24.49
CA THR J 123 -9.87 16.52 23.73
C THR J 123 -8.78 16.83 22.69
N PHE J 124 -7.52 16.65 23.07
CA PHE J 124 -6.43 16.74 22.10
C PHE J 124 -6.69 15.84 20.90
N CYS J 125 -7.01 14.58 21.16
CA CYS J 125 -7.20 13.63 20.06
C CYS J 125 -8.39 14.04 19.19
N GLN J 126 -9.50 14.41 19.82
CA GLN J 126 -10.66 14.78 19.02
C GLN J 126 -10.39 16.03 18.20
N SER J 127 -9.59 16.97 18.72
CA SER J 127 -9.23 18.14 17.95
C SER J 127 -8.49 17.73 16.68
N ILE J 128 -7.33 17.06 16.85
CA ILE J 128 -6.56 16.71 15.67
C ILE J 128 -7.39 15.87 14.70
N ILE J 129 -8.29 15.03 15.24
CA ILE J 129 -9.11 14.16 14.40
C ILE J 129 -10.09 14.97 13.59
N SER J 130 -10.62 16.04 14.18
CA SER J 130 -11.58 16.88 13.48
C SER J 130 -10.88 17.79 12.48
N THR J 131 -9.66 18.23 12.77
CA THR J 131 -8.84 18.91 11.77
C THR J 131 -8.63 18.03 10.54
N LEU J 132 -8.35 16.73 10.73
CA LEU J 132 -8.07 15.83 9.62
C LEU J 132 -9.31 15.31 8.93
N THR J 133 -10.50 15.72 9.35
CA THR J 133 -11.70 15.41 8.57
C THR J 133 -12.14 16.68 7.81
N SER K 5 -36.37 34.70 -39.06
CA SER K 5 -36.83 33.41 -39.59
C SER K 5 -35.85 32.31 -39.21
N SER K 6 -36.41 31.17 -38.78
CA SER K 6 -35.60 30.10 -38.19
C SER K 6 -34.59 29.54 -39.19
N THR K 7 -34.93 29.55 -40.47
CA THR K 7 -33.99 29.09 -41.50
C THR K 7 -32.71 29.93 -41.51
N LYS K 8 -32.86 31.26 -41.47
CA LYS K 8 -31.68 32.13 -41.49
C LYS K 8 -30.91 32.07 -40.18
N LYS K 9 -31.58 31.84 -39.04
CA LYS K 9 -30.82 31.67 -37.79
C LYS K 9 -30.03 30.37 -37.79
N THR K 10 -30.65 29.26 -38.23
CA THR K 10 -29.91 28.01 -38.38
C THR K 10 -28.69 28.23 -39.25
N GLN K 11 -28.87 28.91 -40.38
CA GLN K 11 -27.74 29.13 -41.28
C GLN K 11 -26.65 29.95 -40.59
N LEU K 12 -27.03 30.98 -39.84
CA LEU K 12 -26.02 31.82 -39.20
C LEU K 12 -25.23 31.02 -38.17
N GLN K 13 -25.92 30.18 -37.41
CA GLN K 13 -25.22 29.41 -36.39
C GLN K 13 -24.26 28.45 -37.04
N LEU K 14 -24.66 27.86 -38.17
CA LEU K 14 -23.74 27.02 -38.93
C LEU K 14 -22.53 27.82 -39.40
N GLU K 15 -22.73 29.04 -39.86
CA GLU K 15 -21.59 29.85 -40.30
C GLU K 15 -20.65 30.16 -39.15
N HIS K 16 -21.19 30.43 -37.96
CA HIS K 16 -20.36 30.66 -36.78
C HIS K 16 -19.50 29.44 -36.46
N LEU K 17 -20.13 28.26 -36.45
CA LEU K 17 -19.38 27.02 -36.29
C LEU K 17 -18.31 26.84 -37.36
N LEU K 18 -18.66 27.13 -38.63
CA LEU K 18 -17.74 26.94 -39.74
C LEU K 18 -16.51 27.81 -39.57
N LEU K 19 -16.72 29.11 -39.29
CA LEU K 19 -15.62 30.06 -39.06
C LEU K 19 -14.73 29.64 -37.89
N ASP K 20 -15.31 29.08 -36.83
CA ASP K 20 -14.46 28.57 -35.74
C ASP K 20 -13.55 27.44 -36.22
N LEU K 21 -14.14 26.45 -36.92
CA LEU K 21 -13.35 25.29 -37.32
C LEU K 21 -12.31 25.67 -38.35
N GLN K 22 -12.65 26.61 -39.24
CA GLN K 22 -11.71 27.07 -40.25
C GLN K 22 -10.59 27.88 -39.62
N MET K 23 -10.89 28.63 -38.55
CA MET K 23 -9.84 29.37 -37.88
C MET K 23 -8.82 28.42 -37.27
N ILE K 24 -9.31 27.35 -36.66
CA ILE K 24 -8.39 26.33 -36.15
C ILE K 24 -7.57 25.74 -37.29
N LEU K 25 -8.25 25.29 -38.35
CA LEU K 25 -7.55 24.59 -39.42
C LEU K 25 -6.52 25.49 -40.09
N ASN K 26 -6.86 26.77 -40.30
CA ASN K 26 -5.93 27.73 -40.89
C ASN K 26 -4.71 27.90 -39.98
N GLY K 27 -4.94 27.96 -38.67
CA GLY K 27 -3.80 28.08 -37.78
C GLY K 27 -2.87 26.90 -37.90
N ILE K 28 -3.45 25.71 -38.11
CA ILE K 28 -2.61 24.52 -38.22
C ILE K 28 -1.88 24.49 -39.55
N ASN K 29 -2.51 24.93 -40.62
CA ASN K 29 -1.91 24.80 -41.94
C ASN K 29 -0.97 25.96 -42.33
N ASN K 30 -1.11 27.14 -41.72
CA ASN K 30 -0.43 28.33 -42.23
C ASN K 30 0.82 28.71 -41.44
N TYR K 31 1.15 27.99 -40.40
CA TYR K 31 2.38 28.26 -39.68
C TYR K 31 2.98 26.92 -39.31
N LYS K 32 4.30 26.83 -39.39
CA LYS K 32 4.96 25.61 -39.00
C LYS K 32 5.07 25.55 -37.48
N ASN K 33 4.68 24.42 -36.92
CA ASN K 33 4.64 24.18 -35.50
C ASN K 33 5.70 23.14 -35.16
N PRO K 34 6.68 23.42 -34.32
CA PRO K 34 7.62 22.36 -33.94
C PRO K 34 6.95 21.17 -33.24
N LYS K 35 5.72 21.35 -32.72
CA LYS K 35 4.99 20.29 -32.03
C LYS K 35 4.09 19.50 -32.97
N LEU K 36 4.19 19.73 -34.29
CA LEU K 36 3.23 19.16 -35.23
C LEU K 36 3.21 17.63 -35.16
N THR K 37 4.40 17.00 -35.17
CA THR K 37 4.45 15.55 -35.16
C THR K 37 3.75 14.96 -33.95
N ARG K 38 3.76 15.67 -32.83
CA ARG K 38 3.07 15.18 -31.65
C ARG K 38 1.56 15.40 -31.74
N MET K 39 1.12 16.58 -32.20
CA MET K 39 -0.31 16.79 -32.44
C MET K 39 -0.91 15.76 -33.39
N LEU K 40 -0.15 15.31 -34.38
CA LEU K 40 -0.69 14.32 -35.30
C LEU K 40 -0.83 12.91 -34.69
N THR K 41 -0.34 12.67 -33.46
CA THR K 41 -0.63 11.40 -32.81
C THR K 41 -1.97 11.38 -32.09
N PHE K 42 -2.67 12.51 -31.98
CA PHE K 42 -3.90 12.54 -31.21
C PHE K 42 -5.06 11.96 -32.02
N LYS K 43 -5.68 10.91 -31.48
CA LYS K 43 -6.69 10.12 -32.17
C LYS K 43 -8.08 10.73 -31.99
N PHE K 44 -8.73 11.06 -33.11
CA PHE K 44 -10.12 11.53 -33.09
C PHE K 44 -11.05 10.49 -33.69
N TYR K 45 -12.23 10.35 -33.09
CA TYR K 45 -13.28 9.51 -33.63
C TYR K 45 -14.24 10.34 -34.47
N MET K 46 -14.83 9.69 -35.48
CA MET K 46 -15.51 10.28 -36.63
C MET K 46 -16.92 9.73 -36.79
N PRO K 47 -17.89 10.57 -37.16
CA PRO K 47 -19.25 10.05 -37.39
C PRO K 47 -19.26 9.06 -38.53
N LYS K 48 -19.99 7.95 -38.34
CA LYS K 48 -20.19 7.04 -39.47
C LYS K 48 -20.94 7.75 -40.59
N LYS K 49 -21.97 8.51 -40.25
CA LYS K 49 -22.67 9.38 -41.19
C LYS K 49 -22.82 10.78 -40.59
N ALA K 50 -22.58 11.79 -41.42
CA ALA K 50 -22.74 13.18 -41.02
C ALA K 50 -23.55 13.88 -42.11
N THR K 51 -24.87 13.80 -42.01
CA THR K 51 -25.71 14.44 -43.02
C THR K 51 -26.78 15.34 -42.40
N GLU K 52 -27.31 14.97 -41.25
CA GLU K 52 -28.32 15.75 -40.57
C GLU K 52 -27.71 16.50 -39.39
N LEU K 53 -28.46 17.51 -38.91
CA LEU K 53 -27.98 18.32 -37.81
C LEU K 53 -27.83 17.51 -36.53
N LYS K 54 -28.62 16.46 -36.38
CA LYS K 54 -28.52 15.67 -35.16
C LYS K 54 -27.17 14.95 -35.07
N HIS K 55 -26.52 14.70 -36.20
CA HIS K 55 -25.20 14.08 -36.16
C HIS K 55 -24.16 14.99 -35.56
N LEU K 56 -24.50 16.26 -35.31
CA LEU K 56 -23.60 17.10 -34.52
C LEU K 56 -23.33 16.51 -33.13
N GLN K 57 -24.16 15.58 -32.66
CA GLN K 57 -23.79 14.87 -31.42
C GLN K 57 -22.39 14.28 -31.51
N CYS K 58 -22.03 13.74 -32.68
CA CYS K 58 -20.71 13.15 -32.87
C CYS K 58 -19.59 14.18 -32.76
N LEU K 59 -19.85 15.42 -33.13
CA LEU K 59 -18.83 16.45 -32.88
C LEU K 59 -18.77 16.76 -31.39
N GLU K 60 -19.93 16.83 -30.74
CA GLU K 60 -19.99 17.21 -29.34
C GLU K 60 -19.13 16.29 -28.48
N GLU K 61 -19.31 14.98 -28.66
CA GLU K 61 -18.58 14.02 -27.83
C GLU K 61 -17.07 14.11 -28.04
N GLU K 62 -16.58 14.67 -29.15
CA GLU K 62 -15.16 14.76 -29.39
C GLU K 62 -14.57 16.11 -29.04
N LEU K 63 -15.27 16.94 -28.24
CA LEU K 63 -14.72 18.26 -27.96
C LEU K 63 -13.61 18.24 -26.93
N LYS K 64 -13.63 17.31 -25.97
CA LYS K 64 -12.53 17.24 -25.01
C LYS K 64 -11.22 16.84 -25.66
N PRO K 65 -11.17 15.82 -26.52
CA PRO K 65 -9.96 15.62 -27.35
C PRO K 65 -9.49 16.90 -28.01
N LEU K 66 -10.42 17.61 -28.68
CA LEU K 66 -10.04 18.81 -29.44
C LEU K 66 -9.33 19.82 -28.54
N GLU K 67 -9.92 20.12 -27.39
CA GLU K 67 -9.30 21.09 -26.47
C GLU K 67 -7.84 20.74 -26.19
N GLU K 68 -7.56 19.44 -25.99
CA GLU K 68 -6.19 19.02 -25.70
C GLU K 68 -5.26 19.43 -26.84
N VAL K 69 -5.66 19.13 -28.06
CA VAL K 69 -4.79 19.46 -29.17
C VAL K 69 -4.70 20.96 -29.34
N LEU K 70 -5.75 21.72 -29.01
CA LEU K 70 -5.64 23.17 -29.15
C LEU K 70 -4.52 23.72 -28.26
N ASN K 71 -4.31 23.13 -27.07
CA ASN K 71 -3.19 23.56 -26.24
C ASN K 71 -1.89 23.47 -27.03
N LEU K 72 -1.68 22.34 -27.71
CA LEU K 72 -0.47 22.12 -28.49
C LEU K 72 -0.38 23.04 -29.71
N ALA K 73 -1.51 23.53 -30.21
CA ALA K 73 -1.44 24.33 -31.44
C ALA K 73 -1.10 25.80 -31.16
N GLN K 74 -1.07 26.23 -29.90
CA GLN K 74 -0.66 27.58 -29.55
C GLN K 74 0.82 27.76 -29.85
N SER K 75 1.16 28.77 -30.63
CA SER K 75 2.55 29.07 -30.93
C SER K 75 2.74 30.58 -30.90
N LYS K 76 3.94 31.02 -31.27
CA LYS K 76 4.20 32.43 -31.37
C LYS K 76 3.51 33.04 -32.58
N ASN K 77 3.01 32.22 -33.47
CA ASN K 77 2.31 32.69 -34.65
C ASN K 77 0.80 32.45 -34.59
N PHE K 78 0.36 31.54 -33.74
CA PHE K 78 -1.05 31.14 -33.72
C PHE K 78 -1.55 31.22 -32.30
N HIS K 79 -2.39 32.21 -32.04
CA HIS K 79 -2.88 32.48 -30.70
C HIS K 79 -4.32 32.05 -30.62
N LEU K 80 -4.67 31.48 -29.48
CA LEU K 80 -5.86 30.67 -29.33
C LEU K 80 -6.28 30.75 -27.88
N ARG K 81 -7.58 30.79 -27.67
CA ARG K 81 -8.12 30.67 -26.32
C ARG K 81 -8.84 29.34 -26.23
N PRO K 82 -8.11 28.24 -26.00
CA PRO K 82 -8.71 26.91 -26.18
C PRO K 82 -10.00 26.68 -25.39
N ARG K 83 -10.04 27.01 -24.09
CA ARG K 83 -11.25 26.69 -23.33
C ARG K 83 -12.41 27.56 -23.77
N ASP K 84 -12.13 28.83 -24.03
CA ASP K 84 -13.12 29.75 -24.58
C ASP K 84 -13.70 29.24 -25.89
N LEU K 85 -12.81 28.94 -26.85
CA LEU K 85 -13.20 28.48 -28.18
C LEU K 85 -14.02 27.18 -28.13
N ILE K 86 -13.63 26.25 -27.25
CA ILE K 86 -14.37 25.00 -27.12
C ILE K 86 -15.75 25.26 -26.53
N SER K 87 -15.84 26.13 -25.52
CA SER K 87 -17.16 26.48 -24.99
C SER K 87 -18.03 27.14 -26.06
N ASN K 88 -17.49 28.05 -26.87
CA ASN K 88 -18.28 28.64 -27.96
C ASN K 88 -18.81 27.57 -28.92
N ILE K 89 -17.92 26.67 -29.36
CA ILE K 89 -18.35 25.59 -30.26
C ILE K 89 -19.43 24.74 -29.59
N ASN K 90 -19.24 24.44 -28.32
CA ASN K 90 -20.18 23.58 -27.62
C ASN K 90 -21.56 24.20 -27.60
N VAL K 91 -21.60 25.50 -27.29
CA VAL K 91 -22.87 26.22 -27.25
C VAL K 91 -23.56 26.16 -28.61
N ILE K 92 -22.82 26.47 -29.67
CA ILE K 92 -23.44 26.47 -31.00
C ILE K 92 -23.93 25.06 -31.36
N VAL K 93 -23.12 24.05 -31.06
CA VAL K 93 -23.49 22.67 -31.41
C VAL K 93 -24.76 22.26 -30.68
N LEU K 94 -24.88 22.66 -29.40
CA LEU K 94 -26.08 22.31 -28.63
C LEU K 94 -27.31 23.05 -29.14
N GLU K 95 -27.15 24.30 -29.59
CA GLU K 95 -28.29 25.00 -30.18
C GLU K 95 -28.73 24.31 -31.47
N LEU K 96 -27.77 23.81 -32.25
CA LEU K 96 -28.10 23.29 -33.57
C LEU K 96 -28.61 21.86 -33.52
N LYS K 97 -28.21 21.11 -32.49
CA LYS K 97 -28.36 19.65 -32.48
C LYS K 97 -29.82 19.23 -32.34
N GLY K 98 -30.54 19.82 -31.38
CA GLY K 98 -31.96 19.51 -31.23
C GLY K 98 -32.45 19.19 -29.83
N PHE K 103 -30.44 11.30 -30.23
CA PHE K 103 -29.60 10.53 -31.17
C PHE K 103 -28.32 10.06 -30.51
N MET K 104 -28.10 8.76 -30.56
CA MET K 104 -26.85 8.16 -30.07
C MET K 104 -25.80 8.20 -31.18
N CYS K 105 -24.62 8.73 -30.87
CA CYS K 105 -23.61 8.87 -31.90
C CYS K 105 -23.02 7.51 -32.27
N GLU K 106 -22.85 7.29 -33.58
CA GLU K 106 -22.41 6.02 -34.18
C GLU K 106 -21.07 6.23 -34.89
N TYR K 107 -19.99 5.72 -34.33
CA TYR K 107 -18.68 6.03 -34.87
C TYR K 107 -18.29 5.10 -36.02
N ALA K 108 -17.46 5.62 -36.92
CA ALA K 108 -16.79 4.78 -37.90
C ALA K 108 -15.62 4.04 -37.26
N ASP K 109 -15.12 3.03 -37.95
CA ASP K 109 -14.02 2.25 -37.39
C ASP K 109 -12.71 3.01 -37.46
N GLU K 110 -12.50 3.75 -38.53
CA GLU K 110 -11.26 4.47 -38.76
C GLU K 110 -11.22 5.75 -37.93
N THR K 111 -10.04 6.05 -37.40
CA THR K 111 -9.81 7.29 -36.68
C THR K 111 -9.22 8.33 -37.63
N ALA K 112 -8.98 9.52 -37.08
CA ALA K 112 -8.53 10.64 -37.88
C ALA K 112 -7.55 11.47 -37.07
N THR K 113 -6.72 12.19 -37.78
CA THR K 113 -5.96 13.24 -37.16
C THR K 113 -6.81 14.50 -37.00
N ILE K 114 -6.24 15.48 -36.29
CA ILE K 114 -6.91 16.77 -36.15
C ILE K 114 -7.30 17.35 -37.50
N VAL K 115 -6.43 17.19 -38.50
CA VAL K 115 -6.66 17.77 -39.83
C VAL K 115 -7.85 17.11 -40.51
N GLU K 116 -7.86 15.77 -40.54
CA GLU K 116 -8.98 15.06 -41.14
C GLU K 116 -10.27 15.42 -40.43
N PHE K 117 -10.24 15.45 -39.09
CA PHE K 117 -11.42 15.69 -38.27
C PHE K 117 -12.03 17.06 -38.58
N LEU K 118 -11.19 18.12 -38.58
CA LEU K 118 -11.67 19.44 -38.94
C LEU K 118 -12.22 19.48 -40.36
N ASN K 119 -11.55 18.82 -41.31
CA ASN K 119 -12.04 18.89 -42.68
C ASN K 119 -13.39 18.20 -42.82
N ARG K 120 -13.56 17.07 -42.14
CA ARG K 120 -14.84 16.38 -42.09
C ARG K 120 -15.96 17.30 -41.62
N TRP K 121 -15.73 17.97 -40.50
CA TRP K 121 -16.81 18.79 -39.95
C TRP K 121 -16.99 20.12 -40.69
N ILE K 122 -15.91 20.67 -41.28
CA ILE K 122 -16.05 21.84 -42.14
C ILE K 122 -16.92 21.52 -43.36
N THR K 123 -16.70 20.34 -43.96
CA THR K 123 -17.48 19.93 -45.13
C THR K 123 -18.93 19.69 -44.75
N PHE K 124 -19.17 19.14 -43.56
CA PHE K 124 -20.53 19.00 -43.07
C PHE K 124 -21.24 20.36 -42.98
N CYS K 125 -20.61 21.33 -42.31
CA CYS K 125 -21.22 22.66 -42.21
C CYS K 125 -21.51 23.22 -43.59
N GLN K 126 -20.56 23.07 -44.51
CA GLN K 126 -20.72 23.68 -45.84
C GLN K 126 -21.86 23.03 -46.61
N SER K 127 -22.01 21.71 -46.52
CA SER K 127 -23.13 21.03 -47.17
C SER K 127 -24.46 21.53 -46.65
N ILE K 128 -24.61 21.63 -45.33
CA ILE K 128 -25.91 22.07 -44.83
C ILE K 128 -26.19 23.50 -45.24
N ILE K 129 -25.22 24.41 -45.03
CA ILE K 129 -25.44 25.79 -45.44
C ILE K 129 -25.85 25.83 -46.91
N SER K 130 -25.19 25.01 -47.73
CA SER K 130 -25.48 24.95 -49.17
C SER K 130 -26.92 24.55 -49.42
N THR K 131 -27.46 23.73 -48.54
CA THR K 131 -28.88 23.39 -48.61
C THR K 131 -29.79 24.55 -48.22
N LEU K 132 -29.34 25.44 -47.32
CA LEU K 132 -30.26 26.44 -46.77
C LEU K 132 -30.28 27.76 -47.52
N THR K 133 -29.37 28.00 -48.46
CA THR K 133 -29.39 29.27 -49.19
C THR K 133 -29.98 29.12 -50.61
N SER L 5 29.65 -1.83 54.70
CA SER L 5 28.70 -2.76 55.31
C SER L 5 28.65 -4.09 54.54
N SER L 6 29.48 -4.20 53.49
CA SER L 6 29.28 -5.20 52.44
C SER L 6 29.29 -6.65 52.95
N THR L 7 29.84 -6.91 54.13
CA THR L 7 29.93 -8.27 54.67
C THR L 7 28.56 -8.93 54.69
N LYS L 8 27.59 -8.28 55.35
CA LYS L 8 26.23 -8.76 55.36
C LYS L 8 25.36 -8.08 54.31
N LYS L 9 25.88 -7.04 53.65
CA LYS L 9 25.13 -6.39 52.58
C LYS L 9 25.04 -7.29 51.33
N THR L 10 26.17 -7.85 50.88
CA THR L 10 26.10 -8.74 49.72
C THR L 10 25.31 -10.00 50.04
N GLN L 11 25.55 -10.58 51.22
CA GLN L 11 24.76 -11.73 51.64
C GLN L 11 23.27 -11.41 51.68
N LEU L 12 22.91 -10.19 52.09
CA LEU L 12 21.49 -9.84 52.21
C LEU L 12 20.84 -9.60 50.86
N GLN L 13 21.55 -8.93 49.94
CA GLN L 13 21.02 -8.81 48.58
C GLN L 13 20.78 -10.18 47.96
N LEU L 14 21.71 -11.12 48.18
CA LEU L 14 21.53 -12.47 47.64
C LEU L 14 20.36 -13.19 48.31
N GLU L 15 20.16 -12.96 49.59
CA GLU L 15 19.02 -13.57 50.26
C GLU L 15 17.70 -12.98 49.76
N HIS L 16 17.65 -11.68 49.51
CA HIS L 16 16.47 -11.06 48.94
C HIS L 16 16.17 -11.64 47.55
N LEU L 17 17.20 -11.75 46.72
CA LEU L 17 17.05 -12.37 45.41
C LEU L 17 16.51 -13.78 45.54
N LEU L 18 17.08 -14.55 46.46
CA LEU L 18 16.67 -15.94 46.68
C LEU L 18 15.20 -16.02 47.05
N LEU L 19 14.77 -15.17 47.98
CA LEU L 19 13.37 -15.21 48.40
C LEU L 19 12.43 -14.85 47.25
N ASP L 20 12.79 -13.86 46.42
CA ASP L 20 11.96 -13.56 45.25
C ASP L 20 11.82 -14.76 44.33
N LEU L 21 12.95 -15.38 43.97
CA LEU L 21 12.92 -16.58 43.14
C LEU L 21 12.09 -17.69 43.77
N GLN L 22 12.29 -17.92 45.07
CA GLN L 22 11.58 -18.98 45.76
C GLN L 22 10.07 -18.71 45.81
N MET L 23 9.69 -17.44 45.97
CA MET L 23 8.28 -17.12 46.03
C MET L 23 7.62 -17.40 44.69
N ILE L 24 8.24 -16.97 43.60
CA ILE L 24 7.72 -17.30 42.28
C ILE L 24 7.57 -18.80 42.12
N LEU L 25 8.60 -19.55 42.54
CA LEU L 25 8.60 -20.99 42.31
C LEU L 25 7.50 -21.67 43.11
N ASN L 26 7.40 -21.32 44.40
CA ASN L 26 6.35 -21.87 45.24
C ASN L 26 4.98 -21.56 44.66
N GLY L 27 4.77 -20.31 44.24
CA GLY L 27 3.48 -19.97 43.66
C GLY L 27 3.12 -20.87 42.50
N ILE L 28 4.10 -21.13 41.62
CA ILE L 28 3.83 -22.02 40.50
C ILE L 28 3.57 -23.45 40.99
N ASN L 29 4.35 -23.90 41.98
CA ASN L 29 4.36 -25.30 42.35
C ASN L 29 3.24 -25.72 43.29
N ASN L 30 2.63 -24.77 43.99
CA ASN L 30 1.63 -25.09 45.00
C ASN L 30 0.21 -25.03 44.47
N TYR L 31 -0.12 -24.00 43.70
CA TYR L 31 -1.51 -23.74 43.36
C TYR L 31 -1.78 -24.15 41.91
N LYS L 32 -2.97 -24.74 41.70
CA LYS L 32 -3.40 -25.27 40.41
C LYS L 32 -3.73 -24.12 39.46
N ASN L 33 -2.92 -23.94 38.42
CA ASN L 33 -3.15 -22.86 37.48
C ASN L 33 -3.74 -23.42 36.20
N PRO L 34 -4.90 -22.94 35.76
CA PRO L 34 -5.39 -23.35 34.43
C PRO L 34 -4.49 -22.91 33.29
N LYS L 35 -3.64 -21.92 33.49
CA LYS L 35 -2.71 -21.46 32.48
C LYS L 35 -1.36 -22.16 32.53
N LEU L 36 -1.17 -23.12 33.43
CA LEU L 36 0.13 -23.77 33.56
C LEU L 36 0.64 -24.31 32.22
N THR L 37 -0.23 -24.97 31.46
CA THR L 37 0.22 -25.54 30.19
C THR L 37 0.82 -24.48 29.28
N ARG L 38 0.23 -23.28 29.27
CA ARG L 38 0.77 -22.21 28.44
C ARG L 38 2.05 -21.64 29.03
N MET L 39 2.17 -21.60 30.36
CA MET L 39 3.39 -21.12 31.01
C MET L 39 4.56 -22.03 30.69
N LEU L 40 4.29 -23.32 30.56
CA LEU L 40 5.35 -24.27 30.29
C LEU L 40 5.86 -24.18 28.86
N THR L 41 5.12 -23.54 27.94
CA THR L 41 5.65 -23.41 26.58
C THR L 41 6.74 -22.36 26.49
N PHE L 42 6.89 -21.54 27.53
CA PHE L 42 7.83 -20.44 27.44
C PHE L 42 9.25 -20.95 27.56
N LYS L 43 10.10 -20.44 26.68
CA LYS L 43 11.44 -20.92 26.46
C LYS L 43 12.42 -19.98 27.12
N PHE L 44 13.21 -20.50 28.05
CA PHE L 44 14.23 -19.76 28.77
C PHE L 44 15.61 -20.29 28.44
N TYR L 45 16.58 -19.39 28.37
CA TYR L 45 17.93 -19.79 28.07
C TYR L 45 18.79 -19.78 29.33
N MET L 46 19.77 -20.68 29.35
CA MET L 46 20.53 -21.02 30.55
C MET L 46 22.02 -20.78 30.34
N PRO L 47 22.72 -20.24 31.34
CA PRO L 47 24.17 -20.03 31.21
C PRO L 47 24.89 -21.37 31.06
N LYS L 48 26.05 -21.33 30.39
CA LYS L 48 26.89 -22.52 30.35
C LYS L 48 27.51 -22.80 31.71
N LYS L 49 28.10 -21.78 32.31
CA LYS L 49 28.66 -21.86 33.65
C LYS L 49 28.11 -20.70 34.46
N ALA L 50 27.57 -21.02 35.63
CA ALA L 50 27.13 -20.01 36.58
C ALA L 50 27.68 -20.41 37.96
N THR L 51 28.76 -19.74 38.36
CA THR L 51 29.53 -20.02 39.56
C THR L 51 29.85 -18.77 40.37
N GLU L 52 30.17 -17.66 39.71
CA GLU L 52 30.46 -16.39 40.35
C GLU L 52 29.30 -15.41 40.16
N LEU L 53 29.34 -14.35 40.97
CA LEU L 53 28.35 -13.29 40.86
C LEU L 53 28.31 -12.67 39.46
N LYS L 54 29.45 -12.63 38.76
CA LYS L 54 29.47 -12.04 37.42
C LYS L 54 28.46 -12.72 36.51
N HIS L 55 28.28 -14.03 36.67
CA HIS L 55 27.37 -14.76 35.81
C HIS L 55 25.92 -14.33 35.95
N LEU L 56 25.58 -13.49 36.93
CA LEU L 56 24.23 -12.92 37.02
C LEU L 56 23.85 -12.05 35.82
N GLN L 57 24.84 -11.60 35.02
CA GLN L 57 24.48 -11.03 33.72
C GLN L 57 23.50 -11.95 32.99
N CYS L 58 23.80 -13.25 32.97
CA CYS L 58 22.97 -14.23 32.28
C CYS L 58 21.53 -14.26 32.80
N LEU L 59 21.33 -13.86 34.06
CA LEU L 59 19.97 -13.74 34.58
C LEU L 59 19.29 -12.50 34.02
N GLU L 60 20.00 -11.37 34.02
CA GLU L 60 19.38 -10.11 33.59
C GLU L 60 18.80 -10.24 32.18
N GLU L 61 19.56 -10.85 31.26
CA GLU L 61 19.13 -10.96 29.87
C GLU L 61 17.88 -11.81 29.67
N GLU L 62 17.43 -12.55 30.69
CA GLU L 62 16.17 -13.27 30.59
C GLU L 62 15.08 -12.67 31.48
N LEU L 63 15.21 -11.40 31.88
CA LEU L 63 14.17 -10.80 32.70
C LEU L 63 12.93 -10.42 31.90
N LYS L 64 13.09 -10.01 30.65
CA LYS L 64 11.92 -9.75 29.82
C LYS L 64 11.07 -11.01 29.67
N PRO L 65 11.61 -12.16 29.25
CA PRO L 65 10.77 -13.38 29.22
C PRO L 65 10.23 -13.79 30.57
N LEU L 66 10.97 -13.54 31.66
CA LEU L 66 10.48 -13.90 32.98
C LEU L 66 9.24 -13.07 33.35
N GLU L 67 9.29 -11.75 33.14
CA GLU L 67 8.17 -10.88 33.49
C GLU L 67 6.89 -11.35 32.83
N GLU L 68 6.97 -11.73 31.56
CA GLU L 68 5.82 -12.25 30.84
C GLU L 68 5.23 -13.46 31.56
N VAL L 69 6.08 -14.41 31.92
CA VAL L 69 5.60 -15.59 32.64
C VAL L 69 4.89 -15.19 33.94
N LEU L 70 5.37 -14.13 34.60
CA LEU L 70 4.76 -13.72 35.85
C LEU L 70 3.33 -13.22 35.64
N ASN L 71 3.04 -12.59 34.50
CA ASN L 71 1.64 -12.26 34.25
C ASN L 71 0.78 -13.52 34.28
N LEU L 72 1.24 -14.59 33.64
CA LEU L 72 0.48 -15.83 33.63
C LEU L 72 0.37 -16.47 35.01
N ALA L 73 1.24 -16.11 35.96
CA ALA L 73 1.27 -16.86 37.21
C ALA L 73 0.22 -16.40 38.22
N GLN L 74 -0.25 -15.15 38.13
CA GLN L 74 -1.30 -14.66 39.02
C GLN L 74 -2.57 -15.51 38.88
N SER L 75 -3.23 -15.76 40.00
CA SER L 75 -4.49 -16.49 39.99
C SER L 75 -5.37 -15.95 41.13
N LYS L 76 -6.44 -16.70 41.43
CA LYS L 76 -7.29 -16.37 42.57
C LYS L 76 -6.55 -16.58 43.89
N ASN L 77 -5.57 -17.48 43.91
CA ASN L 77 -4.88 -17.85 45.14
C ASN L 77 -3.42 -17.44 45.19
N PHE L 78 -2.79 -17.16 44.06
CA PHE L 78 -1.40 -16.70 44.03
C PHE L 78 -1.37 -15.29 43.49
N HIS L 79 -1.00 -14.36 44.34
CA HIS L 79 -1.01 -12.95 43.98
C HIS L 79 0.42 -12.44 43.89
N LEU L 80 0.67 -11.55 42.93
CA LEU L 80 2.01 -11.10 42.66
C LEU L 80 1.96 -9.72 42.06
N ARG L 81 3.12 -9.10 41.95
CA ARG L 81 3.28 -7.80 41.30
C ARG L 81 4.42 -7.95 40.31
N PRO L 82 4.14 -8.42 39.09
CA PRO L 82 5.22 -8.70 38.15
C PRO L 82 6.21 -7.56 37.95
N ARG L 83 5.72 -6.33 37.76
CA ARG L 83 6.60 -5.22 37.42
C ARG L 83 7.50 -4.84 38.59
N ASP L 84 6.93 -4.66 39.78
CA ASP L 84 7.74 -4.41 40.97
C ASP L 84 8.77 -5.51 41.20
N LEU L 85 8.33 -6.77 41.11
CA LEU L 85 9.20 -7.89 41.41
C LEU L 85 10.38 -7.95 40.45
N ILE L 86 10.10 -7.83 39.15
CA ILE L 86 11.16 -7.79 38.13
C ILE L 86 12.10 -6.63 38.38
N SER L 87 11.56 -5.48 38.81
CA SER L 87 12.41 -4.31 39.04
C SER L 87 13.36 -4.55 40.21
N ASN L 88 12.85 -5.11 41.32
CA ASN L 88 13.71 -5.45 42.44
C ASN L 88 14.80 -6.42 42.01
N ILE L 89 14.45 -7.42 41.21
CA ILE L 89 15.43 -8.42 40.78
C ILE L 89 16.53 -7.76 39.94
N ASN L 90 16.11 -6.93 38.97
CA ASN L 90 17.06 -6.19 38.14
C ASN L 90 18.00 -5.34 38.99
N VAL L 91 17.45 -4.67 40.02
CA VAL L 91 18.26 -3.85 40.91
C VAL L 91 19.35 -4.70 41.56
N ILE L 92 18.93 -5.75 42.27
CA ILE L 92 19.88 -6.58 42.99
C ILE L 92 20.95 -7.14 42.06
N VAL L 93 20.54 -7.64 40.89
CA VAL L 93 21.53 -8.20 39.96
C VAL L 93 22.50 -7.12 39.51
N LEU L 94 22.00 -6.00 39.00
CA LEU L 94 22.85 -4.92 38.52
C LEU L 94 23.86 -4.50 39.57
N GLU L 95 23.47 -4.50 40.84
CA GLU L 95 24.42 -4.19 41.91
C GLU L 95 25.44 -5.30 42.10
N LEU L 96 24.98 -6.51 42.47
CA LEU L 96 25.87 -7.64 42.72
C LEU L 96 26.68 -8.08 41.50
N LYS L 97 26.45 -7.48 40.34
CA LYS L 97 27.05 -7.98 39.11
C LYS L 97 28.49 -7.55 38.94
N CYS L 105 28.45 -13.34 28.28
CA CYS L 105 27.63 -14.42 28.83
C CYS L 105 27.16 -15.39 27.73
N GLU L 106 27.51 -16.67 27.90
CA GLU L 106 27.31 -17.70 26.89
C GLU L 106 26.36 -18.77 27.41
N TYR L 107 25.40 -19.16 26.57
CA TYR L 107 24.33 -20.05 26.96
C TYR L 107 24.59 -21.47 26.44
N ALA L 108 23.77 -22.39 26.91
CA ALA L 108 23.77 -23.74 26.38
C ALA L 108 22.79 -23.84 25.20
N ASP L 109 22.90 -24.94 24.46
CA ASP L 109 21.92 -25.21 23.42
C ASP L 109 20.57 -25.58 24.00
N GLU L 110 20.54 -26.03 25.26
CA GLU L 110 19.33 -26.54 25.88
C GLU L 110 18.43 -25.41 26.35
N THR L 111 17.15 -25.50 26.03
CA THR L 111 16.18 -24.54 26.55
C THR L 111 15.63 -25.06 27.86
N ALA L 112 15.18 -24.14 28.71
CA ALA L 112 14.64 -24.50 30.01
C ALA L 112 13.22 -23.98 30.19
N THR L 113 12.43 -24.76 30.91
CA THR L 113 11.15 -24.29 31.36
C THR L 113 11.34 -23.28 32.49
N ILE L 114 10.27 -22.54 32.79
CA ILE L 114 10.29 -21.62 33.93
C ILE L 114 10.68 -22.35 35.21
N VAL L 115 10.19 -23.58 35.37
CA VAL L 115 10.50 -24.34 36.58
C VAL L 115 12.00 -24.62 36.67
N GLU L 116 12.58 -25.18 35.61
CA GLU L 116 14.00 -25.44 35.59
C GLU L 116 14.83 -24.16 35.72
N PHE L 117 14.41 -23.10 35.01
CA PHE L 117 15.09 -21.81 35.08
C PHE L 117 15.17 -21.33 36.54
N LEU L 118 14.02 -21.33 37.21
CA LEU L 118 13.97 -20.88 38.59
C LEU L 118 14.81 -21.76 39.49
N ASN L 119 14.71 -23.09 39.33
CA ASN L 119 15.47 -23.99 40.19
C ASN L 119 16.96 -23.80 40.01
N ARG L 120 17.41 -23.65 38.77
CA ARG L 120 18.82 -23.42 38.48
C ARG L 120 19.32 -22.16 39.19
N TRP L 121 18.55 -21.07 39.08
CA TRP L 121 19.04 -19.83 39.68
C TRP L 121 18.92 -19.85 41.20
N ILE L 122 17.93 -20.59 41.74
CA ILE L 122 17.82 -20.73 43.19
C ILE L 122 19.02 -21.47 43.75
N THR L 123 19.45 -22.53 43.05
CA THR L 123 20.60 -23.31 43.49
C THR L 123 21.89 -22.50 43.38
N PHE L 124 22.04 -21.72 42.31
CA PHE L 124 23.16 -20.79 42.21
C PHE L 124 23.24 -19.88 43.43
N CYS L 125 22.11 -19.25 43.77
CA CYS L 125 22.06 -18.39 44.96
C CYS L 125 22.45 -19.15 46.22
N GLN L 126 21.92 -20.36 46.39
CA GLN L 126 22.17 -21.10 47.62
C GLN L 126 23.64 -21.42 47.77
N SER L 127 24.32 -21.74 46.66
CA SER L 127 25.76 -22.00 46.70
C SER L 127 26.52 -20.75 47.14
N ILE L 128 26.28 -19.62 46.46
CA ILE L 128 26.97 -18.40 46.88
C ILE L 128 26.67 -18.06 48.33
N ILE L 129 25.45 -18.34 48.80
CA ILE L 129 25.08 -17.95 50.15
C ILE L 129 25.75 -18.85 51.18
N SER L 130 25.89 -20.14 50.87
CA SER L 130 26.66 -21.04 51.73
C SER L 130 28.10 -20.59 51.84
N THR L 131 28.66 -20.05 50.76
CA THR L 131 29.99 -19.45 50.85
C THR L 131 30.04 -18.34 51.89
N LEU L 132 29.06 -17.43 51.86
CA LEU L 132 29.06 -16.27 52.74
C LEU L 132 28.62 -16.57 54.16
N THR L 133 28.42 -17.84 54.50
CA THR L 133 28.23 -18.24 55.89
C THR L 133 29.36 -19.19 56.29
#